data_7E21
#
_entry.id   7E21
#
_cell.length_a   1.00
_cell.length_b   1.00
_cell.length_c   1.00
_cell.angle_alpha   90.00
_cell.angle_beta   90.00
_cell.angle_gamma   90.00
#
_symmetry.space_group_name_H-M   'P 1'
#
loop_
_entity.id
_entity.type
_entity.pdbx_description
1 polymer 'Sodium/potassium-transporting ATPase subunit alpha-1'
2 polymer 'Sodium/potassium-transporting ATPase subunit beta-1'
3 polymer 'Sodium/potassium-transporting ATPase subunit gamma'
4 branched 2-acetamido-2-deoxy-beta-D-glucopyranose-(1-4)-2-acetamido-2-deoxy-beta-D-glucopyranose
5 non-polymer 'SODIUM ION'
6 non-polymer 'MAGNESIUM ION'
7 non-polymer 'PHOSPHOTHIOPHOSPHORIC ACID-ADENYLATE ESTER'
8 non-polymer 'CHOLESTEROL HEMISUCCINATE'
9 non-polymer 1,2-DIACYL-SN-GLYCERO-3-PHOSPHOCHOLINE
10 non-polymer 2-acetamido-2-deoxy-beta-D-glucopyranose
11 water water
#
loop_
_entity_poly.entity_id
_entity_poly.type
_entity_poly.pdbx_seq_one_letter_code
_entity_poly.pdbx_strand_id
1 'polypeptide(L)'
;MGKGVGRDKYEPAAVSEQGDKKGKKGKKDRDMDELKKEVSMDDHKLSLDELHRKYGTDLSRGLTSARAAEILARDGPNAL
TPPPTTPEWIKFCRQLFGGFSMLLWIGAILCFLAYSIQAATEEEPQNDNLYLGVVLSAVVIITGCFSYYQEAKSSKIMES
FKNMVPQQALVIRNGEKMSINAEEVVVGDLVEVKGGDRIPADLRIISANGCKVDNSSLTGESEPQTRSPDFTNENPLETR
NIAFFSTNCVEGTARGIVVYTGDRTVMGRIATLASGLEGGQTPIAAEIEHFIHIITGVAVFLGVSFFILSLILEYTWLEA
VIFLIGIIVANVPEGLLATVTVCLTLTAKRMARKNCLVKNLEAVETLGSTSTICSDKTGTLTQNRMTVAHMWFDNQIHEA
DTTENQSGVSFDKTSATWLALSRIAGLCNRAVFQANQENLPILKRAVAGDASESALLKCIELCCGSVKEMRERYAKIVEI
PFNSTNKYQLSIHKNPNTSEPQHLLVMKGAPERILDRCSSILLHGKEQPLDEELKDAFQNAYLELGGLGERVLGFCHLFL
PDEQFPEGFQFDTDDVNFPIDNLCFVGLISMIDPPRAAVPDAVGKCRSAGIKVIMVTGDHPITAKAIAKGVGIISEGNET
VEDIAARLNIPVSQVNPRDAKACVVHGSDLKDMTSEQLDDILKYHTEIVFARTSPQQKLIIVEGCQRQGAIVAVTGDGVN
DSPALKKADIGVAMGIAGSDVSKQAADMILLDDNFASIVTGVEEGRLIFDNLKKSIAYTLTSNIPEITPFLIFIIANIPL
PLGTVTILCIDLGTDMVPAISLAYEQAESDIMKRQPRNPKTDKLVNERLISMAYGQIGMIQALGGFFTYFVILAENGFLP
IHLLGLRVDWDDRWINDVEDSYGQQWTYEQRKIVEFTCHTAFFVSIVVVQWADLVICKTRRNSVFQQGMKNKILIFGLFE
ETALAAFLSYCPGMGVALRMYPLKPTWWFCAFPYSLLIFVYDEVRKLIIRRRPGGWVEKETYY
;
A
2 'polypeptide(L)'
;MARGKAKEEGSWKKFIWNSEKKEFLGRTGGSWFKILLFYVIFYGCLAGIFIGTIQVMLLTISEFKPTYQDRVAPPGLTQI
PQIQKTEISFRPNDPKSYEAYVLNIVRFLEKYKDSAQRDDMIFEDCGDVPSEPKERGDFNHERGERKVCRFKLEWLGNCS
GLNDETYGYKEGKPCIIIKLNRVLGFKPKPPKNESLETYPVMKYNPNVLPVQCTGKRDEDKDKVGNVEYFGLGNSPGFPL
QYYPYYGKLLQPKYLQPLLAVQFTNLTMDTEIRIECKAYGENIGYSEKDRFQGRFDVKIEVKS
;
B
3 'polypeptide(L)' MTGLSMDGGGSPKGDVDPFYYDYETVRNGGLIFAGLAFIVGLLILLSRRFRCGGNKKRRQINEDEP C
#
loop_
_chem_comp.id
_chem_comp.type
_chem_comp.name
_chem_comp.formula
AGS non-polymer 'PHOSPHOTHIOPHOSPHORIC ACID-ADENYLATE ESTER' 'C10 H16 N5 O12 P3 S'
MG non-polymer 'MAGNESIUM ION' 'Mg 2'
NA non-polymer 'SODIUM ION' 'Na 1'
NAG D-saccharide, beta linking 2-acetamido-2-deoxy-beta-D-glucopyranose 'C8 H15 N O6'
PC1 non-polymer 1,2-DIACYL-SN-GLYCERO-3-PHOSPHOCHOLINE 'C44 H88 N O8 P'
Y01 non-polymer 'CHOLESTEROL HEMISUCCINATE' 'C31 H50 O4'
#
# COMPACT_ATOMS: atom_id res chain seq x y z
N SER A 40 -41.47 -10.69 27.19
CA SER A 40 -42.46 -10.38 28.20
C SER A 40 -43.63 -9.63 27.57
N MET A 41 -44.70 -9.48 28.33
CA MET A 41 -45.89 -8.80 27.83
C MET A 41 -45.63 -7.31 27.71
N ASP A 42 -45.88 -6.77 26.53
CA ASP A 42 -45.73 -5.35 26.28
C ASP A 42 -47.07 -4.65 26.44
N ASP A 43 -47.02 -3.37 26.82
CA ASP A 43 -48.21 -2.61 27.18
C ASP A 43 -49.00 -2.13 25.96
N HIS A 44 -49.44 -3.11 25.17
CA HIS A 44 -50.35 -2.87 24.06
C HIS A 44 -51.79 -3.17 24.42
N LYS A 45 -51.99 -4.09 25.38
CA LYS A 45 -53.36 -4.44 25.79
C LYS A 45 -53.97 -3.33 26.63
N LEU A 46 -53.17 -2.59 27.38
CA LEU A 46 -53.69 -1.49 28.18
C LEU A 46 -53.83 -0.25 27.32
N SER A 47 -54.93 0.47 27.52
CA SER A 47 -55.28 1.64 26.74
C SER A 47 -54.59 2.89 27.26
N LEU A 48 -55.05 4.06 26.81
CA LEU A 48 -54.33 5.32 27.01
C LEU A 48 -54.44 5.81 28.45
N ASP A 49 -55.47 5.41 29.20
CA ASP A 49 -55.58 5.79 30.60
C ASP A 49 -54.50 5.09 31.43
N GLU A 50 -54.27 3.80 31.16
CA GLU A 50 -53.15 3.12 31.80
C GLU A 50 -51.80 3.58 31.25
N LEU A 51 -51.79 4.28 30.11
CA LEU A 51 -50.56 4.88 29.64
C LEU A 51 -50.29 6.20 30.34
N HIS A 52 -51.33 6.90 30.80
CA HIS A 52 -51.12 7.89 31.86
C HIS A 52 -50.54 7.22 33.09
N ARG A 53 -51.21 6.18 33.57
CA ARG A 53 -50.77 5.49 34.78
C ARG A 53 -49.84 4.31 34.47
N LYS A 54 -48.85 4.55 33.61
CA LYS A 54 -47.66 3.71 33.56
C LYS A 54 -46.37 4.48 33.37
N TYR A 55 -46.42 5.75 32.96
CA TYR A 55 -45.23 6.54 32.72
C TYR A 55 -45.44 7.93 33.30
N GLY A 56 -44.44 8.80 33.10
CA GLY A 56 -44.36 10.05 33.83
C GLY A 56 -45.31 11.16 33.45
N THR A 57 -46.60 10.83 33.31
CA THR A 57 -47.73 11.75 33.18
C THR A 57 -47.58 12.72 32.01
N ASP A 58 -47.53 12.19 30.80
CA ASP A 58 -47.37 13.01 29.60
C ASP A 58 -47.95 12.27 28.41
N LEU A 59 -48.88 12.93 27.73
CA LEU A 59 -49.45 12.44 26.49
C LEU A 59 -49.67 13.58 25.51
N SER A 60 -49.07 14.72 25.82
CA SER A 60 -49.17 15.94 25.05
C SER A 60 -48.00 16.83 25.45
N ARG A 61 -47.81 17.91 24.68
CA ARG A 61 -46.93 19.07 24.94
C ARG A 61 -45.48 18.75 25.35
N GLY A 62 -45.00 17.54 25.11
CA GLY A 62 -43.66 17.17 25.53
C GLY A 62 -43.66 16.58 26.93
N LEU A 63 -42.50 16.02 27.31
CA LEU A 63 -42.40 15.33 28.59
C LEU A 63 -41.87 16.32 29.62
N THR A 64 -40.58 16.68 29.59
CA THR A 64 -39.88 17.76 30.31
C THR A 64 -38.44 17.73 29.81
N SER A 65 -37.80 18.87 29.62
CA SER A 65 -36.39 18.87 29.25
C SER A 65 -35.54 18.52 30.46
N ALA A 66 -36.06 18.80 31.65
CA ALA A 66 -35.32 18.51 32.88
C ALA A 66 -35.42 17.03 33.23
N ARG A 67 -36.55 16.40 32.92
CA ARG A 67 -36.74 14.98 33.23
C ARG A 67 -36.00 14.10 32.23
N ALA A 68 -35.61 14.67 31.09
CA ALA A 68 -34.75 14.00 30.12
C ALA A 68 -33.41 13.65 30.76
N ALA A 69 -32.82 14.59 31.49
CA ALA A 69 -31.59 14.31 32.23
C ALA A 69 -31.86 13.34 33.38
N GLU A 70 -33.06 13.36 33.95
CA GLU A 70 -33.40 12.44 35.04
C GLU A 70 -33.42 10.99 34.56
N ILE A 71 -34.08 10.74 33.43
CA ILE A 71 -34.15 9.36 32.95
C ILE A 71 -32.84 8.97 32.26
N LEU A 72 -32.09 9.93 31.71
CA LEU A 72 -30.76 9.61 31.20
C LEU A 72 -29.77 9.34 32.33
N ALA A 73 -30.05 9.82 33.54
CA ALA A 73 -29.27 9.43 34.70
C ALA A 73 -29.75 8.10 35.27
N ARG A 74 -31.05 7.82 35.23
CA ARG A 74 -31.59 6.60 35.83
C ARG A 74 -31.18 5.36 35.04
N ASP A 75 -31.44 5.35 33.75
CA ASP A 75 -31.03 4.27 32.88
C ASP A 75 -29.86 4.76 32.01
N GLY A 76 -29.42 3.93 31.08
CA GLY A 76 -28.31 4.28 30.23
C GLY A 76 -28.76 4.97 28.95
N PRO A 77 -27.81 5.28 28.07
CA PRO A 77 -28.18 5.73 26.72
C PRO A 77 -28.76 4.59 25.89
N ASN A 78 -29.39 4.98 24.79
CA ASN A 78 -30.06 4.04 23.90
C ASN A 78 -29.05 3.44 22.91
N ALA A 79 -28.11 2.68 23.45
CA ALA A 79 -27.00 2.13 22.69
C ALA A 79 -27.15 0.61 22.56
N LEU A 80 -26.14 -0.02 21.96
CA LEU A 80 -26.18 -1.45 21.66
C LEU A 80 -24.75 -1.92 21.37
N THR A 81 -24.27 -2.92 22.11
CA THR A 81 -23.02 -3.59 21.78
C THR A 81 -23.13 -5.10 22.03
N PRO A 82 -23.39 -5.88 20.99
CA PRO A 82 -23.29 -7.36 21.12
C PRO A 82 -21.88 -7.93 20.96
N PRO A 83 -20.96 -7.37 20.16
CA PRO A 83 -19.58 -7.90 20.21
C PRO A 83 -18.90 -7.55 21.53
N PRO A 84 -18.38 -8.56 22.25
CA PRO A 84 -17.78 -8.28 23.57
C PRO A 84 -16.49 -7.47 23.50
N THR A 85 -15.40 -8.09 23.03
CA THR A 85 -14.12 -7.60 22.48
C THR A 85 -13.29 -8.88 22.28
N THR A 86 -12.31 -8.83 21.37
CA THR A 86 -11.14 -9.69 21.51
C THR A 86 -9.95 -8.84 21.93
N PRO A 87 -9.18 -9.27 22.93
CA PRO A 87 -8.22 -8.35 23.57
C PRO A 87 -7.02 -8.08 22.69
N GLU A 88 -6.19 -7.15 23.15
CA GLU A 88 -5.07 -6.69 22.33
C GLU A 88 -3.89 -7.64 22.37
N TRP A 89 -3.73 -8.40 23.45
CA TRP A 89 -2.56 -9.28 23.56
C TRP A 89 -2.70 -10.49 22.64
N ILE A 90 -3.91 -10.99 22.42
CA ILE A 90 -4.04 -12.13 21.52
C ILE A 90 -3.86 -11.67 20.08
N LYS A 91 -4.24 -10.43 19.76
CA LYS A 91 -3.97 -9.88 18.44
C LYS A 91 -2.49 -9.61 18.25
N PHE A 92 -1.76 -9.30 19.32
CA PHE A 92 -0.32 -9.14 19.22
C PHE A 92 0.38 -10.49 19.04
N CYS A 93 -0.11 -11.52 19.74
CA CYS A 93 0.50 -12.84 19.60
C CYS A 93 0.17 -13.48 18.26
N ARG A 94 -0.94 -13.09 17.64
CA ARG A 94 -1.22 -13.58 16.29
C ARG A 94 -0.21 -13.02 15.29
N GLN A 95 0.30 -11.81 15.53
CA GLN A 95 1.29 -11.22 14.65
C GLN A 95 2.68 -11.73 14.94
N LEU A 96 3.02 -11.92 16.22
CA LEU A 96 4.39 -12.26 16.57
C LEU A 96 4.73 -13.72 16.28
N PHE A 97 3.76 -14.62 16.34
CA PHE A 97 4.01 -16.05 16.14
C PHE A 97 3.27 -16.61 14.94
N GLY A 98 2.86 -15.75 14.02
CA GLY A 98 1.90 -16.14 13.01
C GLY A 98 2.45 -16.89 11.82
N GLY A 99 1.97 -16.55 10.63
CA GLY A 99 2.46 -17.16 9.42
C GLY A 99 3.79 -16.56 9.02
N PHE A 100 4.72 -17.44 8.63
CA PHE A 100 6.06 -17.17 8.10
C PHE A 100 7.02 -16.59 9.12
N SER A 101 6.57 -16.27 10.34
CA SER A 101 7.47 -15.82 11.38
C SER A 101 7.77 -16.93 12.37
N MET A 102 7.11 -18.07 12.25
CA MET A 102 7.46 -19.22 13.07
C MET A 102 8.67 -19.96 12.51
N LEU A 103 9.01 -19.75 11.24
CA LEU A 103 10.21 -20.33 10.68
C LEU A 103 11.46 -19.77 11.36
N LEU A 104 11.49 -18.46 11.59
CA LEU A 104 12.62 -17.88 12.30
C LEU A 104 12.61 -18.23 13.78
N TRP A 105 11.43 -18.50 14.37
CA TRP A 105 11.41 -18.97 15.74
C TRP A 105 11.99 -20.37 15.87
N ILE A 106 11.67 -21.28 14.93
CA ILE A 106 12.28 -22.59 15.05
C ILE A 106 13.75 -22.58 14.61
N GLY A 107 14.15 -21.63 13.77
CA GLY A 107 15.56 -21.48 13.49
C GLY A 107 16.36 -21.02 14.69
N ALA A 108 15.81 -20.06 15.44
CA ALA A 108 16.44 -19.62 16.67
C ALA A 108 16.47 -20.72 17.72
N ILE A 109 15.43 -21.55 17.77
CA ILE A 109 15.41 -22.66 18.71
C ILE A 109 16.50 -23.67 18.36
N LEU A 110 16.69 -23.95 17.07
CA LEU A 110 17.76 -24.86 16.66
C LEU A 110 19.14 -24.29 16.95
N CYS A 111 19.30 -22.97 16.82
CA CYS A 111 20.60 -22.37 17.15
C CYS A 111 20.90 -22.48 18.64
N PHE A 112 19.92 -22.20 19.49
CA PHE A 112 20.12 -22.35 20.94
C PHE A 112 20.32 -23.82 21.33
N LEU A 113 19.71 -24.74 20.60
CA LEU A 113 19.89 -26.16 20.87
C LEU A 113 21.30 -26.63 20.52
N ALA A 114 21.79 -26.22 19.35
CA ALA A 114 23.15 -26.55 18.96
C ALA A 114 24.18 -25.93 19.90
N TYR A 115 23.89 -24.72 20.39
CA TYR A 115 24.79 -24.10 21.35
C TYR A 115 24.78 -24.84 22.68
N SER A 116 23.63 -25.35 23.10
CA SER A 116 23.58 -26.10 24.36
C SER A 116 24.33 -27.43 24.26
N ILE A 117 24.25 -28.10 23.11
CA ILE A 117 24.99 -29.35 22.92
C ILE A 117 26.49 -29.07 22.86
N GLN A 118 26.90 -27.94 22.27
CA GLN A 118 28.33 -27.60 22.27
C GLN A 118 28.80 -27.20 23.66
N ALA A 119 27.99 -26.49 24.42
CA ALA A 119 28.44 -26.01 25.72
C ALA A 119 28.45 -27.12 26.76
N ALA A 120 27.66 -28.16 26.57
CA ALA A 120 27.67 -29.27 27.53
C ALA A 120 28.89 -30.17 27.33
N THR A 121 29.04 -30.70 26.12
CA THR A 121 29.84 -31.93 25.93
C THR A 121 31.23 -31.67 25.37
N GLU A 122 31.73 -30.43 25.35
CA GLU A 122 33.05 -30.17 24.79
C GLU A 122 33.70 -29.01 25.53
N GLU A 123 35.02 -28.96 25.45
CA GLU A 123 35.80 -27.83 25.95
C GLU A 123 35.92 -26.81 24.84
N GLU A 124 36.26 -25.56 25.23
CA GLU A 124 36.30 -24.38 24.38
C GLU A 124 34.97 -24.23 23.65
N PRO A 125 33.92 -23.77 24.34
CA PRO A 125 32.55 -23.87 23.76
C PRO A 125 32.32 -23.01 22.53
N GLN A 126 33.00 -21.85 22.40
CA GLN A 126 33.01 -21.02 21.20
C GLN A 126 31.61 -20.56 20.79
N ASN A 127 31.07 -19.66 21.61
CA ASN A 127 29.67 -19.24 21.49
C ASN A 127 29.46 -18.35 20.27
N ASP A 128 29.44 -18.97 19.10
CA ASP A 128 29.02 -18.28 17.89
C ASP A 128 27.68 -18.80 17.37
N ASN A 129 27.10 -19.80 18.01
CA ASN A 129 25.74 -20.23 17.73
C ASN A 129 24.74 -19.61 18.67
N LEU A 130 25.20 -18.79 19.61
CA LEU A 130 24.29 -18.04 20.47
C LEU A 130 23.91 -16.72 19.82
N TYR A 131 24.87 -16.09 19.18
CA TYR A 131 24.62 -14.82 18.52
C TYR A 131 23.72 -14.98 17.32
N LEU A 132 23.80 -16.13 16.64
CA LEU A 132 22.86 -16.42 15.56
C LEU A 132 21.44 -16.55 16.10
N GLY A 133 21.30 -17.14 17.28
CA GLY A 133 19.97 -17.26 17.89
C GLY A 133 19.40 -15.92 18.32
N VAL A 134 20.24 -15.04 18.87
CA VAL A 134 19.70 -13.74 19.24
C VAL A 134 19.44 -12.85 18.02
N VAL A 135 20.13 -13.07 16.90
CA VAL A 135 19.81 -12.34 15.68
C VAL A 135 18.49 -12.81 15.10
N LEU A 136 18.27 -14.12 15.05
CA LEU A 136 17.00 -14.66 14.62
C LEU A 136 15.85 -14.33 15.57
N SER A 137 16.15 -14.03 16.83
CA SER A 137 15.11 -13.55 17.73
C SER A 137 14.77 -12.08 17.45
N ALA A 138 15.79 -11.24 17.29
CA ALA A 138 15.57 -9.81 17.07
C ALA A 138 14.83 -9.54 15.77
N VAL A 139 15.03 -10.37 14.75
CA VAL A 139 14.38 -10.11 13.47
C VAL A 139 12.87 -10.33 13.54
N VAL A 140 12.43 -11.44 14.17
CA VAL A 140 10.98 -11.62 14.33
C VAL A 140 10.38 -10.62 15.29
N ILE A 141 11.12 -10.20 16.32
CA ILE A 141 10.55 -9.21 17.24
C ILE A 141 10.33 -7.88 16.52
N ILE A 142 11.27 -7.48 15.67
CA ILE A 142 11.13 -6.21 14.96
C ILE A 142 10.01 -6.27 13.92
N THR A 143 9.94 -7.35 13.13
CA THR A 143 8.90 -7.42 12.11
C THR A 143 7.52 -7.63 12.72
N GLY A 144 7.42 -8.33 13.85
CA GLY A 144 6.15 -8.46 14.53
C GLY A 144 5.64 -7.17 15.10
N CYS A 145 6.53 -6.37 15.71
CA CYS A 145 6.11 -5.07 16.21
C CYS A 145 5.71 -4.13 15.09
N PHE A 146 6.40 -4.18 13.95
CA PHE A 146 6.06 -3.30 12.83
C PHE A 146 4.71 -3.67 12.23
N SER A 147 4.46 -4.96 12.01
CA SER A 147 3.18 -5.33 11.41
C SER A 147 2.03 -5.13 12.37
N TYR A 148 2.26 -5.29 13.68
CA TYR A 148 1.21 -4.97 14.64
C TYR A 148 0.90 -3.48 14.66
N TYR A 149 1.93 -2.63 14.54
CA TYR A 149 1.70 -1.20 14.53
C TYR A 149 0.91 -0.78 13.30
N GLN A 150 1.20 -1.38 12.14
CA GLN A 150 0.43 -1.06 10.94
C GLN A 150 -1.02 -1.51 11.04
N GLU A 151 -1.25 -2.71 11.57
CA GLU A 151 -2.62 -3.20 11.71
C GLU A 151 -3.42 -2.39 12.72
N ALA A 152 -2.79 -1.95 13.81
CA ALA A 152 -3.48 -1.15 14.80
C ALA A 152 -3.79 0.24 14.25
N LYS A 153 -2.87 0.83 13.49
CA LYS A 153 -3.13 2.13 12.89
C LYS A 153 -4.23 2.07 11.84
N SER A 154 -4.39 0.93 11.16
CA SER A 154 -5.51 0.84 10.23
C SER A 154 -6.83 0.61 10.96
N SER A 155 -6.83 -0.19 12.02
CA SER A 155 -8.07 -0.45 12.75
C SER A 155 -8.55 0.79 13.49
N LYS A 156 -7.64 1.65 13.93
CA LYS A 156 -8.06 2.86 14.62
C LYS A 156 -8.75 3.84 13.69
N ILE A 157 -8.36 3.89 12.42
CA ILE A 157 -9.09 4.69 11.45
C ILE A 157 -10.43 4.04 11.13
N MET A 158 -10.44 2.72 11.00
CA MET A 158 -11.66 2.05 10.56
C MET A 158 -12.76 2.08 11.63
N GLU A 159 -12.41 2.05 12.91
CA GLU A 159 -13.44 2.26 13.93
C GLU A 159 -13.54 3.72 14.37
N SER A 160 -13.57 4.59 13.37
CA SER A 160 -13.77 6.02 13.60
C SER A 160 -14.76 6.62 12.63
N PHE A 161 -15.28 5.84 11.68
CA PHE A 161 -16.30 6.31 10.77
C PHE A 161 -17.69 6.22 11.36
N LYS A 162 -17.80 5.62 12.54
CA LYS A 162 -18.97 5.84 13.37
C LYS A 162 -18.99 7.27 13.87
N ASN A 163 -20.18 7.72 14.29
CA ASN A 163 -20.42 9.05 14.87
C ASN A 163 -20.09 10.17 13.88
N MET A 164 -20.13 9.87 12.59
CA MET A 164 -19.90 10.86 11.54
C MET A 164 -21.19 11.36 10.91
N VAL A 165 -22.10 10.45 10.57
CA VAL A 165 -23.50 10.79 10.36
C VAL A 165 -24.31 10.07 11.42
N PRO A 166 -24.42 10.62 12.62
CA PRO A 166 -25.16 9.94 13.68
C PRO A 166 -26.66 9.99 13.42
N GLN A 167 -27.37 9.08 14.07
CA GLN A 167 -28.80 9.02 13.93
C GLN A 167 -29.45 10.24 14.58
N GLN A 168 -30.65 10.56 14.12
CA GLN A 168 -31.40 11.70 14.64
C GLN A 168 -32.82 11.25 14.90
N ALA A 169 -33.32 11.54 16.09
CA ALA A 169 -34.70 11.19 16.41
C ALA A 169 -35.49 12.45 16.70
N LEU A 170 -36.74 12.47 16.25
CA LEU A 170 -37.62 13.62 16.37
C LEU A 170 -38.50 13.42 17.61
N VAL A 171 -38.17 14.11 18.69
CA VAL A 171 -38.98 14.05 19.90
C VAL A 171 -39.78 15.34 20.04
N ILE A 172 -40.77 15.32 20.91
CA ILE A 172 -41.61 16.49 21.15
C ILE A 172 -41.40 16.97 22.57
N ARG A 173 -40.14 17.17 22.94
CA ARG A 173 -39.80 17.65 24.27
C ARG A 173 -40.66 18.83 24.67
N ASN A 174 -40.67 19.14 25.97
CA ASN A 174 -41.45 20.25 26.49
C ASN A 174 -41.34 21.46 25.57
N GLY A 175 -40.10 21.80 25.21
CA GLY A 175 -39.85 22.92 24.33
C GLY A 175 -40.77 22.83 23.13
N GLU A 176 -40.34 22.05 22.13
CA GLU A 176 -41.13 21.86 20.91
C GLU A 176 -40.36 21.17 19.81
N LYS A 177 -40.86 20.00 19.40
CA LYS A 177 -40.30 19.17 18.34
C LYS A 177 -38.81 19.37 18.01
N MET A 178 -37.93 18.76 18.79
CA MET A 178 -36.50 18.85 18.52
C MET A 178 -35.92 17.52 18.06
N SER A 179 -34.88 17.58 17.25
CA SER A 179 -34.14 16.41 16.83
C SER A 179 -32.95 16.21 17.77
N ILE A 180 -32.70 14.96 18.12
CA ILE A 180 -31.67 14.62 19.10
C ILE A 180 -30.83 13.49 18.55
N ASN A 181 -29.78 13.13 19.30
CA ASN A 181 -28.72 12.25 18.85
C ASN A 181 -29.14 10.79 18.77
N ALA A 182 -30.37 10.48 19.20
CA ALA A 182 -31.11 9.23 19.02
C ALA A 182 -30.57 8.08 19.82
N GLU A 183 -29.45 8.22 20.51
CA GLU A 183 -29.10 7.33 21.60
C GLU A 183 -29.51 7.92 22.94
N GLU A 184 -30.15 9.08 22.93
CA GLU A 184 -30.63 9.78 24.11
C GLU A 184 -32.15 9.83 24.16
N VAL A 185 -32.81 8.83 23.60
CA VAL A 185 -34.25 8.68 23.75
C VAL A 185 -34.52 7.88 25.01
N VAL A 186 -35.52 8.30 25.78
CA VAL A 186 -35.80 7.73 27.08
C VAL A 186 -37.15 7.01 27.01
N VAL A 187 -37.39 6.15 28.01
CA VAL A 187 -38.72 5.57 28.15
C VAL A 187 -39.69 6.66 28.56
N GLY A 188 -40.96 6.48 28.19
CA GLY A 188 -41.93 7.52 28.49
C GLY A 188 -41.80 8.78 27.67
N ASP A 189 -41.05 8.73 26.56
CA ASP A 189 -40.93 9.86 25.66
C ASP A 189 -41.84 9.67 24.46
N LEU A 190 -42.18 10.77 23.80
CA LEU A 190 -43.13 10.77 22.69
C LEU A 190 -42.40 11.23 21.43
N VAL A 191 -42.30 10.35 20.45
CA VAL A 191 -41.63 10.68 19.20
C VAL A 191 -42.65 10.67 18.07
N GLU A 192 -42.25 11.27 16.95
CA GLU A 192 -43.01 11.26 15.72
C GLU A 192 -42.12 10.74 14.61
N VAL A 193 -42.66 9.84 13.79
CA VAL A 193 -41.94 9.24 12.69
C VAL A 193 -42.73 9.47 11.41
N LYS A 194 -42.09 10.08 10.41
CA LYS A 194 -42.70 10.32 9.13
C LYS A 194 -42.30 9.20 8.17
N GLY A 195 -42.59 9.38 6.89
CA GLY A 195 -42.20 8.39 5.90
C GLY A 195 -40.70 8.43 5.66
N GLY A 196 -40.06 7.26 5.73
CA GLY A 196 -38.66 7.13 5.46
C GLY A 196 -37.78 7.11 6.69
N ASP A 197 -38.29 7.55 7.83
CA ASP A 197 -37.49 7.57 9.04
C ASP A 197 -37.37 6.18 9.64
N ARG A 198 -36.27 5.96 10.34
CA ARG A 198 -36.03 4.74 11.09
C ARG A 198 -36.56 4.94 12.51
N ILE A 199 -37.27 3.93 13.01
CA ILE A 199 -37.83 3.96 14.36
C ILE A 199 -36.70 3.93 15.37
N PRO A 200 -36.60 4.90 16.28
CA PRO A 200 -35.41 4.99 17.13
C PRO A 200 -35.39 3.99 18.26
N ALA A 201 -36.56 3.59 18.74
CA ALA A 201 -36.68 2.66 19.85
C ALA A 201 -38.04 2.01 19.77
N ASP A 202 -38.32 1.11 20.70
CA ASP A 202 -39.58 0.38 20.67
C ASP A 202 -40.71 1.30 21.12
N LEU A 203 -41.76 1.39 20.30
CA LEU A 203 -42.77 2.43 20.46
C LEU A 203 -44.09 1.89 20.99
N ARG A 204 -45.11 2.75 20.97
CA ARG A 204 -46.51 2.35 21.10
C ARG A 204 -47.31 3.43 20.40
N ILE A 205 -47.99 3.06 19.31
CA ILE A 205 -48.57 4.03 18.40
C ILE A 205 -49.76 4.73 19.04
N ILE A 206 -49.73 6.07 19.03
CA ILE A 206 -50.78 6.89 19.63
C ILE A 206 -51.70 7.43 18.55
N SER A 207 -51.13 8.10 17.54
CA SER A 207 -51.94 8.74 16.51
C SER A 207 -51.24 8.58 15.17
N ALA A 208 -51.83 7.80 14.26
CA ALA A 208 -51.19 7.44 13.01
C ALA A 208 -51.98 7.98 11.83
N ASN A 209 -51.27 8.55 10.86
CA ASN A 209 -51.80 8.89 9.54
C ASN A 209 -51.09 7.99 8.54
N GLY A 210 -51.60 6.77 8.42
CA GLY A 210 -51.20 5.85 7.37
C GLY A 210 -49.76 5.39 7.38
N CYS A 211 -49.17 5.14 8.56
CA CYS A 211 -47.92 4.40 8.55
C CYS A 211 -48.15 2.97 8.11
N LYS A 212 -47.37 2.56 7.13
CA LYS A 212 -47.14 1.16 6.84
C LYS A 212 -45.66 0.90 7.05
N VAL A 213 -45.34 -0.11 7.83
CA VAL A 213 -43.96 -0.37 8.19
C VAL A 213 -43.50 -1.66 7.52
N ASP A 214 -42.19 -1.85 7.46
CA ASP A 214 -41.59 -3.02 6.82
C ASP A 214 -40.84 -3.79 7.90
N ASN A 215 -41.43 -4.88 8.37
CA ASN A 215 -40.87 -5.65 9.47
C ASN A 215 -39.98 -6.79 8.98
N SER A 216 -39.05 -6.48 8.07
CA SER A 216 -38.08 -7.47 7.63
C SER A 216 -36.94 -7.66 8.62
N SER A 217 -36.90 -6.86 9.69
CA SER A 217 -35.89 -7.04 10.72
C SER A 217 -36.17 -8.26 11.56
N LEU A 218 -37.43 -8.65 11.73
CA LEU A 218 -37.74 -9.74 12.63
C LEU A 218 -38.65 -10.81 12.00
N THR A 219 -39.52 -10.42 11.08
CA THR A 219 -40.34 -11.41 10.38
C THR A 219 -39.61 -11.95 9.16
N GLY A 220 -39.05 -11.06 8.35
CA GLY A 220 -38.49 -11.42 7.05
C GLY A 220 -39.39 -11.05 5.90
N GLU A 221 -40.69 -10.87 6.13
CA GLU A 221 -41.57 -10.42 5.07
C GLU A 221 -41.34 -8.95 4.77
N SER A 222 -41.21 -8.64 3.49
CA SER A 222 -41.00 -7.28 3.01
C SER A 222 -42.30 -6.64 2.51
N GLU A 223 -43.44 -6.95 3.15
CA GLU A 223 -44.70 -6.32 2.77
C GLU A 223 -45.05 -5.21 3.74
N PRO A 224 -45.41 -4.02 3.25
CA PRO A 224 -45.78 -2.93 4.15
C PRO A 224 -47.11 -3.19 4.85
N GLN A 225 -47.06 -3.31 6.18
CA GLN A 225 -48.23 -3.61 6.98
C GLN A 225 -48.62 -2.38 7.78
N THR A 226 -49.93 -2.13 7.87
CA THR A 226 -50.45 -0.89 8.45
C THR A 226 -50.27 -0.87 9.96
N ARG A 227 -50.18 0.35 10.51
CA ARG A 227 -50.09 0.57 11.94
C ARG A 227 -51.15 1.58 12.36
N SER A 228 -51.69 1.41 13.56
CA SER A 228 -52.81 2.20 14.03
C SER A 228 -52.90 2.06 15.55
N PRO A 229 -53.56 2.99 16.24
CA PRO A 229 -53.91 2.76 17.65
C PRO A 229 -55.07 1.78 17.85
N ASP A 230 -55.55 1.12 16.80
CA ASP A 230 -56.52 0.04 16.95
C ASP A 230 -55.81 -1.23 17.41
N PHE A 231 -56.60 -2.21 17.84
CA PHE A 231 -56.12 -3.46 18.39
C PHE A 231 -56.41 -4.60 17.43
N THR A 232 -55.44 -5.50 17.26
CA THR A 232 -55.59 -6.64 16.38
C THR A 232 -55.42 -7.98 17.07
N ASN A 233 -54.32 -8.19 17.80
CA ASN A 233 -54.00 -9.49 18.37
C ASN A 233 -53.54 -9.33 19.81
N GLU A 234 -53.76 -10.37 20.61
CA GLU A 234 -53.36 -10.38 22.01
C GLU A 234 -51.91 -10.80 22.16
N ASN A 235 -51.01 -10.18 21.39
CA ASN A 235 -49.60 -10.51 21.31
C ASN A 235 -48.93 -9.34 20.58
N PRO A 236 -47.89 -8.73 21.14
CA PRO A 236 -47.31 -7.56 20.46
C PRO A 236 -46.31 -7.92 19.37
N LEU A 237 -46.66 -8.84 18.48
CA LEU A 237 -45.80 -9.17 17.34
C LEU A 237 -46.59 -9.21 16.04
N GLU A 238 -47.91 -9.36 16.14
CA GLU A 238 -48.77 -9.50 14.97
C GLU A 238 -50.02 -8.62 15.11
N THR A 239 -49.86 -7.44 15.70
CA THR A 239 -50.95 -6.49 15.89
C THR A 239 -50.76 -5.27 14.97
N ARG A 240 -51.81 -4.45 14.91
CA ARG A 240 -51.74 -3.15 14.25
C ARG A 240 -51.19 -2.07 15.18
N ASN A 241 -50.94 -2.42 16.43
CA ASN A 241 -50.39 -1.58 17.48
C ASN A 241 -48.90 -1.40 17.31
N ILE A 242 -48.20 -1.33 18.44
CA ILE A 242 -46.78 -1.07 18.68
C ILE A 242 -45.80 -1.49 17.58
N ALA A 243 -44.94 -0.55 17.19
CA ALA A 243 -43.85 -0.78 16.26
C ALA A 243 -42.54 -0.96 17.02
N PHE A 244 -41.52 -1.44 16.31
CA PHE A 244 -40.34 -1.98 16.94
C PHE A 244 -39.07 -1.23 16.55
N PHE A 245 -38.01 -1.53 17.31
CA PHE A 245 -36.69 -0.98 17.06
C PHE A 245 -36.15 -1.48 15.73
N SER A 246 -35.42 -0.61 15.04
CA SER A 246 -34.76 -0.89 13.75
C SER A 246 -35.76 -1.32 12.66
N THR A 247 -36.83 -0.54 12.52
CA THR A 247 -37.75 -0.65 11.41
C THR A 247 -37.99 0.74 10.84
N ASN A 248 -38.81 0.83 9.79
CA ASN A 248 -39.05 2.10 9.09
C ASN A 248 -40.53 2.23 8.72
N CYS A 249 -41.14 3.39 8.96
CA CYS A 249 -42.36 3.76 8.27
C CYS A 249 -42.02 4.16 6.84
N VAL A 250 -42.40 3.33 5.87
CA VAL A 250 -42.12 3.65 4.47
C VAL A 250 -43.08 4.68 3.91
N GLU A 251 -44.14 5.02 4.63
CA GLU A 251 -45.09 6.05 4.24
C GLU A 251 -45.85 6.50 5.48
N GLY A 252 -46.57 7.61 5.35
CA GLY A 252 -47.40 8.10 6.42
C GLY A 252 -46.62 8.82 7.51
N THR A 253 -47.34 9.19 8.56
CA THR A 253 -46.75 9.93 9.68
C THR A 253 -47.48 9.58 10.97
N ALA A 254 -46.74 9.09 11.96
CA ALA A 254 -47.38 8.60 13.17
C ALA A 254 -46.62 9.07 14.40
N ARG A 255 -47.38 9.44 15.43
CA ARG A 255 -46.86 9.79 16.74
C ARG A 255 -47.09 8.64 17.71
N GLY A 256 -46.06 8.36 18.52
CA GLY A 256 -46.14 7.25 19.46
C GLY A 256 -45.20 7.43 20.63
N ILE A 257 -45.52 6.77 21.73
CA ILE A 257 -44.80 6.90 22.99
C ILE A 257 -43.74 5.80 23.05
N VAL A 258 -42.66 6.04 23.80
CA VAL A 258 -41.55 5.09 23.88
C VAL A 258 -41.70 4.22 25.12
N VAL A 259 -41.57 2.91 24.95
CA VAL A 259 -41.74 1.96 26.04
C VAL A 259 -40.43 1.27 26.41
N TYR A 260 -39.63 0.84 25.44
CA TYR A 260 -38.38 0.13 25.70
C TYR A 260 -37.22 0.84 25.01
N THR A 261 -36.16 1.12 25.76
CA THR A 261 -34.96 1.72 25.21
C THR A 261 -33.77 0.80 25.41
N GLY A 262 -32.75 0.99 24.57
CA GLY A 262 -31.47 0.33 24.78
C GLY A 262 -31.56 -1.16 24.52
N ASP A 263 -30.83 -1.91 25.35
CA ASP A 263 -30.71 -3.36 25.19
C ASP A 263 -31.82 -4.09 25.96
N ARG A 264 -33.05 -3.66 25.74
CA ARG A 264 -34.21 -4.18 26.46
C ARG A 264 -35.39 -4.47 25.56
N THR A 265 -35.26 -4.32 24.25
CA THR A 265 -36.37 -4.35 23.34
C THR A 265 -36.55 -5.75 22.75
N VAL A 266 -37.52 -5.89 21.85
CA VAL A 266 -37.77 -7.18 21.23
C VAL A 266 -36.66 -7.56 20.26
N MET A 267 -36.16 -6.61 19.46
CA MET A 267 -35.05 -6.86 18.57
C MET A 267 -33.71 -6.56 19.21
N GLY A 268 -33.68 -5.78 20.28
CA GLY A 268 -32.42 -5.48 20.94
C GLY A 268 -31.87 -6.67 21.71
N ARG A 269 -32.76 -7.54 22.20
CA ARG A 269 -32.33 -8.67 23.01
C ARG A 269 -31.79 -9.79 22.13
N ILE A 270 -32.64 -10.36 21.27
CA ILE A 270 -32.26 -11.55 20.51
C ILE A 270 -31.58 -11.16 19.21
N ALA A 271 -30.28 -10.93 19.28
CA ALA A 271 -29.47 -10.63 18.11
C ALA A 271 -28.02 -11.03 18.37
N GLY A 280 -16.05 -8.87 3.82
CA GLY A 280 -15.15 -9.69 4.60
C GLY A 280 -13.80 -9.87 3.94
N GLN A 281 -13.80 -10.11 2.64
CA GLN A 281 -12.57 -10.27 1.87
C GLN A 281 -12.75 -9.49 0.57
N THR A 282 -12.16 -8.30 0.52
CA THR A 282 -12.15 -7.37 -0.60
C THR A 282 -11.56 -8.05 -1.83
N PRO A 283 -12.14 -7.87 -3.02
CA PRO A 283 -11.60 -8.52 -4.22
C PRO A 283 -10.24 -8.05 -4.69
N ILE A 284 -9.65 -7.04 -4.08
CA ILE A 284 -8.28 -6.69 -4.38
C ILE A 284 -7.31 -7.34 -3.40
N ALA A 285 -7.77 -7.74 -2.22
CA ALA A 285 -6.93 -8.48 -1.30
C ALA A 285 -6.84 -9.95 -1.69
N ALA A 286 -7.85 -10.45 -2.38
CA ALA A 286 -7.84 -11.83 -2.85
C ALA A 286 -6.78 -12.05 -3.93
N GLU A 287 -6.57 -11.05 -4.78
CA GLU A 287 -5.54 -11.17 -5.82
C GLU A 287 -4.15 -11.16 -5.22
N ILE A 288 -3.92 -10.30 -4.22
CA ILE A 288 -2.63 -10.25 -3.55
C ILE A 288 -2.35 -11.55 -2.81
N GLU A 289 -3.34 -12.07 -2.09
CA GLU A 289 -3.06 -13.29 -1.35
C GLU A 289 -3.13 -14.54 -2.22
N HIS A 290 -3.56 -14.42 -3.48
CA HIS A 290 -3.34 -15.51 -4.42
C HIS A 290 -1.97 -15.44 -5.05
N PHE A 291 -1.46 -14.23 -5.30
CA PHE A 291 -0.14 -14.07 -5.89
C PHE A 291 0.96 -14.46 -4.90
N ILE A 292 0.71 -14.24 -3.61
CA ILE A 292 1.66 -14.68 -2.57
C ILE A 292 1.78 -16.19 -2.53
N HIS A 293 0.74 -16.92 -2.92
CA HIS A 293 0.82 -18.38 -2.98
C HIS A 293 1.79 -18.86 -4.05
N ILE A 294 1.77 -18.22 -5.22
CA ILE A 294 2.68 -18.63 -6.29
C ILE A 294 4.10 -18.22 -5.97
N ILE A 295 4.30 -17.02 -5.38
CA ILE A 295 5.65 -16.64 -4.98
C ILE A 295 6.17 -17.54 -3.85
N THR A 296 5.27 -18.02 -2.98
CA THR A 296 5.64 -18.98 -1.96
C THR A 296 6.08 -20.31 -2.58
N GLY A 297 5.40 -20.74 -3.64
CA GLY A 297 5.81 -21.96 -4.32
C GLY A 297 7.20 -21.85 -4.94
N VAL A 298 7.46 -20.73 -5.62
CA VAL A 298 8.76 -20.53 -6.25
C VAL A 298 9.86 -20.39 -5.19
N ALA A 299 9.55 -19.75 -4.07
CA ALA A 299 10.54 -19.57 -3.02
C ALA A 299 10.86 -20.87 -2.31
N VAL A 300 9.85 -21.71 -2.06
CA VAL A 300 10.09 -22.99 -1.41
C VAL A 300 10.88 -23.91 -2.32
N PHE A 301 10.61 -23.86 -3.63
CA PHE A 301 11.40 -24.66 -4.57
C PHE A 301 12.86 -24.21 -4.59
N LEU A 302 13.10 -22.90 -4.65
CA LEU A 302 14.47 -22.38 -4.64
C LEU A 302 15.17 -22.68 -3.33
N GLY A 303 14.44 -22.62 -2.22
CA GLY A 303 15.06 -22.88 -0.93
C GLY A 303 15.45 -24.33 -0.75
N VAL A 304 14.59 -25.26 -1.14
CA VAL A 304 14.91 -26.68 -1.03
C VAL A 304 16.03 -27.06 -2.01
N SER A 305 16.01 -26.47 -3.21
CA SER A 305 17.05 -26.76 -4.18
C SER A 305 18.40 -26.18 -3.77
N PHE A 306 18.42 -25.07 -3.05
CA PHE A 306 19.67 -24.54 -2.53
C PHE A 306 20.13 -25.29 -1.29
N PHE A 307 19.19 -25.75 -0.47
CA PHE A 307 19.52 -26.51 0.72
C PHE A 307 20.17 -27.84 0.38
N ILE A 308 19.64 -28.55 -0.62
CA ILE A 308 20.25 -29.83 -0.98
C ILE A 308 21.53 -29.68 -1.79
N LEU A 309 21.92 -28.45 -2.13
CA LEU A 309 23.24 -28.21 -2.71
C LEU A 309 24.24 -27.68 -1.70
N SER A 310 23.76 -27.07 -0.61
CA SER A 310 24.65 -26.64 0.46
C SER A 310 25.29 -27.82 1.15
N LEU A 311 24.54 -28.92 1.30
CA LEU A 311 25.08 -30.09 1.97
C LEU A 311 26.09 -30.83 1.11
N ILE A 312 26.01 -30.67 -0.22
CA ILE A 312 27.00 -31.25 -1.11
C ILE A 312 28.33 -30.52 -0.98
N LEU A 313 28.30 -29.22 -0.70
CA LEU A 313 29.51 -28.46 -0.46
C LEU A 313 29.87 -28.37 1.03
N GLU A 314 29.38 -29.31 1.85
CA GLU A 314 29.83 -29.56 3.22
C GLU A 314 29.60 -28.35 4.15
N TYR A 315 28.33 -28.06 4.40
CA TYR A 315 27.97 -26.91 5.22
C TYR A 315 27.55 -27.18 6.65
N THR A 316 27.76 -28.38 7.21
CA THR A 316 27.61 -28.62 8.66
C THR A 316 26.21 -28.31 9.20
N TRP A 317 25.27 -29.26 9.07
CA TRP A 317 23.83 -29.14 8.92
C TRP A 317 23.11 -27.88 9.43
N LEU A 318 23.57 -27.26 10.51
CA LEU A 318 22.86 -26.08 11.03
C LEU A 318 22.91 -24.91 10.06
N GLU A 319 24.05 -24.71 9.40
CA GLU A 319 24.17 -23.61 8.45
C GLU A 319 23.29 -23.80 7.23
N ALA A 320 23.10 -25.06 6.80
CA ALA A 320 22.21 -25.35 5.68
C ALA A 320 20.76 -25.04 6.02
N VAL A 321 20.35 -25.34 7.26
CA VAL A 321 18.97 -25.10 7.67
C VAL A 321 18.71 -23.61 7.81
N ILE A 322 19.65 -22.87 8.40
CA ILE A 322 19.50 -21.43 8.52
C ILE A 322 19.53 -20.76 7.15
N PHE A 323 20.29 -21.31 6.20
CA PHE A 323 20.31 -20.77 4.85
C PHE A 323 18.98 -21.01 4.13
N LEU A 324 18.40 -22.20 4.30
CA LEU A 324 17.07 -22.53 3.79
C LEU A 324 16.01 -21.55 4.32
N ILE A 325 16.02 -21.35 5.64
CA ILE A 325 15.04 -20.47 6.27
C ILE A 325 15.22 -19.03 5.80
N GLY A 326 16.47 -18.58 5.66
CA GLY A 326 16.71 -17.22 5.20
C GLY A 326 16.29 -16.99 3.76
N ILE A 327 16.49 -17.98 2.89
CA ILE A 327 16.07 -17.84 1.50
C ILE A 327 14.56 -17.79 1.40
N ILE A 328 13.86 -18.71 2.06
CA ILE A 328 12.41 -18.76 1.95
C ILE A 328 11.76 -17.54 2.62
N VAL A 329 12.37 -17.01 3.68
CA VAL A 329 11.81 -15.82 4.31
C VAL A 329 12.07 -14.58 3.46
N ALA A 330 13.26 -14.47 2.87
CA ALA A 330 13.57 -13.28 2.09
C ALA A 330 12.87 -13.24 0.73
N ASN A 331 12.50 -14.39 0.18
CA ASN A 331 11.87 -14.42 -1.14
C ASN A 331 10.36 -14.29 -1.19
N VAL A 332 9.70 -14.28 -0.04
CA VAL A 332 8.25 -14.19 0.02
C VAL A 332 7.88 -12.81 0.54
N PRO A 333 7.02 -12.06 -0.16
CA PRO A 333 6.63 -10.73 0.31
C PRO A 333 5.36 -10.75 1.17
N GLU A 334 5.50 -11.21 2.42
CA GLU A 334 4.38 -11.29 3.33
C GLU A 334 3.85 -9.92 3.74
N GLY A 335 4.76 -8.96 3.86
CA GLY A 335 4.42 -7.59 4.25
C GLY A 335 3.68 -6.79 3.20
N LEU A 336 3.44 -7.40 2.05
CA LEU A 336 2.60 -6.86 1.00
C LEU A 336 1.13 -7.10 1.29
N LEU A 337 0.81 -7.83 2.36
CA LEU A 337 -0.58 -8.04 2.74
C LEU A 337 -1.13 -6.94 3.63
N ALA A 338 -0.30 -6.39 4.51
CA ALA A 338 -0.74 -5.26 5.31
C ALA A 338 -0.81 -3.98 4.51
N THR A 339 0.02 -3.86 3.46
CA THR A 339 0.04 -2.67 2.60
C THR A 339 -1.31 -2.39 1.99
N VAL A 340 -2.01 -3.44 1.54
CA VAL A 340 -3.37 -3.31 1.02
C VAL A 340 -4.29 -2.70 2.06
N THR A 341 -4.19 -3.18 3.31
CA THR A 341 -5.02 -2.63 4.38
C THR A 341 -4.60 -1.22 4.72
N VAL A 342 -3.34 -0.87 4.52
CA VAL A 342 -2.93 0.51 4.71
C VAL A 342 -3.39 1.34 3.52
N CYS A 343 -3.45 0.74 2.33
CA CYS A 343 -3.77 1.53 1.15
C CYS A 343 -5.26 1.79 1.05
N LEU A 344 -6.08 0.79 1.41
CA LEU A 344 -7.52 0.94 1.36
C LEU A 344 -8.02 1.91 2.42
N THR A 345 -7.67 1.66 3.69
CA THR A 345 -8.20 2.39 4.83
C THR A 345 -7.88 3.87 4.76
N LEU A 346 -6.61 4.20 4.51
CA LEU A 346 -6.17 5.57 4.34
C LEU A 346 -6.91 6.26 3.21
N THR A 347 -7.22 5.53 2.14
CA THR A 347 -7.98 6.10 1.03
C THR A 347 -9.36 6.54 1.47
N ALA A 348 -9.99 5.73 2.33
CA ALA A 348 -11.28 6.12 2.89
C ALA A 348 -11.15 7.35 3.76
N LYS A 349 -10.02 7.49 4.47
CA LYS A 349 -9.80 8.67 5.28
C LYS A 349 -9.57 9.90 4.42
N ARG A 350 -9.11 9.71 3.17
CA ARG A 350 -9.02 10.85 2.27
C ARG A 350 -10.35 11.17 1.65
N MET A 351 -11.27 10.21 1.61
CA MET A 351 -12.54 10.44 0.93
C MET A 351 -13.51 11.18 1.83
N ALA A 352 -13.53 10.84 3.13
CA ALA A 352 -14.47 11.47 4.04
C ALA A 352 -14.14 12.92 4.33
N ARG A 353 -12.92 13.37 4.06
CA ARG A 353 -12.59 14.78 4.12
C ARG A 353 -12.95 15.51 2.83
N LYS A 354 -13.36 14.78 1.80
CA LYS A 354 -13.89 15.36 0.59
C LYS A 354 -15.38 15.09 0.44
N ASN A 355 -16.06 14.90 1.58
CA ASN A 355 -17.51 14.77 1.69
C ASN A 355 -18.05 13.58 0.91
N CYS A 356 -17.42 12.43 1.11
CA CYS A 356 -17.74 11.22 0.36
C CYS A 356 -17.45 10.04 1.28
N LEU A 357 -18.46 9.57 1.99
CA LEU A 357 -18.27 8.68 3.13
C LEU A 357 -18.68 7.26 2.76
N VAL A 358 -17.71 6.36 2.68
CA VAL A 358 -18.03 4.99 2.32
C VAL A 358 -18.47 4.22 3.56
N LYS A 359 -19.22 3.15 3.34
CA LYS A 359 -19.76 2.37 4.45
C LYS A 359 -19.08 1.02 4.63
N ASN A 360 -18.46 0.47 3.59
CA ASN A 360 -17.62 -0.70 3.73
C ASN A 360 -16.40 -0.51 2.84
N LEU A 361 -15.35 -1.26 3.13
CA LEU A 361 -14.11 -1.10 2.38
C LEU A 361 -14.17 -1.69 0.99
N GLU A 362 -15.19 -2.47 0.68
CA GLU A 362 -15.34 -3.00 -0.67
C GLU A 362 -15.83 -1.94 -1.64
N ALA A 363 -16.51 -0.90 -1.14
CA ALA A 363 -16.99 0.17 -2.00
C ALA A 363 -15.87 1.06 -2.51
N VAL A 364 -14.76 1.10 -1.77
CA VAL A 364 -13.64 1.97 -2.13
C VAL A 364 -12.99 1.50 -3.43
N GLU A 365 -12.75 0.19 -3.54
CA GLU A 365 -12.08 -0.30 -4.73
C GLU A 365 -13.03 -0.53 -5.90
N THR A 366 -14.33 -0.49 -5.68
CA THR A 366 -15.25 -0.51 -6.81
C THR A 366 -15.67 0.88 -7.24
N LEU A 367 -15.37 1.91 -6.45
CA LEU A 367 -15.62 3.26 -6.90
C LEU A 367 -14.64 3.67 -8.00
N GLY A 368 -13.42 3.13 -7.98
CA GLY A 368 -12.42 3.54 -8.94
C GLY A 368 -12.60 3.02 -10.34
N SER A 369 -13.47 2.03 -10.55
CA SER A 369 -13.68 1.45 -11.86
C SER A 369 -15.06 1.78 -12.42
N THR A 370 -15.63 2.91 -12.00
CA THR A 370 -16.95 3.33 -12.46
C THR A 370 -16.91 3.70 -13.94
N SER A 371 -17.97 3.33 -14.66
CA SER A 371 -18.09 3.66 -16.07
C SER A 371 -19.29 4.51 -16.40
N THR A 372 -20.31 4.55 -15.54
CA THR A 372 -21.51 5.32 -15.82
C THR A 372 -22.01 5.92 -14.51
N ILE A 373 -22.38 7.19 -14.52
CA ILE A 373 -22.99 7.83 -13.37
C ILE A 373 -24.40 8.27 -13.77
N CYS A 374 -25.41 7.71 -13.12
CA CYS A 374 -26.79 8.06 -13.36
C CYS A 374 -27.26 8.92 -12.20
N SER A 375 -27.32 10.23 -12.41
CA SER A 375 -27.56 11.17 -11.32
C SER A 375 -28.85 11.96 -11.56
N ASP A 376 -29.53 12.27 -10.46
CA ASP A 376 -30.66 13.17 -10.50
C ASP A 376 -30.18 14.62 -10.57
N LYS A 377 -31.11 15.54 -10.82
CA LYS A 377 -30.76 16.92 -11.10
C LYS A 377 -30.94 17.84 -9.90
N THR A 378 -32.16 17.91 -9.36
CA THR A 378 -32.46 18.88 -8.31
C THR A 378 -31.84 18.44 -7.00
N GLY A 379 -30.92 19.24 -6.49
CA GLY A 379 -30.20 18.93 -5.28
C GLY A 379 -28.81 18.39 -5.51
N THR A 380 -28.60 17.68 -6.62
CA THR A 380 -27.30 17.13 -6.95
C THR A 380 -26.54 17.98 -7.95
N LEU A 381 -27.13 18.25 -9.10
CA LEU A 381 -26.52 19.12 -10.09
C LEU A 381 -26.82 20.58 -9.84
N THR A 382 -27.94 20.90 -9.21
CA THR A 382 -28.31 22.28 -8.93
C THR A 382 -28.34 22.54 -7.43
N GLN A 383 -28.35 23.82 -7.07
CA GLN A 383 -28.20 24.23 -5.68
C GLN A 383 -29.45 24.01 -4.84
N ASN A 384 -30.61 23.81 -5.48
CA ASN A 384 -31.91 23.64 -4.83
C ASN A 384 -32.27 24.80 -3.92
N ARG A 385 -32.21 26.01 -4.49
CA ARG A 385 -32.69 27.22 -3.83
C ARG A 385 -33.39 28.04 -4.90
N MET A 386 -34.69 27.81 -5.05
CA MET A 386 -35.44 28.42 -6.14
C MET A 386 -35.82 29.85 -5.81
N THR A 387 -35.75 30.71 -6.83
CA THR A 387 -36.32 32.05 -6.79
C THR A 387 -37.28 32.19 -7.98
N VAL A 388 -38.28 33.04 -7.79
CA VAL A 388 -39.33 33.25 -8.77
C VAL A 388 -38.85 34.25 -9.82
N ALA A 389 -39.13 33.95 -11.10
CA ALA A 389 -38.82 34.85 -12.19
C ALA A 389 -39.73 34.51 -13.36
N HIS A 390 -40.11 35.54 -14.13
CA HIS A 390 -40.75 35.41 -15.44
C HIS A 390 -42.08 34.65 -15.38
N MET A 391 -43.06 35.28 -14.74
CA MET A 391 -44.41 34.75 -14.76
C MET A 391 -45.04 34.89 -16.14
N TRP A 392 -46.16 34.20 -16.35
CA TRP A 392 -46.88 34.28 -17.62
C TRP A 392 -48.38 34.17 -17.37
N PHE A 393 -49.11 35.23 -17.69
CA PHE A 393 -50.57 35.20 -17.74
C PHE A 393 -51.03 36.29 -18.68
N ASP A 394 -52.27 36.11 -19.18
CA ASP A 394 -52.92 37.01 -20.15
C ASP A 394 -52.09 37.16 -21.42
N ASN A 395 -51.52 36.04 -21.89
CA ASN A 395 -50.66 35.96 -23.08
C ASN A 395 -49.46 36.88 -22.96
N GLN A 396 -48.90 36.98 -21.77
CA GLN A 396 -47.85 37.97 -21.52
C GLN A 396 -46.84 37.39 -20.56
N ILE A 397 -45.58 37.30 -20.99
CA ILE A 397 -44.48 36.93 -20.12
C ILE A 397 -44.06 38.17 -19.33
N HIS A 398 -44.33 38.15 -18.02
CA HIS A 398 -44.05 39.29 -17.17
C HIS A 398 -42.57 39.26 -16.75
N GLU A 399 -42.15 40.25 -15.97
CA GLU A 399 -40.77 40.33 -15.53
C GLU A 399 -40.67 39.67 -14.15
N ALA A 400 -39.43 39.53 -13.68
CA ALA A 400 -39.09 38.65 -12.57
C ALA A 400 -39.61 39.13 -11.23
N ASP A 401 -39.90 40.44 -11.11
CA ASP A 401 -40.34 41.10 -9.87
C ASP A 401 -39.32 40.88 -8.74
N THR A 402 -38.11 41.41 -8.95
CA THR A 402 -37.03 41.21 -8.01
C THR A 402 -36.54 42.49 -7.33
N THR A 403 -37.10 43.65 -7.65
CA THR A 403 -36.61 44.89 -7.06
C THR A 403 -37.07 45.03 -5.62
N GLU A 404 -36.24 45.67 -4.79
CA GLU A 404 -36.62 46.02 -3.43
C GLU A 404 -37.20 47.43 -3.40
N ASN A 405 -38.19 47.62 -4.28
CA ASN A 405 -39.01 48.82 -4.32
C ASN A 405 -40.29 48.39 -5.02
N GLN A 406 -41.44 48.85 -4.52
CA GLN A 406 -42.68 48.36 -5.07
C GLN A 406 -43.12 49.19 -6.26
N SER A 407 -43.86 48.52 -7.17
CA SER A 407 -44.26 49.04 -8.48
C SER A 407 -43.02 49.47 -9.29
N GLY A 408 -42.21 48.47 -9.61
CA GLY A 408 -40.96 48.69 -10.30
C GLY A 408 -41.12 48.91 -11.80
N VAL A 409 -40.38 48.15 -12.60
CA VAL A 409 -40.44 48.30 -14.05
C VAL A 409 -41.78 47.80 -14.59
N SER A 410 -42.14 46.55 -14.29
CA SER A 410 -43.40 46.01 -14.80
C SER A 410 -43.89 44.91 -13.85
N PHE A 411 -44.77 45.30 -12.92
CA PHE A 411 -45.65 44.38 -12.23
C PHE A 411 -46.83 45.14 -11.64
N ASP A 412 -47.79 44.37 -11.10
CA ASP A 412 -48.89 44.82 -10.23
C ASP A 412 -49.91 45.65 -11.01
N LYS A 413 -50.11 45.31 -12.27
CA LYS A 413 -51.28 45.79 -13.01
C LYS A 413 -52.47 45.04 -12.43
N THR A 414 -53.12 45.62 -11.42
CA THR A 414 -54.05 44.91 -10.55
C THR A 414 -55.34 44.66 -11.34
N SER A 415 -55.33 43.56 -12.08
CA SER A 415 -56.53 42.97 -12.62
C SER A 415 -57.07 41.96 -11.61
N ALA A 416 -58.10 41.21 -12.00
CA ALA A 416 -58.49 40.06 -11.21
C ALA A 416 -57.53 38.89 -11.39
N THR A 417 -56.75 38.93 -12.48
CA THR A 417 -55.88 37.81 -12.84
C THR A 417 -54.76 37.61 -11.83
N TRP A 418 -54.10 38.70 -11.44
CA TRP A 418 -52.96 38.56 -10.54
C TRP A 418 -53.40 38.21 -9.12
N LEU A 419 -54.50 38.79 -8.64
CA LEU A 419 -54.99 38.42 -7.32
C LEU A 419 -55.52 36.98 -7.32
N ALA A 420 -56.10 36.54 -8.44
CA ALA A 420 -56.52 35.15 -8.57
C ALA A 420 -55.32 34.19 -8.56
N LEU A 421 -54.29 34.51 -9.34
CA LEU A 421 -53.11 33.65 -9.41
C LEU A 421 -52.33 33.67 -8.10
N SER A 422 -52.33 34.80 -7.40
CA SER A 422 -51.75 34.86 -6.07
C SER A 422 -52.55 34.04 -5.08
N ARG A 423 -53.87 34.01 -5.25
CA ARG A 423 -54.72 33.13 -4.44
C ARG A 423 -54.38 31.67 -4.68
N ILE A 424 -54.07 31.31 -5.92
CA ILE A 424 -53.67 29.93 -6.20
C ILE A 424 -52.30 29.64 -5.60
N ALA A 425 -51.38 30.61 -5.67
CA ALA A 425 -50.04 30.41 -5.16
C ALA A 425 -50.01 30.34 -3.64
N GLY A 426 -50.97 30.97 -2.97
CA GLY A 426 -50.98 30.94 -1.53
C GLY A 426 -51.81 29.81 -0.94
N LEU A 427 -52.91 29.47 -1.58
CA LEU A 427 -53.85 28.52 -1.04
C LEU A 427 -53.58 27.08 -1.46
N CYS A 428 -52.58 26.84 -2.31
CA CYS A 428 -52.15 25.49 -2.63
C CYS A 428 -50.96 25.03 -1.79
N ASN A 429 -50.50 25.87 -0.87
CA ASN A 429 -49.26 25.59 -0.15
C ASN A 429 -49.55 24.99 1.22
N ARG A 430 -48.68 24.09 1.65
CA ARG A 430 -48.64 23.61 3.02
C ARG A 430 -47.44 24.15 3.77
N ALA A 431 -46.65 25.03 3.15
CA ALA A 431 -45.47 25.58 3.77
C ALA A 431 -45.78 26.91 4.43
N VAL A 432 -45.18 27.12 5.60
CA VAL A 432 -45.36 28.32 6.40
C VAL A 432 -43.99 28.84 6.79
N PHE A 433 -43.94 30.11 7.16
CA PHE A 433 -42.75 30.65 7.79
C PHE A 433 -42.58 30.04 9.17
N GLN A 434 -41.33 29.73 9.53
CA GLN A 434 -41.07 29.22 10.86
C GLN A 434 -41.15 30.34 11.89
N ALA A 435 -41.02 29.95 13.16
CA ALA A 435 -41.03 30.93 14.23
C ALA A 435 -39.74 31.73 14.26
N ASN A 436 -39.74 32.76 15.11
CA ASN A 436 -38.59 33.62 15.40
C ASN A 436 -38.08 34.33 14.14
N GLN A 437 -39.01 34.93 13.39
CA GLN A 437 -38.63 35.47 12.09
C GLN A 437 -39.22 36.84 11.83
N GLU A 438 -39.63 37.56 12.86
CA GLU A 438 -40.03 38.95 12.70
C GLU A 438 -38.87 39.88 13.02
N ASN A 439 -37.74 39.66 12.35
CA ASN A 439 -36.52 40.42 12.56
C ASN A 439 -35.87 40.71 11.22
N LEU A 440 -36.30 39.98 10.21
CA LEU A 440 -35.74 40.11 8.90
C LEU A 440 -37.00 40.15 8.11
N PRO A 441 -36.93 40.59 6.88
CA PRO A 441 -38.21 40.63 6.14
C PRO A 441 -38.51 39.53 5.12
N ILE A 442 -37.73 39.43 4.05
CA ILE A 442 -38.10 38.49 2.98
C ILE A 442 -36.96 37.56 2.58
N LEU A 443 -35.80 38.12 2.24
CA LEU A 443 -34.73 37.39 1.61
C LEU A 443 -33.97 36.50 2.60
N LYS A 444 -34.24 36.63 3.89
CA LYS A 444 -33.38 36.04 4.91
C LYS A 444 -34.11 35.05 5.81
N ARG A 445 -35.40 34.85 5.64
CA ARG A 445 -36.16 34.00 6.55
C ARG A 445 -35.89 32.53 6.30
N ALA A 446 -36.25 31.71 7.29
CA ALA A 446 -36.15 30.26 7.17
C ALA A 446 -37.55 29.66 7.08
N VAL A 447 -37.79 28.89 6.02
CA VAL A 447 -39.11 28.36 5.74
C VAL A 447 -39.12 26.85 5.88
N ALA A 448 -40.11 26.34 6.60
CA ALA A 448 -40.35 24.91 6.67
C ALA A 448 -40.96 24.42 5.35
N GLY A 449 -40.70 23.16 5.03
CA GLY A 449 -41.21 22.57 3.80
C GLY A 449 -40.16 22.51 2.71
N ASP A 450 -40.62 22.13 1.52
CA ASP A 450 -39.72 21.97 0.38
C ASP A 450 -39.35 23.34 -0.19
N ALA A 451 -38.47 23.33 -1.19
CA ALA A 451 -37.94 24.57 -1.74
C ALA A 451 -38.88 25.17 -2.77
N SER A 452 -39.48 24.33 -3.62
CA SER A 452 -40.29 24.81 -4.73
C SER A 452 -41.61 25.42 -4.28
N GLU A 453 -42.01 25.20 -3.04
CA GLU A 453 -43.17 25.84 -2.46
C GLU A 453 -42.80 27.10 -1.68
N SER A 454 -41.68 27.04 -0.96
CA SER A 454 -41.17 28.20 -0.23
C SER A 454 -40.77 29.32 -1.17
N ALA A 455 -40.35 28.98 -2.39
CA ALA A 455 -39.90 29.99 -3.35
C ALA A 455 -41.03 30.93 -3.75
N LEU A 456 -42.20 30.39 -4.07
CA LEU A 456 -43.30 31.26 -4.42
C LEU A 456 -44.03 31.76 -3.19
N LEU A 457 -43.80 31.14 -2.03
CA LEU A 457 -44.17 31.81 -0.78
C LEU A 457 -43.39 33.11 -0.59
N LYS A 458 -42.11 33.11 -0.97
CA LYS A 458 -41.27 34.30 -0.87
C LYS A 458 -41.57 35.36 -1.92
N CYS A 459 -42.53 35.13 -2.83
CA CYS A 459 -42.84 36.12 -3.86
C CYS A 459 -44.13 36.86 -3.59
N ILE A 460 -45.13 36.20 -3.01
CA ILE A 460 -46.44 36.81 -2.78
C ILE A 460 -46.49 37.42 -1.38
N GLU A 461 -45.34 37.48 -0.72
CA GLU A 461 -45.21 38.30 0.48
C GLU A 461 -44.65 39.68 0.12
N LEU A 462 -43.93 39.77 -1.00
CA LEU A 462 -43.41 41.06 -1.47
C LEU A 462 -44.55 41.98 -1.87
N CYS A 463 -45.38 41.54 -2.79
CA CYS A 463 -46.58 42.27 -3.16
C CYS A 463 -47.80 41.42 -2.82
N CYS A 464 -48.97 42.07 -2.93
CA CYS A 464 -50.29 41.49 -2.69
C CYS A 464 -50.42 40.97 -1.25
N GLY A 465 -50.04 41.82 -0.29
CA GLY A 465 -50.34 41.55 1.11
C GLY A 465 -49.50 40.43 1.71
N SER A 466 -50.09 39.75 2.69
CA SER A 466 -49.44 38.65 3.37
C SER A 466 -50.18 37.35 3.06
N VAL A 467 -49.63 36.25 3.55
CA VAL A 467 -50.24 34.94 3.34
C VAL A 467 -51.03 34.51 4.58
N LYS A 468 -50.62 34.96 5.76
CA LYS A 468 -51.47 34.83 6.94
C LYS A 468 -52.76 35.63 6.78
N GLU A 469 -52.72 36.71 6.00
CA GLU A 469 -53.95 37.38 5.55
C GLU A 469 -54.80 36.43 4.72
N MET A 470 -54.18 35.56 3.94
CA MET A 470 -54.96 34.66 3.09
C MET A 470 -55.51 33.50 3.89
N ARG A 471 -54.83 33.11 4.96
CA ARG A 471 -55.42 32.16 5.90
C ARG A 471 -56.53 32.80 6.72
N GLU A 472 -56.41 34.12 6.96
CA GLU A 472 -57.49 34.88 7.56
C GLU A 472 -58.73 34.88 6.69
N ARG A 473 -58.55 35.12 5.38
CA ARG A 473 -59.69 35.23 4.48
C ARG A 473 -60.39 33.89 4.30
N TYR A 474 -59.70 32.91 3.74
CA TYR A 474 -60.32 31.67 3.28
C TYR A 474 -60.19 30.58 4.32
N ALA A 475 -61.01 29.55 4.16
CA ALA A 475 -61.09 28.45 5.10
C ALA A 475 -60.31 27.24 4.61
N LYS A 476 -60.34 26.17 5.40
CA LYS A 476 -59.66 24.91 5.09
C LYS A 476 -60.67 23.80 5.26
N ILE A 477 -60.67 22.82 4.35
CA ILE A 477 -61.42 21.58 4.50
C ILE A 477 -60.52 20.36 4.40
N VAL A 478 -59.93 20.14 3.23
CA VAL A 478 -59.21 18.92 2.89
C VAL A 478 -58.11 19.27 1.90
N GLU A 479 -57.12 18.37 1.80
CA GLU A 479 -55.98 18.58 0.92
C GLU A 479 -55.56 17.25 0.30
N ILE A 480 -54.77 17.36 -0.78
CA ILE A 480 -54.10 16.21 -1.37
C ILE A 480 -52.62 16.53 -1.45
N PRO A 481 -51.75 15.80 -0.76
CA PRO A 481 -50.32 16.10 -0.84
C PRO A 481 -49.73 15.64 -2.17
N PHE A 482 -48.74 16.39 -2.62
CA PHE A 482 -48.12 16.11 -3.91
C PHE A 482 -47.26 14.87 -3.83
N ASN A 483 -47.42 13.99 -4.80
CA ASN A 483 -46.54 12.85 -5.00
C ASN A 483 -46.10 12.83 -6.45
N SER A 484 -44.96 12.21 -6.72
CA SER A 484 -44.38 12.20 -8.05
C SER A 484 -45.00 11.16 -8.98
N THR A 485 -46.11 10.55 -8.60
CA THR A 485 -46.87 9.68 -9.48
C THR A 485 -48.16 10.32 -9.97
N ASN A 486 -48.54 11.47 -9.43
CA ASN A 486 -49.71 12.20 -9.90
C ASN A 486 -49.40 13.58 -10.42
N LYS A 487 -48.28 14.20 -9.98
CA LYS A 487 -47.85 15.57 -10.35
C LYS A 487 -48.93 16.62 -10.08
N TYR A 488 -49.74 16.44 -9.04
CA TYR A 488 -50.81 17.38 -8.72
C TYR A 488 -50.69 17.85 -7.28
N GLN A 489 -51.40 18.94 -7.01
CA GLN A 489 -51.66 19.38 -5.64
C GLN A 489 -52.95 20.20 -5.70
N LEU A 490 -54.04 19.64 -5.18
CA LEU A 490 -55.32 20.34 -5.16
C LEU A 490 -55.83 20.43 -3.73
N SER A 491 -56.59 21.48 -3.46
CA SER A 491 -57.14 21.72 -2.13
C SER A 491 -58.48 22.43 -2.27
N ILE A 492 -59.43 22.09 -1.40
CA ILE A 492 -60.78 22.66 -1.44
C ILE A 492 -60.89 23.70 -0.34
N HIS A 493 -61.52 24.83 -0.66
CA HIS A 493 -61.59 25.94 0.27
C HIS A 493 -62.95 26.62 0.17
N LYS A 494 -63.35 27.21 1.29
CA LYS A 494 -64.59 27.98 1.40
C LYS A 494 -64.26 29.46 1.32
N ASN A 495 -64.95 30.15 0.44
CA ASN A 495 -64.80 31.60 0.34
C ASN A 495 -65.42 32.28 1.55
N PRO A 496 -64.83 33.37 2.03
CA PRO A 496 -65.43 34.08 3.17
C PRO A 496 -66.67 34.87 2.76
N ASN A 497 -66.75 35.23 1.48
CA ASN A 497 -67.78 36.11 1.00
C ASN A 497 -68.71 35.36 0.04
N THR A 498 -69.78 36.04 -0.35
CA THR A 498 -70.76 35.54 -1.30
C THR A 498 -70.71 36.29 -2.63
N SER A 499 -69.60 36.99 -2.90
CA SER A 499 -69.40 37.61 -4.21
C SER A 499 -69.33 36.54 -5.30
N GLU A 500 -68.54 35.50 -5.05
CA GLU A 500 -68.63 34.23 -5.76
C GLU A 500 -69.01 33.18 -4.72
N PRO A 501 -70.31 32.97 -4.46
CA PRO A 501 -70.73 32.15 -3.32
C PRO A 501 -70.39 30.68 -3.45
N GLN A 502 -70.16 30.22 -4.66
CA GLN A 502 -69.69 28.87 -4.94
C GLN A 502 -68.35 28.60 -4.27
N HIS A 503 -68.12 27.35 -3.87
CA HIS A 503 -66.93 27.04 -3.07
C HIS A 503 -65.79 26.60 -3.97
N LEU A 504 -64.59 27.09 -3.70
CA LEU A 504 -63.58 27.05 -4.75
C LEU A 504 -62.45 26.10 -4.38
N LEU A 505 -61.98 25.39 -5.39
CA LEU A 505 -60.84 24.51 -5.25
C LEU A 505 -59.67 25.05 -6.07
N VAL A 506 -58.48 24.93 -5.49
CA VAL A 506 -57.25 25.47 -6.05
C VAL A 506 -56.34 24.30 -6.39
N MET A 507 -55.55 24.46 -7.45
CA MET A 507 -54.80 23.32 -7.97
C MET A 507 -53.55 23.81 -8.68
N LYS A 508 -52.46 23.06 -8.50
CA LYS A 508 -51.21 23.37 -9.17
C LYS A 508 -50.49 22.07 -9.49
N GLY A 509 -49.50 22.18 -10.38
CA GLY A 509 -48.72 21.00 -10.70
C GLY A 509 -47.87 21.20 -11.94
N ALA A 510 -47.60 20.10 -12.62
CA ALA A 510 -46.86 20.17 -13.87
C ALA A 510 -47.76 20.73 -14.95
N PRO A 511 -47.28 21.66 -15.77
CA PRO A 511 -48.19 22.43 -16.64
C PRO A 511 -48.80 21.63 -17.78
N GLU A 512 -48.06 20.72 -18.39
CA GLU A 512 -48.62 19.94 -19.48
C GLU A 512 -49.56 18.85 -18.98
N ARG A 513 -49.49 18.49 -17.70
CA ARG A 513 -50.44 17.57 -17.09
C ARG A 513 -51.60 18.28 -16.42
N ILE A 514 -51.43 19.55 -16.05
CA ILE A 514 -52.53 20.34 -15.52
C ILE A 514 -53.48 20.77 -16.62
N LEU A 515 -52.93 21.17 -17.77
CA LEU A 515 -53.68 21.89 -18.80
C LEU A 515 -54.79 21.05 -19.41
N ASP A 516 -54.60 19.73 -19.51
CA ASP A 516 -55.68 18.88 -20.02
C ASP A 516 -56.85 18.81 -19.05
N ARG A 517 -56.58 18.91 -17.75
CA ARG A 517 -57.66 18.98 -16.78
C ARG A 517 -58.22 20.40 -16.70
N CYS A 518 -57.38 21.35 -16.30
CA CYS A 518 -57.80 22.74 -16.16
C CYS A 518 -57.74 23.41 -17.52
N SER A 519 -58.87 23.41 -18.22
CA SER A 519 -58.91 23.78 -19.63
C SER A 519 -59.24 25.24 -19.87
N SER A 520 -60.40 25.72 -19.41
CA SER A 520 -60.94 27.01 -19.84
C SER A 520 -60.13 28.15 -19.23
N ILE A 521 -59.38 28.87 -20.08
CA ILE A 521 -58.44 29.87 -19.59
C ILE A 521 -59.19 31.12 -19.15
N LEU A 522 -58.86 31.62 -17.97
CA LEU A 522 -59.32 32.91 -17.47
C LEU A 522 -58.34 33.97 -17.95
N LEU A 523 -58.72 34.70 -18.99
CA LEU A 523 -57.74 35.60 -19.58
C LEU A 523 -57.85 37.01 -19.03
N HIS A 524 -58.95 37.72 -19.30
CA HIS A 524 -59.19 38.98 -18.59
C HIS A 524 -60.32 38.83 -17.57
N GLY A 525 -60.15 37.95 -16.59
CA GLY A 525 -61.25 37.62 -15.70
C GLY A 525 -62.41 36.88 -16.34
N LYS A 526 -62.25 36.39 -17.56
CA LYS A 526 -63.35 35.83 -18.33
C LYS A 526 -63.29 34.31 -18.30
N GLU A 527 -64.10 33.68 -19.14
CA GLU A 527 -64.14 32.22 -19.29
C GLU A 527 -64.06 31.85 -20.76
N GLN A 528 -63.08 32.42 -21.46
CA GLN A 528 -62.95 32.19 -22.89
C GLN A 528 -62.50 30.75 -23.16
N PRO A 529 -63.14 30.05 -24.11
CA PRO A 529 -62.74 28.66 -24.41
C PRO A 529 -61.42 28.55 -25.16
N LEU A 530 -61.08 27.32 -25.56
CA LEU A 530 -59.75 27.06 -26.11
C LEU A 530 -59.74 27.26 -27.61
N ASP A 531 -58.59 27.73 -28.09
CA ASP A 531 -58.29 27.77 -29.51
C ASP A 531 -56.95 27.08 -29.70
N GLU A 532 -56.69 26.64 -30.94
CA GLU A 532 -55.40 26.01 -31.24
C GLU A 532 -54.26 27.01 -31.14
N GLU A 533 -54.53 28.28 -31.44
CA GLU A 533 -53.54 29.33 -31.24
C GLU A 533 -53.36 29.70 -29.78
N LEU A 534 -54.35 29.42 -28.92
CA LEU A 534 -54.13 29.59 -27.48
C LEU A 534 -53.13 28.57 -26.97
N LYS A 535 -53.23 27.33 -27.43
CA LYS A 535 -52.24 26.32 -27.09
C LYS A 535 -50.92 26.57 -27.80
N ASP A 536 -50.92 27.20 -28.98
CA ASP A 536 -49.68 27.60 -29.61
C ASP A 536 -48.97 28.68 -28.80
N ALA A 537 -49.72 29.65 -28.29
CA ALA A 537 -49.16 30.68 -27.43
C ALA A 537 -48.63 30.09 -26.14
N PHE A 538 -49.35 29.10 -25.58
CA PHE A 538 -48.89 28.42 -24.38
C PHE A 538 -47.60 27.65 -24.64
N GLN A 539 -47.53 26.96 -25.78
CA GLN A 539 -46.35 26.16 -26.10
C GLN A 539 -45.14 27.05 -26.40
N ASN A 540 -45.36 28.18 -27.07
CA ASN A 540 -44.27 29.12 -27.32
C ASN A 540 -43.81 29.78 -26.02
N ALA A 541 -44.74 30.08 -25.12
CA ALA A 541 -44.39 30.65 -23.84
C ALA A 541 -43.58 29.66 -23.02
N TYR A 542 -43.97 28.39 -23.05
CA TYR A 542 -43.22 27.38 -22.32
C TYR A 542 -41.87 27.13 -22.99
N LEU A 543 -41.77 27.35 -24.30
CA LEU A 543 -40.49 27.25 -24.99
C LEU A 543 -39.52 28.33 -24.54
N GLU A 544 -39.91 29.59 -24.61
CA GLU A 544 -38.99 30.62 -24.16
C GLU A 544 -39.02 30.84 -22.65
N LEU A 545 -39.73 30.00 -21.89
CA LEU A 545 -39.50 29.94 -20.45
C LEU A 545 -38.56 28.81 -20.06
N GLY A 546 -38.65 27.68 -20.74
CA GLY A 546 -37.71 26.62 -20.48
C GLY A 546 -36.37 26.78 -21.16
N GLY A 547 -36.28 27.69 -22.15
CA GLY A 547 -35.01 27.91 -22.81
C GLY A 547 -33.97 28.56 -21.92
N LEU A 548 -34.40 29.31 -20.92
CA LEU A 548 -33.49 29.93 -19.97
C LEU A 548 -33.05 28.99 -18.87
N GLY A 549 -33.51 27.74 -18.88
CA GLY A 549 -33.18 26.80 -17.83
C GLY A 549 -33.95 27.09 -16.56
N GLU A 550 -35.26 27.24 -16.68
CA GLU A 550 -36.11 27.60 -15.57
C GLU A 550 -37.14 26.51 -15.34
N ARG A 551 -37.48 26.31 -14.07
CA ARG A 551 -38.47 25.32 -13.68
C ARG A 551 -39.80 26.06 -13.71
N VAL A 552 -40.81 25.43 -14.30
CA VAL A 552 -42.11 26.07 -14.41
C VAL A 552 -43.18 25.19 -13.78
N LEU A 553 -44.14 25.84 -13.11
CA LEU A 553 -45.33 25.18 -12.58
C LEU A 553 -46.58 25.78 -13.22
N GLY A 554 -47.69 25.07 -13.08
CA GLY A 554 -48.95 25.51 -13.64
C GLY A 554 -50.06 25.57 -12.61
N PHE A 555 -51.03 26.47 -12.81
CA PHE A 555 -52.00 26.83 -11.79
C PHE A 555 -53.41 26.93 -12.37
N CYS A 556 -54.40 26.52 -11.58
CA CYS A 556 -55.79 26.55 -12.01
C CYS A 556 -56.70 26.50 -10.78
N HIS A 557 -57.98 26.77 -11.03
CA HIS A 557 -58.99 26.72 -9.98
C HIS A 557 -60.33 26.39 -10.60
N LEU A 558 -61.22 25.84 -9.76
CA LEU A 558 -62.61 25.64 -10.15
C LEU A 558 -63.50 26.23 -9.06
N PHE A 559 -64.65 26.71 -9.47
CA PHE A 559 -65.67 27.25 -8.57
C PHE A 559 -66.81 26.25 -8.52
N LEU A 560 -66.76 25.32 -7.56
CA LEU A 560 -67.79 24.33 -7.29
C LEU A 560 -69.13 24.99 -7.05
N PRO A 561 -70.07 24.91 -7.98
CA PRO A 561 -71.28 25.75 -7.91
C PRO A 561 -72.26 25.22 -6.88
N ASP A 562 -72.92 26.14 -6.19
CA ASP A 562 -73.89 25.76 -5.17
C ASP A 562 -75.30 25.63 -5.72
N GLU A 563 -75.44 25.43 -7.02
CA GLU A 563 -76.75 25.07 -7.59
C GLU A 563 -77.22 23.72 -7.10
N GLN A 564 -76.30 22.82 -6.77
CA GLN A 564 -76.66 21.52 -6.22
C GLN A 564 -76.48 21.47 -4.70
N PHE A 565 -75.25 21.70 -4.22
CA PHE A 565 -74.99 21.54 -2.81
C PHE A 565 -74.91 22.90 -2.12
N PRO A 566 -75.62 23.09 -1.02
CA PRO A 566 -75.72 24.42 -0.41
C PRO A 566 -74.47 24.76 0.40
N GLU A 567 -74.52 25.92 1.05
CA GLU A 567 -73.38 26.46 1.79
C GLU A 567 -73.04 25.60 3.01
N GLY A 568 -74.03 24.96 3.62
CA GLY A 568 -73.74 23.97 4.64
C GLY A 568 -73.76 22.58 4.03
N PHE A 569 -72.57 22.07 3.70
CA PHE A 569 -72.44 20.81 2.99
C PHE A 569 -71.04 20.28 3.24
N GLN A 570 -70.93 19.23 4.04
CA GLN A 570 -69.61 18.67 4.34
C GLN A 570 -69.09 17.89 3.15
N PHE A 571 -67.75 17.79 3.06
CA PHE A 571 -67.08 17.39 1.85
C PHE A 571 -66.03 16.32 2.14
N ASP A 572 -65.76 15.48 1.15
CA ASP A 572 -64.80 14.39 1.28
C ASP A 572 -64.06 14.23 -0.05
N THR A 573 -62.83 13.70 0.01
CA THR A 573 -61.93 13.72 -1.13
C THR A 573 -61.67 12.38 -1.77
N ASP A 574 -61.21 11.37 -1.01
CA ASP A 574 -60.91 10.07 -1.61
C ASP A 574 -62.19 9.36 -2.04
N ASP A 575 -63.33 9.76 -1.49
CA ASP A 575 -64.61 9.63 -2.16
C ASP A 575 -64.63 10.72 -3.22
N VAL A 576 -64.32 10.36 -4.46
CA VAL A 576 -64.15 11.35 -5.51
C VAL A 576 -65.51 11.77 -6.05
N ASN A 577 -66.07 12.82 -5.46
CA ASN A 577 -67.42 13.25 -5.75
C ASN A 577 -67.50 14.67 -6.30
N PHE A 578 -66.36 15.24 -6.72
CA PHE A 578 -66.02 16.55 -7.23
C PHE A 578 -65.40 16.46 -8.61
N PRO A 579 -65.62 17.45 -9.48
CA PRO A 579 -65.04 17.40 -10.82
C PRO A 579 -63.56 17.75 -10.81
N ILE A 580 -62.76 16.88 -11.44
CA ILE A 580 -61.34 17.13 -11.66
C ILE A 580 -61.07 17.43 -13.15
N ASP A 581 -62.12 17.70 -13.91
CA ASP A 581 -61.99 17.93 -15.34
C ASP A 581 -62.70 19.23 -15.73
N ASN A 582 -62.14 19.88 -16.75
CA ASN A 582 -62.61 21.16 -17.31
C ASN A 582 -62.66 22.25 -16.22
N LEU A 583 -61.51 22.50 -15.62
CA LEU A 583 -61.36 23.55 -14.63
C LEU A 583 -60.95 24.84 -15.33
N CYS A 584 -60.52 25.82 -14.54
CA CYS A 584 -60.20 27.15 -15.05
C CYS A 584 -58.70 27.41 -14.87
N PHE A 585 -57.96 27.35 -15.98
CA PHE A 585 -56.52 27.60 -15.97
C PHE A 585 -56.23 29.08 -15.73
N VAL A 586 -55.09 29.37 -15.11
CA VAL A 586 -54.75 30.77 -14.83
C VAL A 586 -53.47 31.16 -15.59
N GLY A 587 -52.36 30.52 -15.25
CA GLY A 587 -51.09 30.89 -15.87
C GLY A 587 -49.95 30.19 -15.20
N LEU A 588 -48.74 30.46 -15.70
CA LEU A 588 -47.53 29.79 -15.27
C LEU A 588 -46.66 30.72 -14.43
N ILE A 589 -45.93 30.11 -13.50
CA ILE A 589 -44.92 30.80 -12.69
C ILE A 589 -43.65 29.98 -12.78
N SER A 590 -42.54 30.62 -13.15
CA SER A 590 -41.30 29.90 -13.30
C SER A 590 -40.30 30.28 -12.21
N MET A 591 -39.37 29.38 -11.98
CA MET A 591 -38.36 29.55 -10.95
C MET A 591 -37.01 29.21 -11.56
N ILE A 592 -36.00 29.95 -11.22
CA ILE A 592 -34.66 29.59 -11.62
C ILE A 592 -34.09 28.64 -10.58
N ASP A 593 -33.06 27.89 -10.98
CA ASP A 593 -32.35 26.98 -10.09
C ASP A 593 -30.90 26.99 -10.54
N PRO A 594 -30.03 27.74 -9.86
CA PRO A 594 -28.67 27.92 -10.34
C PRO A 594 -27.85 26.67 -10.14
N PRO A 595 -27.02 26.30 -11.11
CA PRO A 595 -26.18 25.10 -10.97
C PRO A 595 -25.10 25.31 -9.92
N ARG A 596 -24.63 24.20 -9.38
CA ARG A 596 -23.56 24.24 -8.41
C ARG A 596 -22.26 24.69 -9.09
N ALA A 597 -21.40 25.32 -8.31
CA ALA A 597 -20.27 26.05 -8.88
C ALA A 597 -19.14 25.13 -9.36
N ALA A 598 -19.06 23.93 -8.81
CA ALA A 598 -17.99 23.01 -9.17
C ALA A 598 -18.42 21.95 -10.18
N VAL A 599 -19.66 21.97 -10.61
CA VAL A 599 -20.22 20.98 -11.55
C VAL A 599 -19.64 21.08 -12.97
N PRO A 600 -19.53 22.26 -13.64
CA PRO A 600 -19.04 22.23 -15.02
C PRO A 600 -17.58 21.83 -15.17
N ASP A 601 -16.77 21.88 -14.11
CA ASP A 601 -15.45 21.27 -14.17
C ASP A 601 -15.52 19.77 -13.92
N ALA A 602 -16.47 19.33 -13.10
CA ALA A 602 -16.60 17.90 -12.81
C ALA A 602 -17.11 17.14 -14.02
N VAL A 603 -17.99 17.74 -14.80
CA VAL A 603 -18.49 17.08 -16.00
C VAL A 603 -17.38 16.96 -17.05
N GLY A 604 -16.50 17.97 -17.11
CA GLY A 604 -15.34 17.87 -17.98
C GLY A 604 -14.35 16.80 -17.53
N LYS A 605 -14.15 16.67 -16.22
CA LYS A 605 -13.28 15.61 -15.71
C LYS A 605 -13.88 14.24 -15.93
N CYS A 606 -15.21 14.12 -15.93
CA CYS A 606 -15.83 12.85 -16.29
C CYS A 606 -15.67 12.57 -17.78
N ARG A 607 -15.71 13.61 -18.60
CA ARG A 607 -15.60 13.42 -20.04
C ARG A 607 -14.18 13.02 -20.43
N SER A 608 -13.18 13.58 -19.75
CA SER A 608 -11.79 13.25 -20.05
C SER A 608 -11.46 11.82 -19.66
N ALA A 609 -12.02 11.35 -18.55
CA ALA A 609 -11.75 10.03 -18.02
C ALA A 609 -12.59 8.94 -18.65
N GLY A 610 -13.46 9.26 -19.60
CA GLY A 610 -14.25 8.24 -20.24
C GLY A 610 -15.38 7.72 -19.40
N ILE A 611 -16.07 8.59 -18.67
CA ILE A 611 -17.19 8.20 -17.82
C ILE A 611 -18.46 8.75 -18.43
N LYS A 612 -19.43 7.88 -18.68
CA LYS A 612 -20.71 8.31 -19.21
C LYS A 612 -21.55 8.92 -18.08
N VAL A 613 -22.20 10.04 -18.38
CA VAL A 613 -23.05 10.72 -17.41
C VAL A 613 -24.47 10.76 -17.97
N ILE A 614 -25.42 10.29 -17.18
CA ILE A 614 -26.82 10.20 -17.60
C ILE A 614 -27.65 11.03 -16.62
N MET A 615 -28.28 12.07 -17.12
CA MET A 615 -29.17 12.87 -16.30
C MET A 615 -30.56 12.25 -16.32
N VAL A 616 -31.10 11.99 -15.12
CA VAL A 616 -32.42 11.37 -14.96
C VAL A 616 -33.25 12.30 -14.10
N THR A 617 -34.15 13.07 -14.71
CA THR A 617 -34.91 14.08 -13.99
C THR A 617 -36.36 13.64 -13.84
N GLY A 618 -37.16 14.56 -13.33
CA GLY A 618 -38.60 14.39 -13.33
C GLY A 618 -39.27 15.61 -13.93
N ASP A 619 -38.48 16.44 -14.62
CA ASP A 619 -38.97 17.66 -15.23
C ASP A 619 -39.27 17.45 -16.71
N HIS A 620 -39.70 18.53 -17.34
CA HIS A 620 -40.03 18.53 -18.76
C HIS A 620 -38.77 18.38 -19.59
N PRO A 621 -38.88 17.77 -20.78
CA PRO A 621 -37.70 17.66 -21.67
C PRO A 621 -37.19 18.97 -22.23
N ILE A 622 -37.79 20.12 -21.92
CA ILE A 622 -37.22 21.40 -22.32
C ILE A 622 -36.25 21.90 -21.26
N THR A 623 -36.71 21.92 -20.01
CA THR A 623 -35.90 22.40 -18.89
C THR A 623 -34.69 21.51 -18.66
N ALA A 624 -34.88 20.18 -18.80
CA ALA A 624 -33.78 19.25 -18.63
C ALA A 624 -32.72 19.43 -19.71
N LYS A 625 -33.17 19.67 -20.94
CA LYS A 625 -32.25 19.90 -22.05
C LYS A 625 -31.47 21.20 -21.87
N ALA A 626 -32.15 22.24 -21.37
CA ALA A 626 -31.49 23.52 -21.16
C ALA A 626 -30.47 23.45 -20.03
N ILE A 627 -30.81 22.73 -18.95
CA ILE A 627 -29.85 22.58 -17.84
C ILE A 627 -28.66 21.74 -18.27
N ALA A 628 -28.90 20.70 -19.08
CA ALA A 628 -27.81 19.85 -19.54
C ALA A 628 -26.89 20.58 -20.51
N LYS A 629 -27.46 21.46 -21.34
CA LYS A 629 -26.61 22.33 -22.16
C LYS A 629 -25.89 23.37 -21.31
N GLY A 630 -26.48 23.75 -20.18
CA GLY A 630 -25.84 24.73 -19.32
C GLY A 630 -24.61 24.20 -18.63
N VAL A 631 -24.74 23.07 -17.94
CA VAL A 631 -23.60 22.55 -17.20
C VAL A 631 -22.60 21.85 -18.11
N GLY A 632 -23.05 21.37 -19.26
CA GLY A 632 -22.19 20.72 -20.20
C GLY A 632 -22.34 19.21 -20.35
N ILE A 633 -23.50 18.64 -19.99
CA ILE A 633 -23.75 17.23 -20.26
C ILE A 633 -23.84 17.00 -21.76
N ILE A 634 -24.83 17.63 -22.39
CA ILE A 634 -24.89 17.69 -23.84
C ILE A 634 -23.82 18.69 -24.28
N SER A 635 -22.77 18.19 -24.92
CA SER A 635 -21.60 19.00 -25.19
C SER A 635 -21.85 19.97 -26.34
N GLU A 636 -21.01 21.00 -26.41
CA GLU A 636 -21.10 21.97 -27.48
C GLU A 636 -20.57 21.37 -28.78
N GLY A 637 -21.46 20.79 -29.59
CA GLY A 637 -21.06 20.15 -30.82
C GLY A 637 -21.87 18.91 -31.15
N ASN A 638 -22.50 18.32 -30.13
CA ASN A 638 -23.43 17.22 -30.32
C ASN A 638 -24.84 17.78 -30.37
N GLU A 639 -25.72 17.11 -31.12
CA GLU A 639 -27.08 17.58 -31.31
C GLU A 639 -28.03 16.39 -31.31
N THR A 640 -29.28 16.65 -30.90
CA THR A 640 -30.29 15.61 -30.89
C THR A 640 -30.93 15.49 -32.27
N VAL A 641 -32.05 14.77 -32.36
CA VAL A 641 -32.69 14.65 -33.66
C VAL A 641 -33.58 15.86 -33.92
N GLU A 642 -34.02 16.56 -32.87
CA GLU A 642 -35.03 17.58 -33.05
C GLU A 642 -34.45 18.88 -33.57
N ASP A 643 -33.28 19.29 -33.06
CA ASP A 643 -32.68 20.52 -33.54
C ASP A 643 -32.13 20.35 -34.95
N ILE A 644 -31.67 19.16 -35.30
CA ILE A 644 -31.23 18.93 -36.67
C ILE A 644 -32.42 18.74 -37.62
N ALA A 645 -33.58 18.34 -37.12
CA ALA A 645 -34.77 18.37 -37.97
C ALA A 645 -35.30 19.77 -38.14
N ALA A 646 -35.16 20.61 -37.11
CA ALA A 646 -35.63 21.99 -37.19
C ALA A 646 -34.72 22.86 -38.03
N ARG A 647 -33.42 22.60 -38.02
CA ARG A 647 -32.50 23.41 -38.82
C ARG A 647 -32.55 23.06 -40.30
N LEU A 648 -33.11 21.91 -40.66
CA LEU A 648 -33.29 21.53 -42.06
C LEU A 648 -34.71 21.70 -42.55
N ASN A 649 -35.64 22.08 -41.65
CA ASN A 649 -37.06 22.33 -41.93
C ASN A 649 -37.73 21.11 -42.57
N ILE A 650 -37.38 19.95 -42.06
CA ILE A 650 -37.94 18.69 -42.56
C ILE A 650 -38.70 18.04 -41.42
N PRO A 651 -39.73 17.24 -41.69
CA PRO A 651 -40.44 16.56 -40.60
C PRO A 651 -39.56 15.51 -39.92
N VAL A 652 -40.00 15.09 -38.73
CA VAL A 652 -39.13 14.30 -37.87
C VAL A 652 -39.12 12.83 -38.28
N SER A 653 -40.16 12.35 -38.96
CA SER A 653 -40.20 10.94 -39.36
C SER A 653 -39.59 10.74 -40.74
N GLN A 654 -38.43 11.34 -40.96
CA GLN A 654 -37.62 11.11 -42.14
C GLN A 654 -36.14 11.11 -41.86
N VAL A 655 -35.70 11.50 -40.67
CA VAL A 655 -34.29 11.68 -40.39
C VAL A 655 -33.71 10.40 -39.81
N ASN A 656 -32.49 10.07 -40.25
CA ASN A 656 -31.80 8.89 -39.76
C ASN A 656 -31.23 9.16 -38.38
N PRO A 657 -31.61 8.39 -37.34
CA PRO A 657 -31.14 8.64 -35.97
C PRO A 657 -29.76 8.06 -35.68
N ARG A 658 -28.79 8.34 -36.54
CA ARG A 658 -27.41 7.92 -36.33
C ARG A 658 -26.41 9.05 -36.51
N ASP A 659 -26.83 10.23 -36.92
CA ASP A 659 -25.96 11.40 -36.88
C ASP A 659 -26.19 12.24 -35.64
N ALA A 660 -27.15 11.86 -34.80
CA ALA A 660 -27.42 12.53 -33.54
C ALA A 660 -26.73 11.76 -32.42
N LYS A 661 -25.75 12.39 -31.79
CA LYS A 661 -25.04 11.75 -30.69
C LYS A 661 -25.75 11.94 -29.35
N ALA A 662 -26.69 12.85 -29.26
CA ALA A 662 -27.38 13.14 -28.01
C ALA A 662 -28.83 12.69 -28.10
N CYS A 663 -29.45 12.48 -26.94
CA CYS A 663 -30.82 12.00 -26.90
C CYS A 663 -31.52 12.54 -25.67
N VAL A 664 -32.82 12.80 -25.83
CA VAL A 664 -33.70 13.15 -24.72
C VAL A 664 -34.88 12.21 -24.76
N VAL A 665 -35.00 11.36 -23.75
CA VAL A 665 -36.01 10.31 -23.70
C VAL A 665 -37.10 10.71 -22.73
N HIS A 666 -38.33 10.79 -23.22
CA HIS A 666 -39.46 11.07 -22.37
C HIS A 666 -39.78 9.87 -21.49
N GLY A 667 -40.34 10.15 -20.31
CA GLY A 667 -40.60 9.09 -19.34
C GLY A 667 -41.78 8.21 -19.67
N SER A 668 -42.74 8.71 -20.44
CA SER A 668 -43.87 7.89 -20.85
C SER A 668 -43.53 7.00 -22.02
N ASP A 669 -42.53 7.37 -22.82
CA ASP A 669 -42.04 6.51 -23.88
C ASP A 669 -41.17 5.37 -23.35
N LEU A 670 -40.60 5.53 -22.16
CA LEU A 670 -39.79 4.47 -21.56
C LEU A 670 -40.64 3.29 -21.08
N LYS A 671 -41.92 3.51 -20.82
CA LYS A 671 -42.81 2.40 -20.51
C LYS A 671 -43.11 1.55 -21.73
N ASP A 672 -43.20 2.15 -22.91
CA ASP A 672 -43.50 1.44 -24.14
C ASP A 672 -42.24 1.13 -24.93
N MET A 673 -41.17 0.81 -24.22
CA MET A 673 -39.93 0.32 -24.82
C MET A 673 -39.68 -1.08 -24.31
N THR A 674 -39.47 -2.02 -25.23
CA THR A 674 -39.06 -3.34 -24.79
C THR A 674 -37.58 -3.33 -24.44
N SER A 675 -37.11 -4.44 -23.86
CA SER A 675 -35.74 -4.53 -23.36
C SER A 675 -34.70 -4.46 -24.46
N GLU A 676 -35.08 -4.72 -25.71
CA GLU A 676 -34.21 -4.48 -26.84
C GLU A 676 -34.39 -3.07 -27.40
N GLN A 677 -35.53 -2.45 -27.16
CA GLN A 677 -35.73 -1.06 -27.56
C GLN A 677 -35.10 -0.07 -26.59
N LEU A 678 -34.58 -0.55 -25.45
CA LEU A 678 -33.97 0.30 -24.45
C LEU A 678 -32.46 0.39 -24.57
N ASP A 679 -31.78 -0.74 -24.75
CA ASP A 679 -30.32 -0.73 -24.75
C ASP A 679 -29.72 -0.20 -26.05
N ASP A 680 -30.49 -0.15 -27.13
CA ASP A 680 -29.99 0.51 -28.33
C ASP A 680 -30.08 2.03 -28.23
N ILE A 681 -30.76 2.55 -27.21
CA ILE A 681 -30.63 3.96 -26.90
C ILE A 681 -29.47 4.19 -25.94
N LEU A 682 -29.06 3.15 -25.22
CA LEU A 682 -27.88 3.23 -24.37
C LEU A 682 -26.60 2.86 -25.10
N LYS A 683 -26.63 2.72 -26.42
CA LYS A 683 -25.48 2.28 -27.19
C LYS A 683 -25.02 3.31 -28.21
N TYR A 684 -25.94 3.86 -29.01
CA TYR A 684 -25.54 4.74 -30.09
C TYR A 684 -25.31 6.17 -29.63
N HIS A 685 -26.05 6.61 -28.62
CA HIS A 685 -25.94 7.97 -28.11
C HIS A 685 -24.94 8.02 -26.97
N THR A 686 -24.17 9.10 -26.92
CA THR A 686 -23.19 9.31 -25.86
C THR A 686 -23.72 10.17 -24.72
N GLU A 687 -24.67 11.07 -25.00
CA GLU A 687 -25.18 12.03 -24.03
C GLU A 687 -26.70 11.86 -23.96
N ILE A 688 -27.17 11.16 -22.92
CA ILE A 688 -28.57 10.78 -22.79
C ILE A 688 -29.17 11.52 -21.61
N VAL A 689 -30.37 12.06 -21.79
CA VAL A 689 -31.08 12.75 -20.72
C VAL A 689 -32.50 12.19 -20.66
N PHE A 690 -32.88 11.67 -19.50
CA PHE A 690 -34.21 11.11 -19.30
C PHE A 690 -35.08 12.13 -18.56
N ALA A 691 -36.24 12.45 -19.13
CA ALA A 691 -37.10 13.48 -18.58
C ALA A 691 -38.50 12.93 -18.31
N ARG A 692 -39.18 13.55 -17.34
CA ARG A 692 -40.46 13.10 -16.80
C ARG A 692 -40.40 11.64 -16.35
N THR A 693 -39.33 11.30 -15.66
CA THR A 693 -39.06 9.93 -15.27
C THR A 693 -39.49 9.72 -13.82
N SER A 694 -40.43 8.82 -13.61
CA SER A 694 -40.83 8.43 -12.27
C SER A 694 -39.68 7.72 -11.56
N PRO A 695 -39.56 7.86 -10.24
CA PRO A 695 -38.44 7.21 -9.52
C PRO A 695 -38.53 5.69 -9.45
N GLN A 696 -39.62 5.09 -9.92
CA GLN A 696 -39.66 3.65 -10.11
C GLN A 696 -38.96 3.23 -11.39
N GLN A 697 -38.89 4.12 -12.38
CA GLN A 697 -38.27 3.80 -13.66
C GLN A 697 -36.75 3.88 -13.63
N LYS A 698 -36.15 4.19 -12.48
CA LYS A 698 -34.70 4.28 -12.42
C LYS A 698 -34.07 2.90 -12.43
N LEU A 699 -34.78 1.90 -11.89
CA LEU A 699 -34.26 0.54 -11.81
C LEU A 699 -34.10 -0.08 -13.19
N ILE A 700 -35.03 0.22 -14.10
CA ILE A 700 -34.94 -0.25 -15.48
C ILE A 700 -33.71 0.33 -16.17
N ILE A 701 -33.40 1.59 -15.90
CA ILE A 701 -32.23 2.22 -16.51
C ILE A 701 -30.94 1.65 -15.93
N VAL A 702 -30.93 1.33 -14.63
CA VAL A 702 -29.75 0.74 -14.02
C VAL A 702 -29.47 -0.65 -14.61
N GLU A 703 -30.52 -1.47 -14.73
CA GLU A 703 -30.34 -2.80 -15.31
C GLU A 703 -29.97 -2.73 -16.79
N GLY A 704 -30.50 -1.75 -17.52
CA GLY A 704 -30.13 -1.60 -18.91
C GLY A 704 -28.68 -1.18 -19.10
N CYS A 705 -28.20 -0.28 -18.23
CA CYS A 705 -26.80 0.11 -18.28
C CYS A 705 -25.89 -1.03 -17.87
N GLN A 706 -26.34 -1.87 -16.93
CA GLN A 706 -25.51 -2.98 -16.48
C GLN A 706 -25.45 -4.10 -17.51
N ARG A 707 -26.51 -4.25 -18.33
CA ARG A 707 -26.50 -5.30 -19.34
C ARG A 707 -25.54 -5.01 -20.49
N GLN A 708 -25.04 -3.79 -20.60
CA GLN A 708 -24.04 -3.44 -21.59
C GLN A 708 -22.63 -3.46 -21.01
N GLY A 709 -22.43 -4.10 -19.86
CA GLY A 709 -21.11 -4.25 -19.30
C GLY A 709 -20.51 -2.99 -18.70
N ALA A 710 -21.08 -2.49 -17.61
CA ALA A 710 -20.62 -1.26 -17.01
C ALA A 710 -20.68 -1.35 -15.49
N ILE A 711 -20.05 -0.38 -14.85
CA ILE A 711 -20.06 -0.24 -13.40
C ILE A 711 -20.80 1.06 -13.11
N VAL A 712 -21.98 0.96 -12.51
CA VAL A 712 -22.92 2.07 -12.44
C VAL A 712 -22.91 2.66 -11.05
N ALA A 713 -22.77 3.98 -10.97
CA ALA A 713 -22.96 4.74 -9.74
C ALA A 713 -24.26 5.50 -9.84
N VAL A 714 -25.14 5.33 -8.85
CA VAL A 714 -26.50 5.82 -8.95
C VAL A 714 -26.85 6.63 -7.71
N THR A 715 -27.31 7.84 -7.91
CA THR A 715 -27.71 8.74 -6.83
C THR A 715 -29.18 8.56 -6.50
N GLY A 716 -29.49 8.44 -5.22
CA GLY A 716 -30.88 8.34 -4.79
C GLY A 716 -31.08 8.94 -3.42
N ASP A 717 -32.28 9.49 -3.19
CA ASP A 717 -32.56 10.14 -1.91
C ASP A 717 -33.96 9.86 -1.37
N GLY A 718 -34.68 8.89 -1.90
CA GLY A 718 -36.04 8.69 -1.47
C GLY A 718 -36.31 7.34 -0.86
N VAL A 719 -37.57 7.07 -0.53
CA VAL A 719 -37.95 5.76 -0.02
C VAL A 719 -37.98 4.74 -1.15
N ASN A 720 -38.54 5.10 -2.29
CA ASN A 720 -38.65 4.21 -3.43
C ASN A 720 -37.44 4.24 -4.34
N ASP A 721 -36.40 5.02 -4.01
CA ASP A 721 -35.13 4.91 -4.69
C ASP A 721 -34.32 3.73 -4.22
N SER A 722 -34.74 3.06 -3.15
CA SER A 722 -33.98 1.95 -2.60
C SER A 722 -33.86 0.71 -3.49
N PRO A 723 -34.83 0.33 -4.34
CA PRO A 723 -34.52 -0.76 -5.29
C PRO A 723 -33.42 -0.44 -6.27
N ALA A 724 -33.31 0.81 -6.71
CA ALA A 724 -32.22 1.20 -7.59
C ALA A 724 -30.89 1.33 -6.87
N LEU A 725 -30.90 1.54 -5.55
CA LEU A 725 -29.64 1.73 -4.85
C LEU A 725 -28.96 0.42 -4.53
N LYS A 726 -29.70 -0.59 -4.08
CA LYS A 726 -29.08 -1.90 -3.90
C LYS A 726 -29.29 -2.79 -5.12
N LYS A 727 -29.08 -2.21 -6.28
CA LYS A 727 -28.93 -2.91 -7.54
C LYS A 727 -27.78 -2.38 -8.37
N ALA A 728 -27.47 -1.10 -8.27
CA ALA A 728 -26.30 -0.53 -8.90
C ALA A 728 -25.04 -1.00 -8.19
N ASP A 729 -23.91 -0.83 -8.85
CA ASP A 729 -22.66 -1.24 -8.26
C ASP A 729 -22.22 -0.28 -7.17
N ILE A 730 -22.54 1.00 -7.30
CA ILE A 730 -22.35 1.97 -6.23
C ILE A 730 -23.68 2.69 -6.03
N GLY A 731 -24.23 2.59 -4.82
CA GLY A 731 -25.37 3.40 -4.46
C GLY A 731 -24.91 4.59 -3.65
N VAL A 732 -25.36 5.77 -4.06
CA VAL A 732 -24.93 7.02 -3.45
C VAL A 732 -26.18 7.66 -2.86
N ALA A 733 -26.24 7.73 -1.54
CA ALA A 733 -27.32 8.42 -0.86
C ALA A 733 -26.91 9.85 -0.56
N MET A 734 -27.90 10.68 -0.28
CA MET A 734 -27.64 12.07 0.07
C MET A 734 -27.64 12.23 1.58
N GLY A 735 -26.77 13.11 2.08
CA GLY A 735 -26.58 13.22 3.50
C GLY A 735 -27.44 14.29 4.16
N ILE A 736 -27.61 15.42 3.49
CA ILE A 736 -28.40 16.50 4.07
C ILE A 736 -29.88 16.28 3.82
N ALA A 737 -30.29 16.32 2.56
CA ALA A 737 -31.69 16.12 2.19
C ALA A 737 -31.90 14.67 1.76
N GLY A 738 -31.65 13.77 2.70
CA GLY A 738 -31.73 12.34 2.43
C GLY A 738 -32.53 11.63 3.50
N SER A 739 -33.17 10.55 3.09
CA SER A 739 -33.97 9.74 3.98
C SER A 739 -33.06 8.79 4.77
N ASP A 740 -33.66 7.97 5.62
CA ASP A 740 -32.91 6.93 6.32
C ASP A 740 -32.92 5.61 5.56
N VAL A 741 -34.00 5.30 4.86
CA VAL A 741 -34.04 4.10 4.03
C VAL A 741 -33.08 4.22 2.86
N SER A 742 -32.84 5.46 2.40
CA SER A 742 -31.88 5.66 1.32
C SER A 742 -30.45 5.47 1.80
N LYS A 743 -30.12 5.99 2.98
CA LYS A 743 -28.76 5.86 3.48
C LYS A 743 -28.56 4.60 4.30
N GLN A 744 -29.56 3.73 4.36
CA GLN A 744 -29.35 2.37 4.81
C GLN A 744 -29.08 1.41 3.67
N ALA A 745 -29.44 1.77 2.44
CA ALA A 745 -29.32 0.89 1.30
C ALA A 745 -28.20 1.28 0.35
N ALA A 746 -27.42 2.28 0.70
CA ALA A 746 -26.40 2.80 -0.21
C ALA A 746 -25.01 2.39 0.24
N ASP A 747 -24.11 2.31 -0.74
CA ASP A 747 -22.72 2.01 -0.45
C ASP A 747 -21.96 3.21 0.08
N MET A 748 -22.34 4.43 -0.31
CA MET A 748 -21.69 5.58 0.24
C MET A 748 -22.65 6.75 0.32
N ILE A 749 -22.27 7.72 1.15
CA ILE A 749 -23.10 8.86 1.50
C ILE A 749 -22.40 10.12 1.03
N LEU A 750 -23.13 11.01 0.39
CA LEU A 750 -22.61 12.32 0.01
C LEU A 750 -22.91 13.28 1.15
N LEU A 751 -21.86 13.82 1.77
CA LEU A 751 -22.08 14.66 2.94
C LEU A 751 -22.53 16.06 2.60
N ASP A 752 -22.39 16.49 1.35
CA ASP A 752 -22.74 17.86 0.99
C ASP A 752 -23.65 17.96 -0.22
N ASP A 753 -24.11 16.84 -0.77
CA ASP A 753 -25.06 16.75 -1.88
C ASP A 753 -24.55 17.46 -3.13
N ASN A 754 -23.37 17.07 -3.58
CA ASN A 754 -22.71 17.75 -4.67
C ASN A 754 -22.22 16.73 -5.68
N PHE A 755 -22.37 17.06 -6.96
CA PHE A 755 -21.97 16.13 -8.00
C PHE A 755 -20.45 16.08 -8.14
N ALA A 756 -19.74 17.15 -7.76
CA ALA A 756 -18.30 17.16 -7.91
C ALA A 756 -17.62 16.23 -6.92
N SER A 757 -18.26 15.99 -5.77
CA SER A 757 -17.65 15.13 -4.77
C SER A 757 -17.67 13.66 -5.18
N ILE A 758 -18.63 13.26 -6.03
CA ILE A 758 -18.61 11.93 -6.61
C ILE A 758 -17.40 11.77 -7.52
N VAL A 759 -17.06 12.82 -8.27
CA VAL A 759 -15.93 12.72 -9.19
C VAL A 759 -14.62 12.70 -8.44
N THR A 760 -14.52 13.46 -7.34
CA THR A 760 -13.31 13.34 -6.53
C THR A 760 -13.23 12.00 -5.80
N GLY A 761 -14.37 11.38 -5.50
CA GLY A 761 -14.35 10.01 -5.02
C GLY A 761 -13.87 9.02 -6.07
N VAL A 762 -14.19 9.27 -7.33
CA VAL A 762 -13.68 8.41 -8.41
C VAL A 762 -12.17 8.57 -8.57
N GLU A 763 -11.66 9.79 -8.40
CA GLU A 763 -10.21 10.00 -8.42
C GLU A 763 -9.51 9.28 -7.26
N GLU A 764 -10.09 9.38 -6.06
CA GLU A 764 -9.51 8.70 -4.91
C GLU A 764 -9.58 7.19 -5.04
N GLY A 765 -10.62 6.67 -5.67
CA GLY A 765 -10.66 5.24 -5.93
C GLY A 765 -9.68 4.81 -7.00
N ARG A 766 -9.39 5.69 -7.96
CA ARG A 766 -8.43 5.37 -8.99
C ARG A 766 -7.01 5.38 -8.49
N LEU A 767 -6.74 6.09 -7.40
CA LEU A 767 -5.37 6.18 -6.89
C LEU A 767 -4.83 4.86 -6.34
N ILE A 768 -5.69 3.99 -5.81
CA ILE A 768 -5.18 2.82 -5.10
C ILE A 768 -4.57 1.76 -6.00
N PHE A 769 -4.95 1.69 -7.26
CA PHE A 769 -4.35 0.68 -8.13
C PHE A 769 -2.94 1.07 -8.55
N ASP A 770 -2.73 2.36 -8.82
CA ASP A 770 -1.38 2.87 -9.03
C ASP A 770 -0.51 2.67 -7.81
N ASN A 771 -1.03 3.04 -6.63
CA ASN A 771 -0.21 2.96 -5.43
C ASN A 771 0.07 1.52 -5.01
N LEU A 772 -0.78 0.57 -5.37
CA LEU A 772 -0.45 -0.83 -5.10
C LEU A 772 0.54 -1.39 -6.11
N LYS A 773 0.40 -1.02 -7.38
CA LYS A 773 1.32 -1.51 -8.41
C LYS A 773 2.74 -1.02 -8.18
N LYS A 774 2.89 0.21 -7.69
CA LYS A 774 4.22 0.75 -7.40
C LYS A 774 4.89 0.00 -6.25
N SER A 775 4.11 -0.37 -5.23
CA SER A 775 4.67 -1.06 -4.09
C SER A 775 5.05 -2.50 -4.44
N ILE A 776 4.21 -3.16 -5.24
CA ILE A 776 4.55 -4.50 -5.71
C ILE A 776 5.79 -4.47 -6.59
N ALA A 777 5.93 -3.45 -7.43
CA ALA A 777 7.11 -3.34 -8.26
C ALA A 777 8.36 -3.03 -7.44
N TYR A 778 8.21 -2.37 -6.30
CA TYR A 778 9.39 -2.13 -5.48
C TYR A 778 9.82 -3.37 -4.70
N THR A 779 8.88 -4.14 -4.15
CA THR A 779 9.28 -5.26 -3.30
C THR A 779 9.93 -6.41 -4.07
N LEU A 780 9.68 -6.55 -5.35
CA LEU A 780 10.16 -7.71 -6.08
C LEU A 780 11.58 -7.56 -6.60
N THR A 781 12.17 -6.38 -6.54
CA THR A 781 13.45 -6.18 -7.20
C THR A 781 14.63 -6.67 -6.40
N SER A 782 14.42 -6.98 -5.12
CA SER A 782 15.50 -7.44 -4.24
C SER A 782 15.62 -8.95 -4.15
N ASN A 783 15.07 -9.67 -5.12
CA ASN A 783 15.16 -11.13 -5.10
C ASN A 783 16.35 -11.64 -5.88
N ILE A 784 16.71 -10.97 -6.98
CA ILE A 784 17.91 -11.34 -7.73
C ILE A 784 19.21 -11.14 -6.94
N PRO A 785 19.43 -10.02 -6.23
CA PRO A 785 20.65 -9.94 -5.41
C PRO A 785 20.69 -10.89 -4.23
N GLU A 786 19.58 -11.44 -3.79
CA GLU A 786 19.60 -12.38 -2.69
C GLU A 786 19.75 -13.81 -3.15
N ILE A 787 19.69 -14.06 -4.45
CA ILE A 787 19.73 -15.41 -5.00
C ILE A 787 21.01 -15.65 -5.77
N THR A 788 21.38 -14.72 -6.66
CA THR A 788 22.52 -14.96 -7.55
C THR A 788 23.91 -15.12 -6.93
N PRO A 789 24.24 -14.59 -5.73
CA PRO A 789 25.54 -14.92 -5.13
C PRO A 789 25.81 -16.40 -4.94
N PHE A 790 24.84 -17.19 -4.50
CA PHE A 790 25.05 -18.62 -4.34
C PHE A 790 25.21 -19.32 -5.69
N LEU A 791 24.52 -18.85 -6.72
CA LEU A 791 24.67 -19.47 -8.04
C LEU A 791 26.04 -19.20 -8.63
N ILE A 792 26.55 -17.97 -8.49
CA ILE A 792 27.90 -17.71 -8.99
C ILE A 792 28.95 -18.37 -8.10
N PHE A 793 28.63 -18.55 -6.81
CA PHE A 793 29.51 -19.24 -5.89
C PHE A 793 29.65 -20.71 -6.24
N ILE A 794 28.59 -21.32 -6.75
CA ILE A 794 28.65 -22.74 -7.09
C ILE A 794 28.99 -22.99 -8.57
N ILE A 795 28.84 -22.00 -9.44
CA ILE A 795 29.16 -22.17 -10.85
C ILE A 795 30.59 -21.79 -11.15
N ALA A 796 31.01 -20.59 -10.75
CA ALA A 796 32.34 -20.10 -11.06
C ALA A 796 33.37 -20.43 -9.98
N ASN A 797 32.93 -20.95 -8.84
CA ASN A 797 33.78 -21.39 -7.73
C ASN A 797 34.66 -20.27 -7.17
N ILE A 798 34.01 -19.16 -6.83
CA ILE A 798 34.69 -18.05 -6.18
C ILE A 798 34.31 -18.09 -4.71
N PRO A 799 35.02 -17.41 -3.81
CA PRO A 799 34.54 -17.27 -2.43
C PRO A 799 33.22 -16.52 -2.36
N LEU A 800 32.42 -16.87 -1.36
CA LEU A 800 31.01 -16.53 -1.31
C LEU A 800 30.77 -15.04 -1.12
N PRO A 801 30.04 -14.38 -2.01
CA PRO A 801 29.91 -12.92 -1.90
C PRO A 801 28.89 -12.45 -0.89
N LEU A 802 27.94 -13.29 -0.47
CA LEU A 802 26.86 -12.85 0.41
C LEU A 802 26.41 -14.00 1.28
N GLY A 803 26.26 -13.73 2.58
CA GLY A 803 25.86 -14.74 3.53
C GLY A 803 24.43 -14.57 4.00
N THR A 804 24.07 -15.39 4.98
CA THR A 804 22.67 -15.47 5.41
C THR A 804 22.24 -14.27 6.25
N VAL A 805 23.10 -13.84 7.17
CA VAL A 805 22.78 -12.74 8.08
C VAL A 805 22.58 -11.45 7.29
N THR A 806 23.44 -11.20 6.30
CA THR A 806 23.30 -10.00 5.50
C THR A 806 22.11 -10.06 4.56
N ILE A 807 21.67 -11.27 4.18
CA ILE A 807 20.41 -11.41 3.46
C ILE A 807 19.24 -10.96 4.32
N LEU A 808 19.24 -11.39 5.59
CA LEU A 808 18.19 -10.97 6.51
C LEU A 808 18.23 -9.48 6.78
N CYS A 809 19.42 -8.89 6.83
CA CYS A 809 19.54 -7.45 7.05
C CYS A 809 19.04 -6.64 5.85
N ILE A 810 19.43 -7.06 4.63
CA ILE A 810 18.91 -6.47 3.39
C ILE A 810 17.40 -6.47 3.38
N ASP A 811 16.81 -7.65 3.65
CA ASP A 811 15.37 -7.79 3.53
C ASP A 811 14.65 -7.00 4.61
N LEU A 812 15.15 -7.07 5.86
CA LEU A 812 14.56 -6.35 6.99
C LEU A 812 14.46 -4.86 6.72
N GLY A 813 15.60 -4.20 6.50
CA GLY A 813 15.55 -2.76 6.25
C GLY A 813 14.82 -2.33 4.99
N THR A 814 15.36 -2.78 3.84
CA THR A 814 14.96 -2.29 2.54
C THR A 814 13.63 -2.86 2.07
N ASP A 815 13.00 -3.76 2.82
CA ASP A 815 11.66 -4.18 2.49
C ASP A 815 10.70 -3.96 3.63
N MET A 816 11.17 -3.45 4.76
CA MET A 816 10.22 -3.10 5.80
C MET A 816 9.70 -1.69 5.59
N VAL A 817 10.59 -0.69 5.66
CA VAL A 817 10.00 0.66 5.67
C VAL A 817 9.69 1.26 4.28
N PRO A 818 10.60 1.23 3.29
CA PRO A 818 10.26 1.88 2.01
C PRO A 818 9.19 1.17 1.19
N ALA A 819 8.86 -0.07 1.50
CA ALA A 819 7.74 -0.70 0.80
C ALA A 819 6.41 -0.14 1.26
N ILE A 820 6.30 0.19 2.55
CA ILE A 820 5.07 0.81 3.05
C ILE A 820 5.04 2.30 2.75
N SER A 821 6.18 2.92 2.46
CA SER A 821 6.15 4.35 2.15
C SER A 821 5.48 4.67 0.82
N LEU A 822 5.38 3.71 -0.10
CA LEU A 822 4.84 3.97 -1.43
C LEU A 822 3.32 3.97 -1.46
N ALA A 823 2.66 3.73 -0.33
CA ALA A 823 1.22 3.80 -0.26
C ALA A 823 0.73 5.21 0.04
N TYR A 824 1.59 6.08 0.53
CA TYR A 824 1.28 7.47 0.80
C TYR A 824 1.56 8.37 -0.38
N GLU A 825 1.84 7.80 -1.54
CA GLU A 825 2.22 8.58 -2.69
C GLU A 825 1.01 9.33 -3.24
N GLN A 826 1.23 10.55 -3.68
CA GLN A 826 0.15 11.39 -4.17
C GLN A 826 -0.25 10.97 -5.58
N ALA A 827 -1.16 11.72 -6.20
CA ALA A 827 -1.64 11.38 -7.52
C ALA A 827 -0.68 11.89 -8.58
N GLU A 828 -0.91 11.48 -9.82
CA GLU A 828 -0.14 11.97 -10.94
C GLU A 828 -0.95 13.00 -11.71
N SER A 829 -0.33 13.58 -12.73
CA SER A 829 -0.97 14.65 -13.49
C SER A 829 -2.08 14.16 -14.39
N ASP A 830 -2.14 12.88 -14.70
CA ASP A 830 -3.07 12.37 -15.69
C ASP A 830 -3.77 11.12 -15.17
N ILE A 831 -4.27 11.17 -13.95
CA ILE A 831 -5.03 10.03 -13.47
C ILE A 831 -6.46 10.08 -14.00
N MET A 832 -7.02 11.28 -14.19
CA MET A 832 -8.29 11.41 -14.90
C MET A 832 -8.08 11.70 -16.37
N LYS A 833 -7.23 10.93 -17.03
CA LYS A 833 -7.05 11.02 -18.47
C LYS A 833 -7.03 9.66 -19.13
N ARG A 834 -7.33 8.60 -18.38
CA ARG A 834 -7.26 7.24 -18.89
C ARG A 834 -8.63 6.59 -18.79
N GLN A 835 -8.77 5.47 -19.48
CA GLN A 835 -10.03 4.76 -19.48
C GLN A 835 -10.25 4.09 -18.14
N PRO A 836 -11.50 3.80 -17.78
CA PRO A 836 -11.76 3.00 -16.58
C PRO A 836 -11.21 1.59 -16.75
N ARG A 837 -10.67 1.06 -15.67
CA ARG A 837 -10.12 -0.28 -15.74
C ARG A 837 -11.25 -1.30 -15.79
N ASN A 838 -11.01 -2.37 -16.54
CA ASN A 838 -11.98 -3.46 -16.60
C ASN A 838 -11.58 -4.49 -15.58
N PRO A 839 -12.31 -4.63 -14.47
CA PRO A 839 -11.83 -5.49 -13.38
C PRO A 839 -12.13 -6.96 -13.58
N LYS A 840 -11.95 -7.43 -14.82
CA LYS A 840 -11.89 -8.84 -15.18
C LYS A 840 -10.76 -9.11 -16.16
N THR A 841 -10.14 -8.07 -16.72
CA THR A 841 -9.06 -8.19 -17.70
C THR A 841 -7.76 -7.57 -17.20
N ASP A 842 -7.81 -6.37 -16.63
CA ASP A 842 -6.63 -5.76 -16.04
C ASP A 842 -6.40 -6.32 -14.65
N LYS A 843 -5.35 -7.11 -14.49
CA LYS A 843 -4.95 -7.61 -13.19
C LYS A 843 -3.85 -6.75 -12.61
N LEU A 844 -3.53 -6.98 -11.34
CA LEU A 844 -2.44 -6.24 -10.71
C LEU A 844 -1.09 -6.67 -11.24
N VAL A 845 -0.89 -7.97 -11.42
CA VAL A 845 0.42 -8.51 -11.78
C VAL A 845 0.36 -8.95 -13.23
N ASN A 846 1.13 -8.28 -14.07
CA ASN A 846 1.23 -8.58 -15.48
C ASN A 846 2.48 -9.40 -15.73
N GLU A 847 2.82 -9.50 -17.01
CA GLU A 847 4.04 -10.16 -17.46
C GLU A 847 5.08 -9.04 -17.52
N ARG A 848 4.63 -7.84 -17.89
CA ARG A 848 5.49 -6.66 -17.96
C ARG A 848 6.06 -6.31 -16.61
N LEU A 849 5.28 -6.45 -15.55
CA LEU A 849 5.74 -6.15 -14.20
C LEU A 849 6.82 -7.12 -13.75
N ILE A 850 6.62 -8.41 -14.01
CA ILE A 850 7.59 -9.43 -13.62
C ILE A 850 8.87 -9.27 -14.42
N SER A 851 8.77 -8.95 -15.71
CA SER A 851 9.97 -8.81 -16.52
C SER A 851 10.71 -7.51 -16.19
N MET A 852 10.00 -6.49 -15.71
CA MET A 852 10.68 -5.27 -15.31
C MET A 852 11.35 -5.42 -13.95
N ALA A 853 10.70 -6.09 -13.01
CA ALA A 853 11.26 -6.20 -11.67
C ALA A 853 12.38 -7.22 -11.62
N TYR A 854 12.20 -8.40 -12.21
CA TYR A 854 13.22 -9.42 -12.18
C TYR A 854 14.26 -9.22 -13.27
N GLY A 855 13.80 -9.01 -14.51
CA GLY A 855 14.69 -9.09 -15.64
C GLY A 855 15.59 -7.90 -15.85
N GLN A 856 15.19 -6.71 -15.41
CA GLN A 856 15.93 -5.50 -15.74
C GLN A 856 16.50 -4.79 -14.52
N ILE A 857 15.69 -4.46 -13.51
CA ILE A 857 16.22 -3.68 -12.39
C ILE A 857 17.00 -4.58 -11.43
N GLY A 858 16.54 -5.81 -11.23
CA GLY A 858 17.24 -6.72 -10.34
C GLY A 858 18.63 -7.10 -10.82
N MET A 859 18.85 -7.12 -12.13
CA MET A 859 20.16 -7.48 -12.65
C MET A 859 21.18 -6.37 -12.43
N ILE A 860 20.77 -5.13 -12.64
CA ILE A 860 21.66 -4.00 -12.34
C ILE A 860 21.92 -3.92 -10.84
N GLN A 861 20.92 -4.26 -10.03
CA GLN A 861 21.12 -4.27 -8.59
C GLN A 861 22.06 -5.38 -8.14
N ALA A 862 22.09 -6.51 -8.86
CA ALA A 862 23.04 -7.56 -8.52
C ALA A 862 24.45 -7.19 -8.96
N LEU A 863 24.59 -6.60 -10.15
CA LEU A 863 25.91 -6.24 -10.65
C LEU A 863 26.54 -5.13 -9.83
N GLY A 864 25.74 -4.24 -9.26
CA GLY A 864 26.27 -3.20 -8.40
C GLY A 864 26.92 -3.71 -7.14
N GLY A 865 26.50 -4.87 -6.65
CA GLY A 865 27.13 -5.46 -5.49
C GLY A 865 28.33 -6.32 -5.87
N PHE A 866 28.24 -7.00 -7.02
CA PHE A 866 29.37 -7.81 -7.48
C PHE A 866 30.58 -6.96 -7.80
N PHE A 867 30.35 -5.73 -8.29
CA PHE A 867 31.45 -4.81 -8.52
C PHE A 867 32.18 -4.46 -7.24
N THR A 868 31.44 -4.22 -6.16
CA THR A 868 32.06 -3.87 -4.88
C THR A 868 32.82 -5.04 -4.28
N TYR A 869 32.29 -6.25 -4.51
CA TYR A 869 32.99 -7.48 -4.10
C TYR A 869 34.36 -7.59 -4.76
N PHE A 870 34.41 -7.42 -6.09
CA PHE A 870 35.68 -7.50 -6.78
C PHE A 870 36.62 -6.34 -6.43
N VAL A 871 36.06 -5.17 -6.08
CA VAL A 871 36.89 -4.04 -5.66
C VAL A 871 37.62 -4.36 -4.36
N ILE A 872 36.89 -4.86 -3.36
CA ILE A 872 37.51 -5.13 -2.06
C ILE A 872 38.52 -6.26 -2.16
N LEU A 873 38.17 -7.34 -2.86
CA LEU A 873 39.11 -8.44 -2.94
C LEU A 873 40.33 -8.11 -3.80
N ALA A 874 40.18 -7.22 -4.78
CA ALA A 874 41.32 -6.79 -5.58
C ALA A 874 42.23 -5.84 -4.80
N GLU A 875 41.66 -5.02 -3.92
CA GLU A 875 42.51 -4.10 -3.18
C GLU A 875 43.19 -4.76 -2.00
N ASN A 876 42.67 -5.87 -1.49
CA ASN A 876 43.41 -6.56 -0.44
C ASN A 876 44.45 -7.53 -0.98
N GLY A 877 44.37 -7.92 -2.26
CA GLY A 877 45.44 -8.69 -2.83
C GLY A 877 45.07 -9.81 -3.78
N PHE A 878 43.79 -10.01 -4.03
CA PHE A 878 43.31 -11.12 -4.85
C PHE A 878 42.66 -10.54 -6.10
N LEU A 879 43.36 -10.57 -7.21
CA LEU A 879 42.84 -10.00 -8.44
C LEU A 879 41.73 -10.90 -9.01
N PRO A 880 40.86 -10.36 -9.88
CA PRO A 880 39.67 -11.13 -10.31
C PRO A 880 39.93 -12.47 -10.99
N ILE A 881 40.94 -12.59 -11.85
CA ILE A 881 41.16 -13.85 -12.55
C ILE A 881 41.75 -14.88 -11.61
N HIS A 882 42.44 -14.43 -10.55
CA HIS A 882 42.96 -15.34 -9.54
C HIS A 882 41.85 -16.00 -8.74
N LEU A 883 40.70 -15.35 -8.62
CA LEU A 883 39.61 -15.84 -7.80
C LEU A 883 38.84 -16.99 -8.43
N LEU A 884 38.95 -17.18 -9.73
CA LEU A 884 38.25 -18.27 -10.40
C LEU A 884 38.84 -19.60 -9.98
N GLY A 885 38.06 -20.40 -9.29
CA GLY A 885 38.51 -21.71 -8.85
C GLY A 885 39.14 -21.75 -7.49
N LEU A 886 39.00 -20.71 -6.69
CA LEU A 886 39.66 -20.64 -5.39
C LEU A 886 38.77 -21.12 -4.25
N ARG A 887 37.55 -21.55 -4.52
CA ARG A 887 36.56 -21.78 -3.47
C ARG A 887 36.95 -22.92 -2.53
N VAL A 888 37.57 -23.97 -3.06
CA VAL A 888 37.81 -25.15 -2.25
C VAL A 888 38.96 -24.92 -1.26
N ASP A 889 40.03 -24.27 -1.71
CA ASP A 889 41.13 -23.98 -0.81
C ASP A 889 40.82 -22.84 0.15
N TRP A 890 40.01 -21.88 -0.28
CA TRP A 890 39.65 -20.75 0.56
C TRP A 890 38.85 -21.20 1.77
N ASP A 891 37.97 -22.18 1.60
CA ASP A 891 37.11 -22.64 2.67
C ASP A 891 37.66 -23.83 3.42
N ASP A 892 38.86 -24.29 3.11
CA ASP A 892 39.50 -25.34 3.89
C ASP A 892 40.04 -24.75 5.18
N ARG A 893 39.63 -25.33 6.29
CA ARG A 893 39.95 -24.80 7.60
C ARG A 893 41.39 -25.06 7.99
N TRP A 894 42.03 -26.06 7.41
CA TRP A 894 43.38 -26.47 7.79
C TRP A 894 44.40 -26.19 6.69
N ILE A 895 44.16 -25.20 5.85
CA ILE A 895 45.15 -24.67 4.94
C ILE A 895 45.38 -23.24 5.35
N ASN A 896 46.49 -22.98 6.01
CA ASN A 896 46.78 -21.67 6.56
C ASN A 896 47.94 -20.98 5.87
N ASP A 897 48.14 -21.27 4.58
CA ASP A 897 48.96 -20.45 3.71
C ASP A 897 48.39 -20.56 2.30
N VAL A 898 47.49 -19.64 1.95
CA VAL A 898 46.87 -19.60 0.65
C VAL A 898 47.45 -18.40 -0.09
N GLU A 899 48.02 -18.65 -1.25
CA GLU A 899 48.81 -17.64 -1.94
C GLU A 899 47.91 -16.71 -2.72
N ASP A 900 48.12 -15.40 -2.58
CA ASP A 900 47.35 -14.43 -3.36
C ASP A 900 48.11 -14.05 -4.62
N SER A 901 47.66 -12.96 -5.27
CA SER A 901 48.24 -12.54 -6.53
C SER A 901 49.62 -11.96 -6.39
N TYR A 902 49.99 -11.49 -5.20
CA TYR A 902 51.30 -10.91 -4.98
C TYR A 902 52.28 -11.86 -4.32
N GLY A 903 51.84 -13.05 -3.94
CA GLY A 903 52.72 -14.05 -3.38
C GLY A 903 52.62 -14.19 -1.89
N GLN A 904 51.84 -13.37 -1.20
CA GLN A 904 51.70 -13.47 0.24
C GLN A 904 50.87 -14.69 0.61
N GLN A 905 50.98 -15.10 1.86
CA GLN A 905 50.32 -16.31 2.33
C GLN A 905 49.39 -16.00 3.49
N TRP A 906 48.18 -16.56 3.43
CA TRP A 906 47.07 -16.12 4.27
C TRP A 906 46.61 -17.25 5.18
N THR A 907 46.41 -16.94 6.45
CA THR A 907 45.79 -17.82 7.41
C THR A 907 44.28 -17.88 7.14
N TYR A 908 43.60 -18.92 7.67
CA TYR A 908 42.17 -19.11 7.42
C TYR A 908 41.35 -17.98 8.01
N GLU A 909 41.56 -17.66 9.29
CA GLU A 909 40.80 -16.58 9.89
C GLU A 909 41.24 -15.22 9.41
N GLN A 910 42.42 -15.13 8.78
CA GLN A 910 42.80 -13.88 8.17
C GLN A 910 41.98 -13.61 6.90
N ARG A 911 41.69 -14.65 6.12
CA ARG A 911 40.94 -14.44 4.90
C ARG A 911 39.43 -14.48 5.10
N LYS A 912 38.94 -15.10 6.17
CA LYS A 912 37.51 -15.03 6.45
C LYS A 912 37.08 -13.63 6.86
N ILE A 913 37.96 -12.85 7.46
CA ILE A 913 37.61 -11.47 7.81
C ILE A 913 37.47 -10.62 6.56
N VAL A 914 38.29 -10.89 5.54
CA VAL A 914 38.15 -10.21 4.26
C VAL A 914 36.86 -10.62 3.56
N GLU A 915 36.49 -11.89 3.67
CA GLU A 915 35.21 -12.34 3.11
C GLU A 915 34.01 -11.70 3.81
N PHE A 916 34.09 -11.51 5.11
CA PHE A 916 32.96 -10.90 5.82
C PHE A 916 32.91 -9.39 5.62
N THR A 917 34.05 -8.76 5.36
CA THR A 917 34.03 -7.38 4.86
C THR A 917 33.35 -7.29 3.51
N CYS A 918 33.56 -8.29 2.66
CA CYS A 918 32.87 -8.32 1.36
C CYS A 918 31.36 -8.48 1.53
N HIS A 919 30.94 -9.28 2.52
CA HIS A 919 29.51 -9.43 2.81
C HIS A 919 28.89 -8.10 3.26
N THR A 920 29.60 -7.41 4.16
CA THR A 920 29.16 -6.10 4.66
C THR A 920 28.99 -5.09 3.53
N ALA A 921 29.96 -5.04 2.62
CA ALA A 921 29.84 -4.08 1.54
C ALA A 921 28.85 -4.48 0.48
N PHE A 922 28.54 -5.78 0.34
CA PHE A 922 27.42 -6.20 -0.49
C PHE A 922 26.11 -5.63 0.06
N PHE A 923 25.91 -5.71 1.38
CA PHE A 923 24.71 -5.15 1.99
C PHE A 923 24.63 -3.64 1.81
N VAL A 924 25.77 -2.94 1.94
CA VAL A 924 25.77 -1.48 1.77
C VAL A 924 25.48 -1.09 0.32
N SER A 925 26.03 -1.83 -0.65
CA SER A 925 25.77 -1.51 -2.05
C SER A 925 24.33 -1.80 -2.44
N ILE A 926 23.71 -2.81 -1.84
CA ILE A 926 22.30 -3.05 -2.10
C ILE A 926 21.45 -1.92 -1.56
N VAL A 927 21.82 -1.36 -0.40
CA VAL A 927 21.10 -0.19 0.12
C VAL A 927 21.22 1.00 -0.83
N VAL A 928 22.41 1.20 -1.39
CA VAL A 928 22.66 2.35 -2.27
C VAL A 928 21.89 2.22 -3.58
N VAL A 929 21.78 1.02 -4.13
CA VAL A 929 20.96 0.91 -5.35
C VAL A 929 19.46 0.88 -5.05
N GLN A 930 19.05 0.51 -3.83
CA GLN A 930 17.63 0.57 -3.51
C GLN A 930 17.16 1.99 -3.30
N TRP A 931 18.06 2.94 -3.00
CA TRP A 931 17.73 4.36 -3.08
C TRP A 931 17.14 4.73 -4.43
N ALA A 932 17.88 4.44 -5.50
CA ALA A 932 17.46 4.81 -6.84
C ALA A 932 16.26 4.00 -7.29
N ASP A 933 16.14 2.75 -6.84
CA ASP A 933 14.94 1.98 -7.14
C ASP A 933 13.69 2.59 -6.50
N LEU A 934 13.79 3.03 -5.24
CA LEU A 934 12.65 3.65 -4.59
C LEU A 934 12.31 5.00 -5.21
N VAL A 935 13.29 5.72 -5.72
CA VAL A 935 13.00 7.00 -6.38
C VAL A 935 12.34 6.77 -7.74
N ILE A 936 12.78 5.76 -8.50
CA ILE A 936 12.14 5.55 -9.79
C ILE A 936 10.78 4.86 -9.69
N CYS A 937 10.49 4.14 -8.62
CA CYS A 937 9.20 3.46 -8.54
C CYS A 937 8.05 4.36 -8.13
N LYS A 938 8.30 5.62 -7.80
CA LYS A 938 7.22 6.43 -7.28
C LYS A 938 6.36 7.06 -8.37
N THR A 939 6.78 7.01 -9.63
CA THR A 939 5.94 7.41 -10.74
C THR A 939 5.85 6.27 -11.73
N ARG A 940 4.93 6.39 -12.67
CA ARG A 940 4.77 5.37 -13.69
C ARG A 940 4.99 5.90 -15.10
N ARG A 941 4.57 7.12 -15.38
CA ARG A 941 4.94 7.76 -16.64
C ARG A 941 5.39 9.20 -16.50
N ASN A 942 5.02 9.92 -15.44
CA ASN A 942 5.61 11.22 -15.18
C ASN A 942 7.04 11.04 -14.69
N SER A 943 7.80 12.12 -14.72
CA SER A 943 9.13 12.11 -14.15
C SER A 943 9.09 12.69 -12.73
N VAL A 944 10.18 12.47 -11.99
CA VAL A 944 10.25 12.98 -10.63
C VAL A 944 10.58 14.46 -10.57
N PHE A 945 10.85 15.09 -11.71
CA PHE A 945 11.04 16.52 -11.72
C PHE A 945 9.72 17.28 -11.87
N GLN A 946 8.69 16.64 -12.41
CA GLN A 946 7.37 17.24 -12.47
C GLN A 946 6.40 16.57 -11.50
N GLN A 947 6.92 15.85 -10.53
CA GLN A 947 6.14 15.26 -9.46
C GLN A 947 6.53 15.80 -8.10
N GLY A 948 7.81 15.98 -7.85
CA GLY A 948 8.29 16.52 -6.60
C GLY A 948 8.64 15.43 -5.61
N MET A 949 9.06 15.89 -4.44
CA MET A 949 9.47 15.01 -3.33
C MET A 949 8.68 15.35 -2.09
N LYS A 950 7.37 15.43 -2.24
CA LYS A 950 6.50 15.85 -1.14
C LYS A 950 6.12 14.72 -0.20
N ASN A 951 6.36 13.47 -0.59
CA ASN A 951 6.15 12.33 0.29
C ASN A 951 7.24 12.31 1.34
N LYS A 952 6.86 12.37 2.62
CA LYS A 952 7.83 12.43 3.69
C LYS A 952 8.09 11.09 4.34
N ILE A 953 7.15 10.15 4.24
CA ILE A 953 7.39 8.79 4.69
C ILE A 953 8.50 8.15 3.86
N LEU A 954 8.57 8.51 2.57
CA LEU A 954 9.61 8.00 1.69
C LEU A 954 10.98 8.53 2.10
N ILE A 955 11.04 9.80 2.51
CA ILE A 955 12.32 10.40 2.90
C ILE A 955 12.78 9.83 4.24
N PHE A 956 11.83 9.57 5.14
CA PHE A 956 12.17 8.87 6.38
C PHE A 956 12.64 7.45 6.10
N GLY A 957 12.08 6.79 5.09
CA GLY A 957 12.55 5.46 4.74
C GLY A 957 13.96 5.45 4.19
N LEU A 958 14.30 6.46 3.39
CA LEU A 958 15.67 6.60 2.87
C LEU A 958 16.67 6.82 4.00
N PHE A 959 16.37 7.74 4.91
CA PHE A 959 17.25 8.00 6.03
C PHE A 959 17.35 6.82 6.98
N GLU A 960 16.27 6.06 7.14
CA GLU A 960 16.29 4.89 8.00
C GLU A 960 17.18 3.79 7.41
N GLU A 961 17.09 3.58 6.09
CA GLU A 961 17.99 2.66 5.37
C GLU A 961 19.44 2.99 5.62
N THR A 962 19.81 4.26 5.38
CA THR A 962 21.22 4.65 5.45
C THR A 962 21.73 4.61 6.88
N ALA A 963 20.89 4.98 7.85
CA ALA A 963 21.32 4.98 9.25
C ALA A 963 21.51 3.55 9.76
N LEU A 964 20.62 2.63 9.39
CA LEU A 964 20.78 1.24 9.79
C LEU A 964 22.03 0.62 9.18
N ALA A 965 22.30 0.93 7.91
CA ALA A 965 23.50 0.38 7.28
C ALA A 965 24.78 0.93 7.86
N ALA A 966 24.79 2.19 8.28
CA ALA A 966 26.00 2.74 8.87
C ALA A 966 26.22 2.22 10.29
N PHE A 967 25.14 2.07 11.05
CA PHE A 967 25.29 1.60 12.42
C PHE A 967 25.65 0.13 12.48
N LEU A 968 25.09 -0.70 11.61
CA LEU A 968 25.42 -2.12 11.62
C LEU A 968 26.86 -2.40 11.23
N SER A 969 27.52 -1.48 10.55
CA SER A 969 28.91 -1.63 10.17
C SER A 969 29.88 -1.01 11.16
N TYR A 970 29.64 0.20 11.64
CA TYR A 970 30.66 0.90 12.40
C TYR A 970 30.50 0.79 13.91
N CYS A 971 29.48 0.10 14.39
CA CYS A 971 29.34 -0.08 15.84
C CYS A 971 30.37 -1.09 16.35
N PRO A 972 30.98 -0.84 17.51
CA PRO A 972 31.86 -1.85 18.09
C PRO A 972 31.07 -3.02 18.65
N GLY A 973 31.60 -4.22 18.48
CA GLY A 973 30.92 -5.43 18.88
C GLY A 973 30.13 -6.10 17.79
N MET A 974 29.99 -5.46 16.63
CA MET A 974 29.32 -6.08 15.50
C MET A 974 30.19 -7.12 14.83
N GLY A 975 31.49 -7.13 15.10
CA GLY A 975 32.36 -8.08 14.47
C GLY A 975 32.25 -9.49 15.01
N VAL A 976 31.76 -9.63 16.25
CA VAL A 976 31.71 -10.95 16.85
C VAL A 976 30.28 -11.47 16.86
N ALA A 977 29.30 -10.57 16.74
CA ALA A 977 27.91 -10.98 16.79
C ALA A 977 27.35 -11.20 15.39
N LEU A 978 27.38 -10.17 14.56
CA LEU A 978 26.91 -10.29 13.19
C LEU A 978 28.00 -10.75 12.24
N ARG A 979 29.27 -10.63 12.65
CA ARG A 979 30.45 -10.75 11.80
C ARG A 979 30.36 -9.79 10.61
N MET A 980 30.21 -8.52 10.95
CA MET A 980 30.19 -7.42 9.99
C MET A 980 31.28 -6.44 10.37
N TYR A 981 32.11 -6.06 9.40
CA TYR A 981 33.36 -5.35 9.66
C TYR A 981 33.33 -3.97 9.03
N PRO A 982 34.11 -3.01 9.56
CA PRO A 982 34.03 -1.64 9.05
C PRO A 982 34.59 -1.48 7.64
N LEU A 983 34.01 -0.53 6.92
CA LEU A 983 34.40 -0.23 5.55
C LEU A 983 35.24 1.03 5.49
N LYS A 984 36.18 1.04 4.56
CA LYS A 984 36.89 2.25 4.21
C LYS A 984 35.91 3.26 3.62
N PRO A 985 36.17 4.57 3.76
CA PRO A 985 35.22 5.57 3.25
C PRO A 985 35.10 5.56 1.75
N THR A 986 36.13 5.16 1.02
CA THR A 986 36.10 5.16 -0.42
C THR A 986 35.37 3.95 -1.00
N TRP A 987 35.04 2.96 -0.18
CA TRP A 987 34.26 1.81 -0.64
C TRP A 987 32.77 2.06 -0.59
N TRP A 988 32.34 3.21 -0.06
CA TRP A 988 30.94 3.54 -0.02
C TRP A 988 30.43 4.07 -1.34
N PHE A 989 31.32 4.52 -2.22
CA PHE A 989 30.97 5.09 -3.51
C PHE A 989 31.18 4.11 -4.65
N CYS A 990 31.16 2.82 -4.37
CA CYS A 990 31.37 1.83 -5.42
C CYS A 990 30.09 1.54 -6.20
N ALA A 991 28.92 1.71 -5.58
CA ALA A 991 27.66 1.40 -6.23
C ALA A 991 26.95 2.63 -6.77
N PHE A 992 27.59 3.79 -6.71
CA PHE A 992 27.02 4.99 -7.32
C PHE A 992 26.84 4.93 -8.84
N PRO A 993 27.73 4.33 -9.67
CA PRO A 993 27.41 4.24 -11.10
C PRO A 993 26.20 3.40 -11.41
N TYR A 994 25.90 2.39 -10.62
CA TYR A 994 24.77 1.53 -10.94
C TYR A 994 23.46 2.14 -10.49
N SER A 995 23.46 2.89 -9.38
CA SER A 995 22.33 3.73 -9.02
C SER A 995 22.04 4.77 -10.09
N LEU A 996 23.09 5.43 -10.59
CA LEU A 996 22.90 6.41 -11.65
C LEU A 996 22.43 5.77 -12.94
N LEU A 997 22.88 4.55 -13.23
CA LEU A 997 22.45 3.86 -14.44
C LEU A 997 20.97 3.47 -14.37
N ILE A 998 20.53 3.01 -13.19
CA ILE A 998 19.11 2.72 -12.96
C ILE A 998 18.27 3.98 -13.15
N PHE A 999 18.71 5.10 -12.59
CA PHE A 999 17.97 6.35 -12.68
C PHE A 999 17.88 6.85 -14.11
N VAL A 1000 19.00 6.84 -14.83
CA VAL A 1000 19.04 7.36 -16.20
C VAL A 1000 18.20 6.50 -17.14
N TYR A 1001 18.32 5.17 -17.03
CA TYR A 1001 17.57 4.27 -17.89
C TYR A 1001 16.07 4.39 -17.65
N ASP A 1002 15.67 4.47 -16.38
CA ASP A 1002 14.25 4.51 -16.11
C ASP A 1002 13.63 5.88 -16.33
N GLU A 1003 14.43 6.95 -16.36
CA GLU A 1003 13.90 8.23 -16.82
C GLU A 1003 13.71 8.24 -18.33
N VAL A 1004 14.69 7.74 -19.08
CA VAL A 1004 14.63 7.79 -20.53
C VAL A 1004 13.51 6.89 -21.06
N ARG A 1005 13.25 5.76 -20.40
CA ARG A 1005 12.15 4.89 -20.80
C ARG A 1005 10.80 5.57 -20.63
N LYS A 1006 10.62 6.32 -19.53
CA LYS A 1006 9.37 7.03 -19.34
C LYS A 1006 9.23 8.20 -20.30
N LEU A 1007 10.34 8.82 -20.71
CA LEU A 1007 10.26 9.86 -21.73
C LEU A 1007 9.85 9.28 -23.08
N ILE A 1008 10.34 8.09 -23.42
CA ILE A 1008 9.90 7.43 -24.65
C ILE A 1008 8.42 7.05 -24.57
N ILE A 1009 7.95 6.66 -23.37
CA ILE A 1009 6.53 6.33 -23.21
C ILE A 1009 5.66 7.57 -23.36
N ARG A 1010 6.09 8.70 -22.82
CA ARG A 1010 5.29 9.93 -22.92
C ARG A 1010 5.30 10.48 -24.34
N ARG A 1011 6.44 10.41 -25.04
CA ARG A 1011 6.52 11.05 -26.34
C ARG A 1011 5.79 10.26 -27.42
N ARG A 1012 5.77 8.94 -27.31
CA ARG A 1012 5.22 8.06 -28.35
C ARG A 1012 4.23 7.09 -27.72
N PRO A 1013 2.98 7.52 -27.52
CA PRO A 1013 2.00 6.63 -26.89
C PRO A 1013 1.50 5.57 -27.84
N GLY A 1014 1.29 4.37 -27.30
CA GLY A 1014 0.92 3.24 -28.12
C GLY A 1014 2.07 2.62 -28.88
N GLY A 1015 3.30 3.03 -28.62
CA GLY A 1015 4.45 2.50 -29.31
C GLY A 1015 4.85 1.14 -28.80
N TRP A 1016 6.04 0.72 -29.20
CA TRP A 1016 6.53 -0.59 -28.82
C TRP A 1016 6.92 -0.63 -27.34
N VAL A 1017 7.52 0.46 -26.85
CA VAL A 1017 7.96 0.53 -25.47
C VAL A 1017 6.77 0.53 -24.51
N GLU A 1018 5.65 1.12 -24.92
CA GLU A 1018 4.48 1.06 -24.06
C GLU A 1018 3.82 -0.30 -24.10
N LYS A 1019 4.02 -1.06 -25.18
CA LYS A 1019 3.51 -2.43 -25.21
C LYS A 1019 4.32 -3.33 -24.31
N GLU A 1020 5.65 -3.16 -24.28
CA GLU A 1020 6.48 -4.15 -23.61
C GLU A 1020 6.96 -3.76 -22.22
N THR A 1021 7.02 -2.47 -21.89
CA THR A 1021 7.60 -2.06 -20.62
C THR A 1021 6.66 -1.28 -19.71
N TYR A 1022 5.42 -1.03 -20.11
CA TYR A 1022 4.50 -0.30 -19.26
C TYR A 1022 3.76 -1.31 -18.38
N TYR A 1023 4.14 -1.37 -17.11
CA TYR A 1023 3.49 -2.33 -16.22
C TYR A 1023 2.23 -1.74 -15.62
N GLY B 10 -6.90 -29.86 -19.65
CA GLY B 10 -6.45 -28.52 -19.34
C GLY B 10 -6.78 -27.49 -20.42
N SER B 11 -5.84 -26.57 -20.65
CA SER B 11 -6.01 -25.45 -21.57
C SER B 11 -5.18 -25.64 -22.84
N TRP B 12 -5.19 -26.86 -23.37
CA TRP B 12 -4.43 -27.18 -24.57
C TRP B 12 -4.94 -26.42 -25.79
N LYS B 13 -4.06 -26.30 -26.79
CA LYS B 13 -4.33 -25.83 -28.15
C LYS B 13 -4.81 -24.38 -28.22
N LYS B 14 -4.74 -23.65 -27.14
CA LYS B 14 -5.07 -22.23 -27.12
C LYS B 14 -3.91 -21.37 -26.66
N PHE B 15 -3.26 -21.75 -25.57
CA PHE B 15 -2.13 -21.02 -25.02
C PHE B 15 -0.81 -21.63 -25.45
N ILE B 16 -0.84 -22.60 -26.36
CA ILE B 16 0.36 -23.20 -26.91
C ILE B 16 0.54 -22.85 -28.38
N TRP B 17 -0.51 -23.03 -29.17
CA TRP B 17 -0.43 -22.77 -30.60
C TRP B 17 -1.84 -22.56 -31.14
N ASN B 18 -1.97 -21.65 -32.10
CA ASN B 18 -3.27 -21.33 -32.68
C ASN B 18 -3.36 -21.73 -34.15
N SER B 19 -2.46 -21.22 -34.98
CA SER B 19 -2.46 -21.27 -36.44
C SER B 19 -3.73 -20.70 -37.07
N GLU B 20 -4.46 -19.85 -36.35
CA GLU B 20 -5.37 -18.90 -36.98
C GLU B 20 -4.96 -17.47 -36.71
N LYS B 21 -3.94 -17.29 -35.86
CA LYS B 21 -3.17 -16.06 -35.80
C LYS B 21 -1.68 -16.34 -35.79
N LYS B 22 -1.27 -17.61 -35.70
CA LYS B 22 0.11 -18.07 -35.59
C LYS B 22 0.83 -17.42 -34.41
N GLU B 23 0.32 -17.71 -33.21
CA GLU B 23 0.79 -17.08 -31.98
C GLU B 23 1.22 -18.16 -31.01
N PHE B 24 2.49 -18.56 -31.11
CA PHE B 24 3.06 -19.48 -30.14
C PHE B 24 3.28 -18.74 -28.83
N LEU B 25 2.71 -19.29 -27.75
CA LEU B 25 2.73 -18.71 -26.40
C LEU B 25 2.12 -17.30 -26.36
N GLY B 26 1.12 -17.07 -27.20
CA GLY B 26 0.44 -15.79 -27.15
C GLY B 26 1.20 -14.65 -27.77
N ARG B 27 2.18 -14.94 -28.61
CA ARG B 27 3.00 -13.92 -29.23
C ARG B 27 3.38 -14.39 -30.61
N THR B 28 3.14 -13.55 -31.62
CA THR B 28 3.47 -13.92 -32.98
C THR B 28 4.98 -13.93 -33.18
N GLY B 29 5.41 -14.59 -34.26
CA GLY B 29 6.83 -14.82 -34.49
C GLY B 29 7.64 -13.58 -34.80
N GLY B 30 7.01 -12.55 -35.35
CA GLY B 30 7.70 -11.30 -35.48
C GLY B 30 7.76 -10.49 -34.21
N SER B 31 6.97 -10.89 -33.20
CA SER B 31 7.05 -10.29 -31.88
C SER B 31 7.97 -11.04 -30.95
N TRP B 32 8.22 -12.31 -31.20
CA TRP B 32 9.21 -13.05 -30.43
C TRP B 32 10.62 -12.63 -30.80
N PHE B 33 10.83 -12.12 -32.00
CA PHE B 33 12.15 -11.71 -32.42
C PHE B 33 12.57 -10.42 -31.74
N LYS B 34 11.65 -9.46 -31.62
CA LYS B 34 12.00 -8.16 -31.05
C LYS B 34 12.24 -8.25 -29.56
N ILE B 35 11.45 -9.06 -28.85
CA ILE B 35 11.60 -9.17 -27.41
C ILE B 35 12.84 -9.96 -27.04
N LEU B 36 13.40 -10.75 -27.96
CA LEU B 36 14.67 -11.38 -27.69
C LEU B 36 15.85 -10.53 -28.12
N LEU B 37 15.68 -9.74 -29.17
CA LEU B 37 16.73 -8.79 -29.56
C LEU B 37 16.93 -7.73 -28.49
N PHE B 38 15.85 -7.32 -27.83
CA PHE B 38 15.96 -6.35 -26.75
C PHE B 38 16.78 -6.90 -25.59
N TYR B 39 16.56 -8.16 -25.23
CA TYR B 39 17.30 -8.69 -24.09
C TYR B 39 18.73 -9.03 -24.44
N VAL B 40 18.99 -9.39 -25.70
CA VAL B 40 20.37 -9.62 -26.13
C VAL B 40 21.17 -8.33 -26.08
N ILE B 41 20.61 -7.24 -26.64
CA ILE B 41 21.29 -5.94 -26.60
C ILE B 41 21.42 -5.42 -25.17
N PHE B 42 20.39 -5.66 -24.35
CA PHE B 42 20.39 -5.16 -22.97
C PHE B 42 21.46 -5.84 -22.12
N TYR B 43 21.55 -7.16 -22.19
CA TYR B 43 22.57 -7.86 -21.43
C TYR B 43 23.96 -7.67 -22.04
N GLY B 44 24.04 -7.39 -23.34
CA GLY B 44 25.33 -7.03 -23.92
C GLY B 44 25.87 -5.71 -23.38
N CYS B 45 25.02 -4.69 -23.30
CA CYS B 45 25.45 -3.42 -22.73
C CYS B 45 25.72 -3.53 -21.23
N LEU B 46 24.99 -4.39 -20.52
CA LEU B 46 25.29 -4.59 -19.10
C LEU B 46 26.63 -5.26 -18.89
N ALA B 47 26.94 -6.29 -19.69
CA ALA B 47 28.25 -6.92 -19.61
C ALA B 47 29.37 -5.96 -19.98
N GLY B 48 29.12 -5.09 -20.97
CA GLY B 48 30.11 -4.10 -21.34
C GLY B 48 30.41 -3.09 -20.26
N ILE B 49 29.37 -2.59 -19.59
CA ILE B 49 29.57 -1.61 -18.52
C ILE B 49 30.27 -2.26 -17.32
N PHE B 50 29.95 -3.52 -17.03
CA PHE B 50 30.61 -4.24 -15.93
C PHE B 50 32.10 -4.45 -16.20
N ILE B 51 32.43 -4.91 -17.42
CA ILE B 51 33.83 -5.11 -17.79
C ILE B 51 34.58 -3.79 -17.79
N GLY B 52 33.92 -2.72 -18.24
CA GLY B 52 34.58 -1.42 -18.27
C GLY B 52 34.88 -0.87 -16.89
N THR B 53 33.96 -1.02 -15.94
CA THR B 53 34.24 -0.55 -14.59
C THR B 53 35.32 -1.38 -13.91
N ILE B 54 35.36 -2.70 -14.19
CA ILE B 54 36.43 -3.53 -13.65
C ILE B 54 37.78 -3.10 -14.21
N GLN B 55 37.82 -2.87 -15.52
CA GLN B 55 39.04 -2.44 -16.18
C GLN B 55 39.54 -1.09 -15.65
N VAL B 56 38.62 -0.18 -15.36
CA VAL B 56 39.00 1.13 -14.86
C VAL B 56 39.51 1.02 -13.42
N MET B 57 38.89 0.16 -12.61
CA MET B 57 39.36 -0.05 -11.24
C MET B 57 40.72 -0.73 -11.21
N LEU B 58 41.05 -1.53 -12.22
CA LEU B 58 42.37 -2.16 -12.24
C LEU B 58 43.50 -1.19 -12.57
N LEU B 59 43.20 0.03 -13.00
CA LEU B 59 44.24 1.01 -13.27
C LEU B 59 44.76 1.66 -11.99
N THR B 60 43.95 1.71 -10.95
CA THR B 60 44.38 2.25 -9.67
C THR B 60 45.14 1.24 -8.83
N ILE B 61 45.24 -0.01 -9.28
CA ILE B 61 45.91 -1.07 -8.54
C ILE B 61 47.34 -1.17 -9.03
N SER B 62 48.29 -1.10 -8.10
CA SER B 62 49.69 -1.27 -8.45
C SER B 62 49.98 -2.72 -8.81
N GLU B 63 51.15 -2.95 -9.41
CA GLU B 63 51.57 -4.31 -9.69
C GLU B 63 52.85 -4.67 -8.94
N PHE B 64 53.19 -3.90 -7.90
CA PHE B 64 54.31 -4.21 -7.05
C PHE B 64 53.97 -4.28 -5.58
N LYS B 65 52.86 -3.73 -5.15
CA LYS B 65 52.55 -3.61 -3.74
C LYS B 65 51.03 -3.55 -3.59
N PRO B 66 50.45 -4.29 -2.66
CA PRO B 66 49.00 -4.22 -2.46
C PRO B 66 48.59 -2.88 -1.87
N THR B 67 47.31 -2.56 -2.02
CA THR B 67 46.80 -1.28 -1.55
C THR B 67 46.66 -1.27 -0.04
N TYR B 68 46.24 -2.40 0.54
CA TYR B 68 46.05 -2.51 1.97
C TYR B 68 46.69 -3.78 2.47
N GLN B 69 47.48 -3.68 3.53
CA GLN B 69 48.18 -4.84 4.07
C GLN B 69 47.86 -5.11 5.52
N ASP B 70 46.79 -4.56 6.05
CA ASP B 70 46.57 -4.69 7.48
C ASP B 70 45.83 -5.95 7.87
N ARG B 71 45.41 -6.76 6.91
CA ARG B 71 44.72 -8.00 7.23
C ARG B 71 45.64 -9.22 7.16
N VAL B 72 46.90 -9.03 6.77
CA VAL B 72 47.95 -10.03 6.91
C VAL B 72 49.07 -9.53 7.81
N ALA B 73 48.76 -8.64 8.74
CA ALA B 73 49.83 -7.77 9.19
C ALA B 73 50.78 -8.46 10.17
N PRO B 74 50.36 -9.20 11.20
CA PRO B 74 51.25 -10.20 11.76
C PRO B 74 51.05 -11.53 11.07
N PRO B 75 52.09 -12.12 10.49
CA PRO B 75 51.91 -13.33 9.69
C PRO B 75 51.63 -14.55 10.56
N GLY B 76 51.20 -15.61 9.89
CA GLY B 76 50.98 -16.88 10.54
C GLY B 76 52.23 -17.70 10.64
N LEU B 77 52.12 -18.84 11.29
CA LEU B 77 53.26 -19.73 11.52
C LEU B 77 52.79 -21.15 11.27
N THR B 78 53.29 -21.79 10.21
CA THR B 78 52.78 -23.09 9.82
C THR B 78 53.89 -24.14 9.82
N GLN B 79 53.48 -25.40 9.78
CA GLN B 79 54.38 -26.54 9.82
C GLN B 79 54.12 -27.44 8.62
N ILE B 80 55.20 -28.01 8.08
CA ILE B 80 55.16 -28.54 6.72
C ILE B 80 54.56 -29.93 6.52
N PRO B 81 54.57 -30.92 7.46
CA PRO B 81 53.70 -32.06 7.20
C PRO B 81 52.28 -31.56 7.32
N GLN B 82 51.68 -31.35 6.15
CA GLN B 82 50.36 -30.74 6.02
C GLN B 82 49.34 -31.74 6.51
N ILE B 83 48.88 -31.55 7.74
CA ILE B 83 48.06 -32.52 8.42
C ILE B 83 46.64 -31.98 8.54
N GLN B 84 45.73 -32.83 9.00
CA GLN B 84 44.33 -32.59 8.75
C GLN B 84 43.55 -32.02 9.91
N LYS B 85 43.90 -32.30 11.16
CA LYS B 85 43.23 -31.62 12.27
C LYS B 85 44.24 -31.22 13.33
N THR B 86 45.41 -30.77 12.89
CA THR B 86 46.62 -30.63 13.71
C THR B 86 46.93 -31.91 14.46
N GLU B 87 46.89 -33.04 13.76
CA GLU B 87 47.13 -34.35 14.36
C GLU B 87 48.16 -35.12 13.56
N ILE B 88 49.16 -35.66 14.26
CA ILE B 88 50.12 -36.58 13.67
C ILE B 88 50.04 -37.87 14.46
N SER B 89 49.72 -38.97 13.79
CA SER B 89 49.61 -40.26 14.46
C SER B 89 50.10 -41.34 13.52
N PHE B 90 51.00 -42.19 14.00
CA PHE B 90 51.63 -43.17 13.14
C PHE B 90 52.18 -44.30 13.99
N ARG B 91 52.53 -45.40 13.33
CA ARG B 91 53.27 -46.48 13.93
C ARG B 91 54.61 -46.59 13.23
N PRO B 92 55.73 -46.58 13.96
CA PRO B 92 57.02 -46.63 13.27
C PRO B 92 57.32 -47.96 12.61
N ASN B 93 56.83 -49.08 13.14
CA ASN B 93 56.98 -50.36 12.46
C ASN B 93 55.76 -50.68 11.60
N ASP B 94 55.37 -49.73 10.77
CA ASP B 94 54.27 -49.87 9.82
C ASP B 94 54.46 -48.84 8.72
N PRO B 95 55.09 -49.21 7.61
CA PRO B 95 55.49 -48.19 6.63
C PRO B 95 54.38 -47.65 5.74
N LYS B 96 53.12 -47.91 6.09
CA LYS B 96 51.99 -47.32 5.39
C LYS B 96 51.27 -46.26 6.21
N SER B 97 51.61 -46.13 7.49
CA SER B 97 50.96 -45.12 8.31
C SER B 97 51.65 -43.76 8.19
N TYR B 98 52.97 -43.75 8.05
CA TYR B 98 53.72 -42.50 7.96
C TYR B 98 54.11 -42.15 6.54
N GLU B 99 53.53 -42.80 5.53
CA GLU B 99 53.99 -42.58 4.18
C GLU B 99 53.51 -41.25 3.61
N ALA B 100 52.31 -40.81 3.99
CA ALA B 100 51.78 -39.55 3.48
C ALA B 100 52.56 -38.36 4.02
N TYR B 101 52.99 -38.45 5.28
CA TYR B 101 53.80 -37.38 5.88
C TYR B 101 55.13 -37.23 5.17
N VAL B 102 55.80 -38.35 4.91
CA VAL B 102 57.08 -38.33 4.22
C VAL B 102 56.92 -37.83 2.80
N LEU B 103 55.81 -38.19 2.15
CA LEU B 103 55.56 -37.71 0.79
C LEU B 103 55.33 -36.22 0.76
N ASN B 104 54.67 -35.68 1.78
CA ASN B 104 54.47 -34.24 1.89
C ASN B 104 55.80 -33.51 2.08
N ILE B 105 56.66 -34.02 2.96
CA ILE B 105 57.95 -33.38 3.21
C ILE B 105 58.84 -33.44 1.97
N VAL B 106 58.80 -34.56 1.23
CA VAL B 106 59.63 -34.69 0.04
C VAL B 106 59.13 -33.78 -1.07
N ARG B 107 57.81 -33.65 -1.22
CA ARG B 107 57.29 -32.74 -2.24
C ARG B 107 57.53 -31.28 -1.88
N PHE B 108 57.63 -30.95 -0.60
CA PHE B 108 57.95 -29.57 -0.24
C PHE B 108 59.41 -29.24 -0.45
N LEU B 109 60.31 -30.16 -0.10
CA LEU B 109 61.73 -29.89 -0.14
C LEU B 109 62.35 -30.18 -1.51
N GLU B 110 61.57 -30.09 -2.59
CA GLU B 110 62.14 -30.26 -3.92
C GLU B 110 62.92 -29.03 -4.33
N LYS B 111 62.33 -27.85 -4.18
CA LYS B 111 62.97 -26.63 -4.65
C LYS B 111 64.11 -26.17 -3.76
N TYR B 112 64.26 -26.77 -2.58
CA TYR B 112 65.34 -26.41 -1.68
C TYR B 112 66.59 -27.24 -1.91
N LYS B 113 66.60 -28.10 -2.91
CA LYS B 113 67.77 -28.94 -3.16
C LYS B 113 68.91 -28.10 -3.72
N ASP B 114 70.13 -28.62 -3.54
CA ASP B 114 71.31 -27.88 -3.96
C ASP B 114 71.45 -27.83 -5.48
N SER B 115 70.90 -28.80 -6.19
CA SER B 115 70.94 -28.80 -7.64
C SER B 115 69.88 -27.91 -8.26
N ALA B 116 68.97 -27.34 -7.47
CA ALA B 116 67.95 -26.43 -7.96
C ALA B 116 68.27 -24.99 -7.67
N GLN B 117 69.49 -24.70 -7.22
CA GLN B 117 69.89 -23.33 -6.88
C GLN B 117 71.18 -22.94 -7.55
N ARG B 118 71.53 -23.57 -8.66
CA ARG B 118 72.86 -23.37 -9.23
C ARG B 118 72.94 -22.17 -10.15
N ASP B 119 71.81 -21.61 -10.58
CA ASP B 119 71.80 -20.49 -11.51
C ASP B 119 72.32 -19.25 -10.82
N ASP B 120 73.60 -18.93 -11.04
CA ASP B 120 74.28 -17.91 -10.27
C ASP B 120 73.88 -16.49 -10.65
N MET B 121 73.12 -16.29 -11.72
CA MET B 121 72.64 -14.94 -12.02
C MET B 121 71.34 -14.64 -11.31
N ILE B 122 70.65 -15.64 -10.81
CA ILE B 122 69.45 -15.44 -9.99
C ILE B 122 69.77 -15.61 -8.51
N PHE B 123 70.39 -16.72 -8.14
CA PHE B 123 70.69 -16.97 -6.73
C PHE B 123 72.02 -16.34 -6.35
N GLU B 124 72.15 -16.01 -5.07
CA GLU B 124 73.38 -15.41 -4.58
C GLU B 124 73.75 -16.07 -3.26
N ASP B 125 74.98 -15.82 -2.83
CA ASP B 125 75.58 -16.51 -1.70
C ASP B 125 75.61 -15.55 -0.52
N CYS B 126 74.51 -15.49 0.21
CA CYS B 126 74.48 -14.76 1.46
C CYS B 126 75.22 -15.57 2.53
N GLY B 127 75.53 -14.91 3.64
CA GLY B 127 76.44 -15.50 4.61
C GLY B 127 75.84 -16.69 5.33
N ASP B 128 76.73 -17.52 5.88
CA ASP B 128 76.32 -18.71 6.62
C ASP B 128 76.18 -18.46 8.11
N VAL B 129 76.14 -17.19 8.52
CA VAL B 129 75.77 -16.80 9.87
C VAL B 129 74.61 -15.82 9.70
N PRO B 130 73.73 -15.66 10.69
CA PRO B 130 72.64 -14.69 10.53
C PRO B 130 73.13 -13.26 10.51
N SER B 131 72.51 -12.45 9.64
CA SER B 131 72.96 -11.11 9.36
C SER B 131 71.75 -10.18 9.30
N GLU B 132 72.01 -8.93 8.94
CA GLU B 132 71.01 -7.88 8.90
C GLU B 132 70.19 -8.04 7.63
N PRO B 133 68.98 -7.47 7.58
CA PRO B 133 68.20 -7.51 6.32
C PRO B 133 68.88 -6.81 5.15
N LYS B 134 68.67 -7.36 3.96
CA LYS B 134 69.32 -6.92 2.73
C LYS B 134 68.31 -6.19 1.86
N GLU B 135 68.38 -4.87 1.85
CA GLU B 135 67.52 -4.06 1.00
C GLU B 135 67.93 -4.20 -0.45
N ARG B 136 67.03 -4.72 -1.28
CA ARG B 136 67.30 -4.92 -2.70
C ARG B 136 67.00 -3.69 -3.53
N GLY B 137 66.67 -2.56 -2.90
CA GLY B 137 66.36 -1.37 -3.66
C GLY B 137 65.04 -0.75 -3.28
N ASP B 138 64.10 -0.74 -4.21
CA ASP B 138 62.77 -0.19 -3.95
C ASP B 138 61.78 -0.85 -4.90
N PHE B 139 60.49 -0.70 -4.59
CA PHE B 139 59.42 -1.32 -5.36
C PHE B 139 59.08 -0.48 -6.60
N ASN B 140 60.07 -0.32 -7.48
CA ASN B 140 59.96 0.62 -8.59
C ASN B 140 60.47 0.06 -9.90
N HIS B 141 60.86 -1.22 -9.95
CA HIS B 141 61.23 -1.95 -11.17
C HIS B 141 62.44 -1.36 -11.88
N GLU B 142 63.26 -0.60 -11.15
CA GLU B 142 64.40 0.08 -11.74
C GLU B 142 65.62 -0.82 -11.90
N ARG B 143 65.60 -2.01 -11.29
CA ARG B 143 66.71 -2.96 -11.41
C ARG B 143 66.27 -4.32 -11.92
N GLY B 144 65.02 -4.44 -12.40
CA GLY B 144 64.56 -5.72 -12.92
C GLY B 144 64.28 -6.70 -11.80
N GLU B 145 64.60 -7.97 -12.04
CA GLU B 145 64.45 -8.99 -11.03
C GLU B 145 65.54 -8.87 -9.99
N ARG B 146 65.17 -9.07 -8.72
CA ARG B 146 66.11 -9.03 -7.63
C ARG B 146 66.62 -10.43 -7.33
N LYS B 147 67.89 -10.51 -6.94
CA LYS B 147 68.48 -11.80 -6.60
C LYS B 147 67.94 -12.29 -5.27
N VAL B 148 68.02 -13.61 -5.06
CA VAL B 148 67.53 -14.24 -3.83
C VAL B 148 68.69 -14.94 -3.14
N CYS B 149 68.70 -14.88 -1.81
CA CYS B 149 69.67 -15.67 -1.04
C CYS B 149 69.31 -17.13 -1.16
N ARG B 150 70.33 -17.98 -1.22
CA ARG B 150 70.07 -19.41 -1.37
C ARG B 150 70.15 -20.10 -0.02
N PHE B 151 69.21 -21.01 0.22
CA PHE B 151 69.13 -21.73 1.48
C PHE B 151 69.64 -23.15 1.26
N LYS B 152 70.61 -23.56 2.07
CA LYS B 152 71.16 -24.89 1.97
C LYS B 152 70.35 -25.86 2.81
N LEU B 153 70.17 -27.07 2.29
CA LEU B 153 69.44 -28.10 3.01
C LEU B 153 70.24 -28.64 4.18
N GLU B 154 71.58 -28.54 4.14
CA GLU B 154 72.44 -29.11 5.16
C GLU B 154 72.29 -28.43 6.52
N TRP B 155 71.67 -27.27 6.58
CA TRP B 155 71.41 -26.63 7.86
C TRP B 155 70.24 -27.27 8.59
N LEU B 156 69.49 -28.15 7.95
CA LEU B 156 68.41 -28.90 8.60
C LEU B 156 68.87 -30.30 8.96
N GLY B 157 70.11 -30.45 9.43
CA GLY B 157 70.71 -31.77 9.55
C GLY B 157 69.99 -32.62 10.57
N ASN B 158 69.92 -33.93 10.28
CA ASN B 158 69.09 -34.98 10.86
C ASN B 158 67.61 -34.81 10.56
N CYS B 159 67.28 -33.81 9.74
CA CYS B 159 65.90 -33.54 9.33
C CYS B 159 65.79 -33.36 7.81
N SER B 160 66.92 -33.41 7.11
CA SER B 160 66.95 -33.26 5.67
C SER B 160 66.95 -34.63 5.02
N GLY B 161 67.01 -34.66 3.71
CA GLY B 161 66.97 -35.93 3.01
C GLY B 161 68.31 -36.45 2.57
N LEU B 162 69.38 -36.07 3.28
CA LEU B 162 70.73 -36.50 2.96
C LEU B 162 71.15 -37.68 3.82
N ASN B 163 70.18 -38.32 4.47
CA ASN B 163 70.38 -39.30 5.53
C ASN B 163 69.17 -40.23 5.48
N ASP B 164 68.71 -40.65 6.66
CA ASP B 164 67.36 -41.17 6.82
C ASP B 164 66.36 -40.35 6.00
N GLU B 165 65.77 -41.00 5.00
CA GLU B 165 64.88 -40.38 4.05
C GLU B 165 63.43 -40.45 4.47
N THR B 166 63.17 -41.02 5.64
CA THR B 166 61.86 -40.99 6.26
C THR B 166 61.75 -39.88 7.29
N TYR B 167 62.81 -39.08 7.43
CA TYR B 167 62.83 -37.87 8.24
C TYR B 167 62.57 -38.15 9.72
N GLY B 168 63.00 -39.31 10.19
CA GLY B 168 62.86 -39.68 11.57
C GLY B 168 61.62 -40.47 11.90
N TYR B 169 60.62 -40.49 11.02
CA TYR B 169 59.37 -41.18 11.30
C TYR B 169 59.53 -42.70 11.38
N LYS B 170 60.57 -43.24 10.75
CA LYS B 170 60.78 -44.68 10.79
C LYS B 170 61.29 -45.15 12.14
N GLU B 171 62.00 -44.30 12.86
CA GLU B 171 62.68 -44.69 14.08
C GLU B 171 62.06 -44.05 15.30
N GLY B 172 60.74 -43.95 15.34
CA GLY B 172 60.14 -43.30 16.48
C GLY B 172 60.03 -41.80 16.27
N LYS B 173 61.03 -41.07 16.73
CA LYS B 173 61.17 -39.62 16.78
C LYS B 173 60.86 -38.87 15.49
N PRO B 174 59.71 -38.22 15.39
CA PRO B 174 59.34 -37.52 14.16
C PRO B 174 59.87 -36.10 14.16
N CYS B 175 59.83 -35.46 12.99
CA CYS B 175 60.33 -34.10 12.87
C CYS B 175 59.49 -33.25 11.92
N ILE B 176 59.18 -32.03 12.34
CA ILE B 176 58.40 -31.11 11.54
C ILE B 176 59.31 -29.99 11.06
N ILE B 177 58.82 -29.23 10.08
CA ILE B 177 59.54 -28.10 9.52
C ILE B 177 58.64 -26.88 9.62
N ILE B 178 59.10 -25.87 10.33
CA ILE B 178 58.33 -24.68 10.66
C ILE B 178 58.76 -23.56 9.72
N LYS B 179 57.78 -22.78 9.26
CA LYS B 179 58.02 -21.63 8.42
C LYS B 179 57.02 -20.54 8.74
N LEU B 180 57.42 -19.31 8.49
CA LEU B 180 56.62 -18.12 8.73
C LEU B 180 56.07 -17.63 7.40
N ASN B 181 54.83 -17.16 7.41
CA ASN B 181 54.13 -16.86 6.16
C ASN B 181 54.69 -15.61 5.51
N ARG B 182 54.70 -15.58 4.18
CA ARG B 182 55.28 -14.47 3.45
C ARG B 182 54.35 -13.28 3.46
N VAL B 183 54.87 -12.12 3.81
CA VAL B 183 54.15 -10.85 3.77
C VAL B 183 55.04 -9.88 3.03
N LEU B 184 54.48 -9.22 2.02
CA LEU B 184 55.28 -8.43 1.10
C LEU B 184 55.71 -7.13 1.75
N GLY B 185 57.02 -6.96 1.92
CA GLY B 185 57.57 -5.75 2.47
C GLY B 185 57.85 -5.81 3.96
N PHE B 186 57.67 -6.95 4.58
CA PHE B 186 57.69 -7.09 6.02
C PHE B 186 59.09 -7.46 6.48
N LYS B 187 59.57 -6.77 7.51
CA LYS B 187 60.86 -7.07 8.12
C LYS B 187 60.65 -7.35 9.59
N PRO B 188 60.90 -8.57 10.08
CA PRO B 188 60.58 -8.89 11.46
C PRO B 188 61.59 -8.30 12.43
N LYS B 189 61.08 -7.79 13.54
CA LYS B 189 61.94 -7.20 14.56
C LYS B 189 62.07 -8.15 15.74
N PRO B 190 63.23 -8.74 15.97
CA PRO B 190 63.43 -9.56 17.16
C PRO B 190 63.39 -8.72 18.41
N PRO B 191 63.14 -9.32 19.59
CA PRO B 191 62.99 -8.51 20.81
C PRO B 191 64.30 -7.88 21.24
N LYS B 192 64.19 -6.95 22.17
CA LYS B 192 65.35 -6.25 22.69
C LYS B 192 66.05 -7.10 23.73
N ASN B 193 67.14 -6.59 24.31
CA ASN B 193 68.00 -7.41 25.14
C ASN B 193 68.08 -6.90 26.57
N GLU B 194 66.94 -6.61 27.18
CA GLU B 194 66.88 -6.16 28.56
C GLU B 194 67.07 -7.28 29.59
N SER B 195 67.16 -8.54 29.15
CA SER B 195 67.35 -9.74 29.97
C SER B 195 66.19 -10.00 30.94
N LEU B 196 65.05 -9.37 30.73
CA LEU B 196 63.80 -9.52 31.48
C LEU B 196 62.60 -9.62 30.58
N GLU B 197 62.77 -9.35 29.28
CA GLU B 197 61.68 -9.03 28.37
C GLU B 197 60.81 -10.23 27.98
N THR B 198 61.40 -11.31 27.46
CA THR B 198 60.66 -12.43 26.91
C THR B 198 60.95 -13.68 27.72
N TYR B 199 60.42 -14.81 27.26
CA TYR B 199 60.26 -15.94 28.16
C TYR B 199 60.68 -17.26 27.52
N PRO B 200 61.24 -18.18 28.32
CA PRO B 200 61.85 -17.82 29.62
C PRO B 200 63.32 -17.42 29.49
N VAL B 201 64.09 -18.26 28.81
CA VAL B 201 65.53 -18.12 28.62
C VAL B 201 65.89 -18.99 27.42
N MET B 202 66.72 -18.44 26.55
CA MET B 202 67.32 -19.18 25.45
C MET B 202 68.52 -18.39 24.96
N LYS B 203 69.22 -18.88 23.94
CA LYS B 203 70.32 -18.10 23.42
C LYS B 203 69.80 -16.99 22.52
N TYR B 204 70.25 -15.76 22.77
CA TYR B 204 69.75 -14.57 22.11
C TYR B 204 70.72 -14.14 21.02
N ASN B 205 70.17 -13.74 19.88
CA ASN B 205 70.95 -13.24 18.76
C ASN B 205 70.21 -12.03 18.20
N PRO B 206 70.90 -10.94 17.88
CA PRO B 206 70.21 -9.74 17.39
C PRO B 206 69.70 -9.86 15.97
N ASN B 207 70.06 -10.90 15.23
CA ASN B 207 69.62 -11.11 13.86
C ASN B 207 68.87 -12.42 13.69
N VAL B 208 68.16 -12.87 14.73
CA VAL B 208 67.39 -14.11 14.67
C VAL B 208 66.04 -13.84 15.32
N LEU B 209 64.97 -14.12 14.60
CA LEU B 209 63.64 -14.12 15.19
C LEU B 209 63.45 -15.45 15.92
N PRO B 210 63.30 -15.45 17.24
CA PRO B 210 63.33 -16.70 17.98
C PRO B 210 62.00 -17.43 18.01
N VAL B 211 62.07 -18.77 17.94
CA VAL B 211 60.92 -19.66 18.00
C VAL B 211 61.15 -20.64 19.14
N GLN B 212 60.08 -20.99 19.85
CA GLN B 212 60.18 -22.00 20.91
C GLN B 212 58.97 -22.90 20.90
N CYS B 213 59.19 -24.20 21.05
CA CYS B 213 58.13 -25.21 21.04
C CYS B 213 58.11 -25.93 22.38
N THR B 214 57.02 -25.77 23.13
CA THR B 214 56.87 -26.34 24.46
C THR B 214 55.60 -27.17 24.52
N GLY B 215 55.30 -27.71 25.69
CA GLY B 215 54.06 -28.43 25.89
C GLY B 215 52.95 -27.51 26.33
N LYS B 216 51.71 -27.86 25.97
CA LYS B 216 50.61 -26.92 26.17
C LYS B 216 50.08 -26.97 27.59
N ARG B 217 49.58 -28.13 28.02
CA ARG B 217 49.06 -28.30 29.37
C ARG B 217 50.21 -28.55 30.33
N ASP B 218 49.91 -29.00 31.54
CA ASP B 218 50.96 -29.29 32.49
C ASP B 218 51.36 -30.76 32.48
N GLU B 219 50.45 -31.66 32.16
CA GLU B 219 50.82 -33.06 31.99
C GLU B 219 51.53 -33.31 30.67
N ASP B 220 51.50 -32.36 29.74
CA ASP B 220 52.24 -32.46 28.50
C ASP B 220 53.69 -32.05 28.64
N LYS B 221 54.01 -31.20 29.62
CA LYS B 221 55.40 -30.82 29.83
C LYS B 221 56.22 -31.96 30.42
N ASP B 222 55.57 -32.92 31.06
CA ASP B 222 56.26 -34.08 31.61
C ASP B 222 56.37 -35.21 30.60
N LYS B 223 55.73 -35.10 29.44
CA LYS B 223 55.70 -36.20 28.49
C LYS B 223 56.29 -35.87 27.13
N VAL B 224 56.56 -34.59 26.84
CA VAL B 224 57.10 -34.25 25.53
C VAL B 224 58.56 -34.64 25.42
N GLY B 225 59.30 -34.67 26.53
CA GLY B 225 60.68 -35.11 26.45
C GLY B 225 61.58 -34.04 25.88
N ASN B 226 62.57 -34.47 25.10
CA ASN B 226 63.59 -33.59 24.55
C ASN B 226 63.18 -33.08 23.18
N VAL B 227 63.55 -31.84 22.89
CA VAL B 227 63.21 -31.17 21.64
C VAL B 227 64.48 -30.60 21.05
N GLU B 228 64.80 -30.99 19.82
CA GLU B 228 66.00 -30.52 19.12
C GLU B 228 65.59 -29.57 18.01
N TYR B 229 66.40 -28.54 17.80
CA TYR B 229 66.19 -27.56 16.75
C TYR B 229 67.32 -27.63 15.74
N PHE B 230 67.00 -27.32 14.48
CA PHE B 230 67.97 -27.33 13.40
C PHE B 230 67.71 -26.15 12.49
N GLY B 231 68.69 -25.30 12.32
CA GLY B 231 68.53 -24.15 11.47
C GLY B 231 69.87 -23.58 11.08
N LEU B 232 69.84 -22.33 10.65
CA LEU B 232 71.07 -21.61 10.30
C LEU B 232 71.66 -21.02 11.56
N GLY B 233 72.81 -21.53 11.98
CA GLY B 233 73.41 -21.12 13.23
C GLY B 233 73.01 -22.03 14.38
N ASN B 234 73.18 -21.51 15.59
CA ASN B 234 72.88 -22.26 16.79
C ASN B 234 71.76 -21.67 17.63
N SER B 235 71.35 -20.43 17.38
CA SER B 235 70.19 -19.88 18.05
C SER B 235 68.95 -20.24 17.25
N PRO B 236 67.97 -20.93 17.82
CA PRO B 236 66.84 -21.46 17.04
C PRO B 236 65.87 -20.36 16.64
N GLY B 237 65.66 -20.22 15.34
CA GLY B 237 64.76 -19.20 14.83
C GLY B 237 65.04 -18.92 13.38
N PHE B 238 64.45 -17.86 12.92
CA PHE B 238 64.61 -17.48 11.53
C PHE B 238 65.69 -16.43 11.36
N PRO B 239 66.64 -16.63 10.45
CA PRO B 239 67.64 -15.60 10.19
C PRO B 239 67.03 -14.41 9.47
N LEU B 240 67.72 -13.28 9.53
CA LEU B 240 67.16 -12.04 9.05
C LEU B 240 67.77 -11.53 7.76
N GLN B 241 68.74 -12.22 7.16
CA GLN B 241 69.31 -11.74 5.90
C GLN B 241 68.44 -12.06 4.70
N TYR B 242 67.33 -12.72 4.94
CA TYR B 242 66.16 -12.79 4.07
C TYR B 242 65.29 -11.59 4.46
N TYR B 243 63.99 -11.67 4.19
CA TYR B 243 63.12 -10.56 4.50
C TYR B 243 63.71 -9.33 3.78
N PRO B 244 62.86 -8.40 3.36
CA PRO B 244 61.42 -8.51 3.59
C PRO B 244 60.66 -9.13 2.42
N TYR B 245 61.35 -9.75 1.47
CA TYR B 245 60.60 -10.35 0.35
C TYR B 245 60.11 -9.24 -0.56
N TYR B 246 60.23 -9.44 -1.87
CA TYR B 246 59.80 -8.39 -2.79
C TYR B 246 58.64 -8.76 -3.72
N GLY B 247 57.96 -9.85 -3.44
CA GLY B 247 56.84 -10.22 -4.27
C GLY B 247 57.23 -11.13 -5.41
N LYS B 248 56.25 -11.84 -5.94
CA LYS B 248 56.54 -12.85 -6.95
C LYS B 248 56.62 -12.29 -8.36
N LEU B 249 56.47 -10.99 -8.52
CA LEU B 249 56.82 -10.37 -9.80
C LEU B 249 58.31 -10.05 -9.85
N LEU B 250 58.84 -9.45 -8.79
CA LEU B 250 60.25 -9.08 -8.76
C LEU B 250 61.14 -10.22 -8.33
N GLN B 251 60.66 -11.09 -7.45
CA GLN B 251 61.45 -12.21 -6.96
C GLN B 251 60.70 -13.52 -7.13
N PRO B 252 60.65 -14.07 -8.34
CA PRO B 252 60.30 -15.48 -8.46
C PRO B 252 61.49 -16.29 -7.99
N LYS B 253 61.19 -17.53 -7.60
CA LYS B 253 62.16 -18.48 -7.04
C LYS B 253 62.79 -17.93 -5.75
N TYR B 254 61.99 -17.24 -4.95
CA TYR B 254 62.41 -16.87 -3.62
C TYR B 254 62.26 -18.06 -2.70
N LEU B 255 63.16 -18.15 -1.72
CA LEU B 255 63.20 -19.29 -0.81
C LEU B 255 63.12 -18.75 0.61
N GLN B 256 62.01 -19.00 1.29
CA GLN B 256 61.86 -18.53 2.65
C GLN B 256 62.67 -19.41 3.59
N PRO B 257 63.20 -18.84 4.67
CA PRO B 257 63.99 -19.66 5.60
C PRO B 257 63.13 -20.62 6.39
N LEU B 258 63.74 -21.73 6.78
CA LEU B 258 63.06 -22.84 7.43
C LEU B 258 63.66 -23.12 8.79
N LEU B 259 62.94 -23.88 9.60
CA LEU B 259 63.47 -24.31 10.88
C LEU B 259 62.94 -25.70 11.20
N ALA B 260 63.82 -26.67 11.35
CA ALA B 260 63.39 -28.04 11.63
C ALA B 260 63.36 -28.29 13.13
N VAL B 261 62.37 -29.03 13.60
CA VAL B 261 62.21 -29.36 15.00
C VAL B 261 61.97 -30.85 15.11
N GLN B 262 62.79 -31.54 15.91
CA GLN B 262 62.67 -32.97 16.11
C GLN B 262 62.33 -33.27 17.57
N PHE B 263 61.54 -34.31 17.80
CA PHE B 263 61.11 -34.72 19.13
C PHE B 263 61.72 -36.08 19.41
N THR B 264 62.88 -36.09 20.05
CA THR B 264 63.68 -37.31 20.11
C THR B 264 63.23 -38.29 21.18
N ASN B 265 62.51 -37.85 22.21
CA ASN B 265 62.16 -38.72 23.32
C ASN B 265 60.68 -38.59 23.66
N LEU B 266 59.82 -38.75 22.67
CA LEU B 266 58.38 -38.71 22.91
C LEU B 266 57.93 -39.90 23.74
N THR B 267 56.92 -39.67 24.58
CA THR B 267 56.33 -40.74 25.37
C THR B 267 55.34 -41.52 24.53
N MET B 268 55.42 -42.84 24.60
CA MET B 268 54.65 -43.68 23.71
C MET B 268 53.20 -43.81 24.16
N ASP B 269 52.32 -44.01 23.18
CA ASP B 269 50.91 -44.38 23.36
C ASP B 269 50.11 -43.34 24.14
N THR B 270 50.51 -42.08 24.04
CA THR B 270 49.80 -40.97 24.66
C THR B 270 49.70 -39.87 23.60
N GLU B 271 48.64 -39.08 23.67
CA GLU B 271 48.51 -37.92 22.80
C GLU B 271 49.10 -36.71 23.50
N ILE B 272 50.08 -36.08 22.88
CA ILE B 272 50.83 -34.98 23.45
C ILE B 272 50.51 -33.73 22.65
N ARG B 273 50.14 -32.65 23.35
CA ARG B 273 49.85 -31.38 22.73
C ARG B 273 51.09 -30.50 22.83
N ILE B 274 51.45 -29.86 21.73
CA ILE B 274 52.67 -29.08 21.63
C ILE B 274 52.33 -27.73 21.01
N GLU B 275 52.80 -26.66 21.64
CA GLU B 275 52.58 -25.30 21.17
C GLU B 275 53.90 -24.70 20.72
N CYS B 276 53.94 -24.16 19.50
CA CYS B 276 55.11 -23.47 19.00
C CYS B 276 54.78 -21.99 18.82
N LYS B 277 55.57 -21.14 19.46
CA LYS B 277 55.35 -19.70 19.44
C LYS B 277 56.59 -19.01 18.89
N ALA B 278 56.38 -17.86 18.27
CA ALA B 278 57.46 -17.00 17.79
C ALA B 278 57.38 -15.65 18.48
N TYR B 279 58.53 -15.09 18.81
CA TYR B 279 58.62 -13.89 19.63
C TYR B 279 59.23 -12.76 18.84
N GLY B 280 58.79 -11.54 19.13
CA GLY B 280 59.33 -10.37 18.48
C GLY B 280 58.46 -9.17 18.76
N GLU B 281 58.89 -8.03 18.22
CA GLU B 281 58.10 -6.81 18.38
C GLU B 281 56.99 -6.74 17.34
N ASN B 282 57.28 -7.12 16.11
CA ASN B 282 56.26 -7.14 15.07
C ASN B 282 55.25 -8.25 15.29
N ILE B 283 55.69 -9.38 15.85
CA ILE B 283 54.88 -10.59 15.90
C ILE B 283 53.86 -10.45 17.01
N GLY B 284 52.58 -10.57 16.64
CA GLY B 284 51.51 -10.51 17.62
C GLY B 284 50.63 -11.74 17.48
N TYR B 285 49.83 -11.98 18.51
CA TYR B 285 48.99 -13.16 18.60
C TYR B 285 47.53 -12.77 18.67
N SER B 286 46.67 -13.76 18.51
CA SER B 286 45.23 -13.55 18.54
C SER B 286 44.59 -14.65 19.37
N GLU B 287 43.32 -14.46 19.69
CA GLU B 287 42.58 -15.46 20.45
C GLU B 287 41.64 -16.27 19.58
N LYS B 288 41.13 -15.69 18.50
CA LYS B 288 40.34 -16.47 17.55
C LYS B 288 41.22 -17.15 16.51
N ASP B 289 42.24 -16.46 16.02
CA ASP B 289 43.16 -17.03 15.05
C ASP B 289 44.20 -17.84 15.80
N ARG B 290 44.02 -19.14 15.84
CA ARG B 290 44.98 -20.00 16.54
C ARG B 290 46.16 -20.38 15.68
N PHE B 291 46.40 -19.66 14.59
CA PHE B 291 47.55 -19.90 13.74
C PHE B 291 48.36 -18.65 13.49
N GLN B 292 48.10 -17.57 14.19
CA GLN B 292 48.76 -16.29 13.96
C GLN B 292 49.88 -16.11 14.97
N GLY B 293 51.12 -16.08 14.49
CA GLY B 293 52.29 -15.99 15.33
C GLY B 293 52.59 -17.21 16.16
N ARG B 294 51.93 -18.33 15.88
CA ARG B 294 51.83 -19.44 16.80
C ARG B 294 51.14 -20.58 16.07
N PHE B 295 51.37 -21.82 16.53
CA PHE B 295 50.50 -22.93 16.16
C PHE B 295 50.58 -23.98 17.25
N ASP B 296 49.80 -25.05 17.07
CA ASP B 296 49.85 -26.20 17.96
C ASP B 296 49.59 -27.48 17.18
N VAL B 297 50.11 -28.57 17.71
CA VAL B 297 50.08 -29.87 17.06
C VAL B 297 49.83 -30.92 18.13
N LYS B 298 49.23 -32.03 17.74
CA LYS B 298 49.01 -33.16 18.64
C LYS B 298 49.70 -34.36 18.03
N ILE B 299 50.69 -34.89 18.72
CA ILE B 299 51.44 -36.04 18.23
C ILE B 299 51.12 -37.25 19.10
N GLU B 300 50.97 -38.40 18.46
CA GLU B 300 50.58 -39.63 19.14
C GLU B 300 51.28 -40.80 18.46
N VAL B 301 52.37 -41.25 19.06
CA VAL B 301 53.19 -42.31 18.47
C VAL B 301 52.69 -43.64 19.04
N LYS B 302 51.88 -44.34 18.26
CA LYS B 302 51.39 -45.65 18.67
C LYS B 302 52.51 -46.68 18.57
N SER B 303 52.54 -47.58 19.54
CA SER B 303 53.55 -48.63 19.54
C SER B 303 52.90 -50.01 19.52
N ASP C 17 53.99 3.51 8.60
CA ASP C 17 53.77 2.09 8.77
C ASP C 17 52.69 1.59 7.81
N PRO C 18 53.04 0.64 6.95
CA PRO C 18 52.05 0.12 5.99
C PRO C 18 51.19 -1.01 6.55
N PHE C 19 51.14 -1.18 7.87
CA PHE C 19 50.46 -2.33 8.45
C PHE C 19 49.51 -1.96 9.58
N TYR C 20 49.12 -0.69 9.71
CA TYR C 20 48.40 -0.25 10.90
C TYR C 20 46.93 0.05 10.63
N TYR C 21 46.63 1.09 9.83
CA TYR C 21 45.27 1.56 9.54
C TYR C 21 44.32 1.66 10.73
N ASP C 22 44.49 2.67 11.59
CA ASP C 22 43.54 2.93 12.68
C ASP C 22 42.09 3.04 12.20
N TYR C 23 41.23 2.22 12.77
CA TYR C 23 39.82 2.20 12.40
C TYR C 23 38.96 3.06 13.32
N GLU C 24 39.56 3.74 14.28
CA GLU C 24 38.77 4.49 15.25
C GLU C 24 38.27 5.80 14.68
N THR C 25 39.04 6.42 13.77
CA THR C 25 38.60 7.68 13.17
C THR C 25 37.39 7.47 12.27
N VAL C 26 37.42 6.43 11.43
CA VAL C 26 36.29 6.15 10.56
C VAL C 26 35.10 5.63 11.37
N ARG C 27 35.34 4.96 12.51
CA ARG C 27 34.25 4.54 13.36
C ARG C 27 33.57 5.73 14.01
N ASN C 28 34.36 6.70 14.48
CA ASN C 28 33.79 7.92 15.05
C ASN C 28 32.99 8.71 14.02
N GLY C 29 33.53 8.82 12.81
CA GLY C 29 32.80 9.50 11.75
C GLY C 29 31.53 8.77 11.34
N GLY C 30 31.56 7.45 11.30
CA GLY C 30 30.39 6.69 10.94
C GLY C 30 29.30 6.76 11.97
N LEU C 31 29.67 6.78 13.26
CA LEU C 31 28.65 6.89 14.30
C LEU C 31 28.08 8.30 14.39
N ILE C 32 28.90 9.33 14.11
CA ILE C 32 28.38 10.69 14.02
C ILE C 32 27.38 10.80 12.87
N PHE C 33 27.69 10.18 11.72
CA PHE C 33 26.78 10.19 10.59
C PHE C 33 25.50 9.39 10.88
N ALA C 34 25.61 8.29 11.63
CA ALA C 34 24.41 7.53 11.98
C ALA C 34 23.49 8.30 12.90
N GLY C 35 24.04 8.98 13.91
CA GLY C 35 23.21 9.80 14.78
C GLY C 35 22.58 10.97 14.06
N LEU C 36 23.32 11.61 13.14
CA LEU C 36 22.77 12.71 12.37
C LEU C 36 21.67 12.23 11.41
N ALA C 37 21.92 11.17 10.66
CA ALA C 37 20.94 10.65 9.71
C ALA C 37 19.75 9.99 10.39
N PHE C 38 19.85 9.67 11.68
CA PHE C 38 18.67 9.23 12.41
C PHE C 38 17.85 10.42 12.93
N ILE C 39 18.49 11.46 13.47
CA ILE C 39 17.69 12.55 14.02
C ILE C 39 17.07 13.41 12.91
N VAL C 40 17.71 13.50 11.74
CA VAL C 40 17.10 14.26 10.65
C VAL C 40 15.89 13.52 10.08
N GLY C 41 15.94 12.19 10.04
CA GLY C 41 14.76 11.43 9.66
C GLY C 41 13.65 11.55 10.68
N LEU C 42 14.02 11.62 11.97
CA LEU C 42 13.02 11.83 13.02
C LEU C 42 12.37 13.20 12.90
N LEU C 43 13.14 14.21 12.50
CA LEU C 43 12.56 15.54 12.34
C LEU C 43 11.78 15.67 11.03
N ILE C 44 12.08 14.85 10.04
CA ILE C 44 11.29 14.88 8.81
C ILE C 44 9.97 14.14 8.99
N LEU C 45 9.97 13.02 9.73
CA LEU C 45 8.75 12.26 9.96
C LEU C 45 7.79 13.02 10.87
N LEU C 46 8.28 13.54 11.99
CA LEU C 46 7.46 14.24 12.97
C LEU C 46 7.28 15.71 12.65
N SER C 47 7.42 16.09 11.38
CA SER C 47 7.17 17.43 10.88
C SER C 47 5.71 17.68 10.56
N ARG C 48 4.80 16.87 11.12
CA ARG C 48 3.39 16.91 10.77
C ARG C 48 2.52 16.78 12.02
C1 NAG D . 71.91 -36.72 14.48
C2 NAG D . 72.15 -36.55 15.98
C3 NAG D . 73.42 -37.28 16.39
C4 NAG D . 73.42 -38.73 15.90
C5 NAG D . 73.08 -38.80 14.41
C6 NAG D . 72.90 -40.21 13.91
C7 NAG D . 71.49 -34.56 17.29
C8 NAG D . 70.51 -35.44 18.02
N2 NAG D . 72.23 -35.15 16.34
O3 NAG D . 73.53 -37.27 17.81
O4 NAG D . 74.72 -39.28 16.09
O5 NAG D . 71.85 -38.10 14.15
O6 NAG D . 72.01 -40.25 12.80
O7 NAG D . 71.61 -33.36 17.55
C1 NAG D . 74.74 -40.29 17.11
C2 NAG D . 76.20 -40.70 17.32
C3 NAG D . 76.31 -41.73 18.44
C4 NAG D . 75.64 -41.23 19.71
C5 NAG D . 74.19 -40.85 19.41
C6 NAG D . 73.49 -40.25 20.60
C7 NAG D . 77.46 -40.45 15.23
C8 NAG D . 77.97 -41.13 14.01
N2 NAG D . 76.76 -41.21 16.08
O3 NAG D . 77.69 -42.00 18.70
O4 NAG D . 75.66 -42.25 20.70
O5 NAG D . 74.17 -39.85 18.38
O6 NAG D . 73.94 -40.83 21.82
O7 NAG D . 77.66 -39.25 15.45
NA NA E . 13.38 -10.76 -1.56
NA NA F . 10.21 -11.52 4.20
NA NA G . 13.34 -3.82 -3.60
NA NA H . -24.82 -1.75 -3.90
MG MG I . -36.39 15.40 -5.42
PG AGS J . -35.78 15.36 -9.46
S1G AGS J . -36.01 15.77 -7.61
O2G AGS J . -36.38 13.83 -9.77
O3G AGS J . -34.17 15.39 -9.83
PB AGS J . -37.93 17.27 -9.96
O1B AGS J . -38.03 18.55 -10.78
O2B AGS J . -37.90 17.63 -8.52
O3B AGS J . -36.55 16.46 -10.39
PA AGS J . -40.13 15.56 -9.11
O1A AGS J . -39.76 16.06 -7.76
O2A AGS J . -39.87 14.08 -9.20
O3A AGS J . -39.25 16.34 -10.27
O5' AGS J . -41.70 15.85 -9.37
C5' AGS J . -42.20 15.75 -10.73
C4' AGS J . -42.61 17.18 -11.29
O4' AGS J . -43.98 17.66 -10.72
C3' AGS J . -41.77 18.08 -10.91
O3' AGS J . -40.65 18.15 -11.83
C2' AGS J . -42.63 19.46 -10.96
O2' AGS J . -42.82 19.88 -12.35
C1' AGS J . -43.78 19.16 -10.41
N9 AGS J . -43.75 19.39 -8.94
C8 AGS J . -42.69 19.21 -8.12
N7 AGS J . -43.08 19.53 -6.87
C5 AGS J . -44.34 19.89 -6.91
C6 AGS J . -45.31 20.35 -5.82
N6 AGS J . -44.86 20.44 -4.47
N1 AGS J . -46.64 20.70 -6.15
C2 AGS J . -47.09 20.60 -7.51
N3 AGS J . -46.16 20.17 -8.55
C4 AGS J . -44.76 19.80 -8.19
CAA Y01 K . 21.34 8.82 -8.80
CBA Y01 K . 21.37 8.88 -7.27
CAB Y01 K . 22.59 8.09 -6.75
CAN Y01 K . 20.07 8.26 -6.70
CAJ Y01 K . 19.08 9.39 -6.34
CAO Y01 K . 18.96 10.38 -7.53
CBB Y01 K . 17.61 11.13 -7.46
CAC Y01 K . 16.95 11.05 -8.84
CBE Y01 K . 17.87 12.57 -7.01
CAP Y01 K . 18.26 13.47 -8.09
CAQ Y01 K . 17.92 14.87 -7.54
CBG Y01 K . 16.97 14.59 -6.25
CBI Y01 K . 16.59 13.26 -6.37
CAE Y01 K . 16.21 12.65 -5.01
CAU Y01 K . 15.44 13.06 -7.49
CAS Y01 K . 14.26 14.06 -7.37
CBF Y01 K . 14.74 15.45 -7.22
CBD Y01 K . 15.66 15.58 -6.05
CAK Y01 K . 16.07 17.04 -5.76
CAI Y01 K . 14.76 17.97 -5.44
CAZ Y01 K . 13.66 17.92 -6.53
CAV Y01 K . 12.24 18.45 -6.07
CBH Y01 K . 13.48 16.53 -7.18
CAD Y01 K . 14.30 17.12 -8.33
CAT Y01 K . 12.27 16.40 -8.21
CAR Y01 K . 11.51 17.68 -8.46
CBC Y01 K . 11.24 18.60 -7.20
OAW Y01 K . 11.26 19.93 -7.61
CAY Y01 K . 9.98 20.44 -8.01
OAG Y01 K . 9.93 21.36 -8.76
CAM Y01 K . 8.67 19.82 -7.47
CAL Y01 K . 7.54 20.87 -7.58
CAX Y01 K . 6.19 20.24 -7.22
OAH Y01 K . 5.90 20.02 -6.01
OAF Y01 K . 5.39 19.93 -8.14
CAA Y01 L . 28.64 4.45 -17.69
CBA Y01 L . 29.35 4.37 -16.34
CAB Y01 L . 28.51 5.08 -15.27
CAN Y01 L . 30.73 5.05 -16.44
CAJ Y01 L . 31.58 4.70 -15.21
CAO Y01 L . 32.16 6.00 -14.59
CBB Y01 L . 32.43 5.76 -13.08
CAC Y01 L . 32.26 7.09 -12.32
CBE Y01 L . 33.81 5.15 -12.91
CAP Y01 L . 34.89 6.14 -12.84
CAQ Y01 L . 35.96 5.51 -11.90
CBG Y01 L . 35.29 4.11 -11.40
CBI Y01 L . 33.92 4.29 -11.57
CAE Y01 L . 33.17 2.96 -11.66
CAU Y01 L . 33.32 5.25 -10.41
CAS Y01 L . 33.62 4.68 -9.02
CBF Y01 L . 35.07 4.42 -8.79
CBD Y01 L . 35.68 3.60 -9.89
CAK Y01 L . 37.23 3.50 -9.74
CAI Y01 L . 37.64 2.90 -8.28
CAZ Y01 L . 36.39 2.59 -7.42
CAV Y01 L . 36.75 2.00 -5.99
CBH Y01 L . 35.44 3.79 -7.31
CAD Y01 L . 34.19 3.22 -6.64
CAT Y01 L . 35.96 4.89 -6.28
CAR Y01 L . 36.35 4.31 -4.95
CBC Y01 L . 37.34 3.08 -5.10
OAW Y01 L . 38.53 3.51 -5.67
CAY Y01 L . 39.69 3.04 -4.98
OAG Y01 L . 39.73 1.90 -4.65
CAM Y01 L . 40.86 3.99 -4.67
CAL Y01 L . 41.30 3.81 -3.19
CAX Y01 L . 42.78 4.12 -3.01
OAH Y01 L . 43.17 4.86 -2.07
OAF Y01 L . 43.63 3.64 -3.81
CAA Y01 M . 24.17 -10.81 -12.19
CBA Y01 M . 25.13 -11.96 -11.84
CAB Y01 M . 24.78 -13.20 -12.69
CAN Y01 M . 26.58 -11.53 -12.13
CAJ Y01 M . 27.49 -11.99 -10.96
CAO Y01 M . 28.52 -13.03 -11.49
CBB Y01 M . 29.80 -12.30 -11.99
CAC Y01 M . 29.38 -11.18 -12.96
CBE Y01 M . 30.74 -13.32 -12.62
CAP Y01 M . 30.48 -13.58 -14.04
CAQ Y01 M . 31.84 -14.04 -14.60
CBG Y01 M . 32.92 -13.71 -13.44
CBI Y01 M . 32.26 -12.85 -12.56
CAE Y01 M . 32.83 -12.91 -11.15
CAU Y01 M . 32.22 -11.33 -13.14
CAS Y01 M . 33.62 -10.82 -13.54
CBF Y01 M . 34.31 -11.74 -14.45
CBD Y01 M . 34.40 -13.14 -13.90
CAK Y01 M . 35.08 -14.12 -14.89
CAI Y01 M . 36.54 -13.57 -15.38
CAZ Y01 M . 36.57 -12.08 -15.82
CAV Y01 M . 38.03 -11.55 -16.13
CBH Y01 M . 35.79 -11.15 -14.87
CAD Y01 M . 36.60 -11.12 -13.57
CAT Y01 M . 35.73 -9.64 -15.38
CAR Y01 M . 36.84 -9.27 -16.32
CBC Y01 M . 38.18 -10.05 -15.98
OAW Y01 M . 39.19 -9.60 -16.84
CAY Y01 M . 39.83 -8.40 -16.40
OAG Y01 M . 39.18 -7.45 -16.11
CAM Y01 M . 41.37 -8.35 -16.30
CAL Y01 M . 41.99 -9.22 -17.40
CAX Y01 M . 43.37 -8.67 -17.78
OAH Y01 M . 44.20 -9.40 -18.36
OAF Y01 M . 43.66 -7.48 -17.52
CAA Y01 N . 23.92 -15.45 -13.30
CBA Y01 N . 24.02 -15.86 -14.77
CAB Y01 N . 24.38 -14.62 -15.63
CAN Y01 N . 25.11 -16.94 -14.95
CAJ Y01 N . 26.50 -16.32 -14.65
CAO Y01 N . 27.04 -15.63 -15.93
CBB Y01 N . 28.56 -15.93 -16.07
CAC Y01 N . 29.06 -15.34 -17.40
CBE Y01 N . 28.78 -17.43 -15.96
CAP Y01 N . 28.64 -18.15 -17.23
CAQ Y01 N . 29.53 -19.40 -17.08
CBG Y01 N . 30.38 -19.15 -15.72
CBI Y01 N . 30.25 -17.80 -15.45
CAE Y01 N . 30.43 -17.46 -13.97
CAU Y01 N . 31.22 -16.91 -16.41
CAS Y01 N . 32.68 -17.36 -16.29
CBF Y01 N . 32.86 -18.81 -16.53
CBD Y01 N . 31.95 -19.66 -15.70
CAK Y01 N . 32.03 -21.17 -16.08
CAI Y01 N . 33.44 -21.56 -16.78
CAZ Y01 N . 34.65 -20.75 -16.25
CAV Y01 N . 36.06 -21.24 -16.76
CBH Y01 N . 34.44 -19.23 -16.39
CAD Y01 N . 34.92 -18.64 -15.06
CAT Y01 N . 35.37 -18.57 -17.51
CAR Y01 N . 36.84 -18.83 -17.28
CBC Y01 N . 37.14 -20.19 -16.54
OAW Y01 N . 38.36 -20.69 -17.00
CAY Y01 N . 39.35 -20.78 -15.98
OAG Y01 N . 40.47 -20.45 -16.23
CAM Y01 N . 38.99 -21.30 -14.58
CAL Y01 N . 40.24 -21.91 -13.92
CAX Y01 N . 39.81 -22.89 -12.82
OAH Y01 N . 38.59 -23.00 -12.52
OAF Y01 N . 40.67 -23.60 -12.23
O12 PC1 O . -1.58 -11.77 -16.99
P PC1 O . -0.28 -11.86 -17.64
O14 PC1 O . 0.48 -10.85 -16.90
O13 PC1 O . -0.38 -11.48 -19.24
C11 PC1 O . -0.27 -12.50 -20.18
C12 PC1 O . 1.11 -13.16 -20.06
N PC1 O . 1.13 -14.43 -20.78
C13 PC1 O . 0.84 -14.21 -22.19
C14 PC1 O . 2.45 -15.02 -20.65
C15 PC1 O . 0.14 -15.33 -20.22
O11 PC1 O . 0.37 -13.36 -17.45
C1 PC1 O . 0.19 -14.03 -16.24
C2 PC1 O . 1.44 -13.87 -15.38
O21 PC1 O . 2.35 -14.89 -15.70
C21 PC1 O . 3.68 -14.47 -15.74
O22 PC1 O . 4.10 -13.76 -14.89
C22 PC1 O . 4.60 -14.93 -16.87
C23 PC1 O . 6.04 -14.94 -16.38
C24 PC1 O . 6.99 -14.70 -17.56
C25 PC1 O . 8.43 -14.71 -17.07
C26 PC1 O . 8.81 -13.33 -16.57
C27 PC1 O . 10.30 -13.08 -16.83
C28 PC1 O . 11.11 -13.68 -15.69
C29 PC1 O . 12.60 -13.53 -15.98
C2A PC1 O . 13.41 -13.90 -14.74
C2B PC1 O . 14.70 -14.62 -15.17
C2C PC1 O . 15.85 -13.62 -15.19
C2D PC1 O . 17.11 -14.28 -14.63
C2E PC1 O . 16.80 -14.88 -13.25
C2F PC1 O . 18.10 -15.06 -12.47
C2G PC1 O . 19.07 -15.89 -13.31
C2H PC1 O . 20.48 -15.31 -13.16
C2I PC1 O . 21.42 -16.39 -12.64
C3 PC1 O . 1.05 -14.00 -13.90
O31 PC1 O . 2.22 -14.12 -13.12
C31 PC1 O . 2.01 -14.79 -11.92
O32 PC1 O . 1.09 -14.51 -11.23
C32 PC1 O . 3.00 -15.87 -11.47
C33 PC1 O . 4.23 -15.21 -10.85
C34 PC1 O . 5.47 -15.61 -11.65
C35 PC1 O . 6.68 -15.61 -10.72
C36 PC1 O . 7.95 -15.38 -11.54
C37 PC1 O . 9.17 -15.48 -10.63
C38 PC1 O . 10.15 -16.51 -11.18
C39 PC1 O . 11.44 -15.82 -11.58
C3A PC1 O . 12.55 -16.22 -10.62
C3B PC1 O . 13.50 -17.20 -11.30
C3C PC1 O . 14.93 -16.68 -11.22
C3D PC1 O . 15.76 -17.62 -10.35
C3E PC1 O . 16.95 -18.12 -11.16
C3F PC1 O . 16.81 -19.63 -11.38
C3G PC1 O . 17.05 -20.36 -10.05
C3H PC1 O . 17.65 -21.73 -10.32
C3I PC1 O . 17.32 -22.66 -9.16
CAA Y01 P . 24.46 -9.98 -17.70
CBA Y01 P . 25.78 -10.76 -17.85
CAB Y01 P . 26.27 -11.20 -16.45
CAN Y01 P . 26.84 -9.85 -18.50
CAJ Y01 P . 28.21 -10.58 -18.47
CAO Y01 P . 29.25 -9.68 -17.73
CBB Y01 P . 30.68 -10.19 -18.05
CAC Y01 P . 31.03 -9.80 -19.49
CBE Y01 P . 30.75 -11.69 -17.79
CAP Y01 P . 30.34 -12.51 -18.94
CAQ Y01 P . 31.10 -13.84 -18.75
CBG Y01 P . 32.17 -13.56 -17.56
CBI Y01 P . 32.23 -12.17 -17.45
CAE Y01 P . 32.68 -11.72 -16.05
CAU Y01 P . 33.13 -11.52 -18.62
CAS Y01 P . 34.55 -12.14 -18.65
CBF Y01 P . 34.52 -13.62 -18.74
CBD Y01 P . 33.66 -14.26 -17.69
CAK Y01 P . 33.50 -15.80 -17.90
CAI Y01 P . 34.75 -16.44 -18.73
CAZ Y01 P . 36.10 -15.73 -18.44
CAV Y01 P . 37.37 -16.44 -19.07
CBH Y01 P . 36.06 -14.22 -18.76
CAD Y01 P . 36.78 -13.55 -17.59
CAT Y01 P . 36.88 -13.82 -20.07
CAR Y01 P . 38.32 -14.23 -20.00
CBC Y01 P . 38.57 -15.52 -19.12
OAW Y01 P . 39.66 -16.22 -19.65
CAY Y01 P . 40.66 -16.55 -18.68
OAG Y01 P . 41.66 -15.92 -18.62
CAM Y01 P . 40.42 -17.73 -17.71
CAL Y01 P . 41.24 -18.96 -18.21
CAX Y01 P . 42.73 -18.62 -18.21
OAH Y01 P . 43.45 -18.94 -17.23
OAF Y01 P . 43.23 -18.01 -19.18
O12 PC1 Q . 6.30 0.61 -33.32
P PC1 Q . 6.38 -0.57 -34.18
O14 PC1 Q . 5.79 -0.06 -35.42
O13 PC1 Q . 5.50 -1.82 -33.57
C11 PC1 Q . 5.01 -2.79 -34.46
C12 PC1 Q . 3.48 -2.82 -34.41
N PC1 Q . 2.93 -2.79 -35.75
C13 PC1 Q . 1.48 -2.83 -35.67
C14 PC1 Q . 3.34 -1.58 -36.43
C15 PC1 Q . 3.39 -3.95 -36.50
O11 PC1 Q . 7.94 -1.04 -34.41
C1 PC1 Q . 8.82 -0.14 -35.02
C2 PC1 Q . 9.53 0.69 -33.94
O21 PC1 Q . 9.72 -0.08 -32.79
C21 PC1 Q . 10.50 -1.24 -32.95
O22 PC1 Q . 10.16 -2.08 -33.71
C22 PC1 Q . 11.77 -1.44 -32.14
C23 PC1 Q . 11.89 -2.90 -31.75
C24 PC1 Q . 13.34 -3.23 -31.40
C25 PC1 Q . 13.56 -3.07 -29.90
C26 PC1 Q . 14.86 -2.31 -29.66
C27 PC1 Q . 16.00 -3.00 -30.39
C28 PC1 Q . 17.19 -3.17 -29.45
C29 PC1 Q . 17.57 -1.82 -28.86
C2A PC1 Q . 17.16 -1.77 -27.39
C2B PC1 Q . 18.41 -1.67 -26.52
C2C PC1 Q . 18.08 -0.87 -25.26
C2D PC1 Q . 19.37 -0.27 -24.70
C2E PC1 Q . 19.46 -0.56 -23.21
C2F PC1 Q . 20.89 -0.32 -22.72
C2G PC1 Q . 20.85 0.36 -21.36
C2H PC1 Q . 21.84 -0.34 -20.43
C2I PC1 Q . 21.34 -0.24 -18.99
C3 PC1 Q . 8.66 1.90 -33.62
O31 PC1 Q . 8.77 2.22 -32.27
C31 PC1 Q . 10.06 2.58 -31.87
O32 PC1 Q . 10.71 3.31 -32.54
C32 PC1 Q . 10.65 2.02 -30.59
C33 PC1 Q . 12.04 1.48 -30.86
C34 PC1 Q . 13.05 2.18 -29.95
C35 PC1 Q . 13.27 1.34 -28.70
C36 PC1 Q . 14.45 1.89 -27.92
C37 PC1 Q . 14.38 1.39 -26.48
C38 PC1 Q . 14.70 2.54 -25.53
C39 PC1 Q . 14.56 2.07 -24.09
C3A PC1 Q . 15.94 2.00 -23.44
C3B PC1 Q . 16.68 3.32 -23.62
C3C PC1 Q . 17.52 3.61 -22.39
C3D PC1 Q . 18.92 4.05 -22.81
C3E PC1 Q . 19.75 4.29 -21.54
C3F PC1 Q . 20.75 5.41 -21.80
C3G PC1 Q . 21.62 5.59 -20.56
C3H PC1 Q . 22.34 4.28 -20.26
C3I PC1 Q . 23.80 4.37 -20.73
C1 NAG R . 64.12 -38.40 27.31
C2 NAG R . 63.39 -38.38 28.66
C3 NAG R . 63.97 -37.31 29.57
C4 NAG R . 65.46 -37.49 29.73
C5 NAG R . 66.12 -37.46 28.35
C6 NAG R . 67.61 -37.69 28.39
C7 NAG R . 61.06 -39.16 28.54
C8 NAG R . 59.64 -38.77 28.33
N2 NAG R . 61.96 -38.17 28.46
O3 NAG R . 63.34 -37.38 30.85
O4 NAG R . 66.01 -36.48 30.55
O5 NAG R . 65.56 -38.50 27.54
O6 NAG R . 68.33 -36.47 28.44
O7 NAG R . 61.40 -40.32 28.76
CAA Y01 S . 22.46 10.78 -3.39
CBA Y01 S . 22.34 11.27 -1.95
CAB Y01 S . 23.73 11.32 -1.30
CAN Y01 S . 21.43 10.30 -1.14
CAJ Y01 S . 20.36 11.13 -0.38
CAO Y01 S . 20.02 10.48 0.98
CBB Y01 S . 21.26 9.86 1.68
CAC Y01 S . 20.94 9.61 3.15
CBE Y01 S . 22.51 10.73 1.47
CAP Y01 S . 22.73 11.74 2.51
CAQ Y01 S . 24.27 11.94 2.51
CBG Y01 S . 24.86 10.78 1.55
CBI Y01 S . 23.82 9.85 1.47
CAE Y01 S . 23.93 8.93 0.25
CAU Y01 S . 23.72 9.00 2.86
CAS Y01 S . 25.04 8.31 3.18
CBF Y01 S . 26.18 9.26 3.22
CBD Y01 S . 26.29 10.06 1.96
CAK Y01 S . 27.44 11.10 2.04
CAI Y01 S . 28.85 10.43 2.52
CAZ Y01 S . 28.74 9.46 3.72
CAV Y01 S . 30.09 8.70 4.04
CBH Y01 S . 27.57 8.48 3.55
CAD Y01 S . 27.89 7.69 2.28
CAT Y01 S . 27.41 7.41 4.73
CAR Y01 S . 28.57 7.40 5.68
CBC Y01 S . 29.95 7.49 4.93
OAW Y01 S . 30.95 7.51 5.92
CAY Y01 S . 32.28 7.51 5.42
OAG Y01 S . 32.67 8.42 4.79
CAM Y01 S . 33.21 6.32 5.74
CAL Y01 S . 34.28 6.76 6.77
CAX Y01 S . 33.58 7.42 7.97
OAH Y01 S . 34.26 8.11 8.78
OAF Y01 S . 32.35 7.28 8.12
#